data_5COB
#
_entry.id   5COB
#
_cell.length_a   65.988
_cell.length_b   171.914
_cell.length_c   66.032
_cell.angle_alpha   90.00
_cell.angle_beta   89.72
_cell.angle_gamma   90.00
#
_symmetry.space_group_name_H-M   'P 1 21 1'
#
loop_
_entity.id
_entity.type
_entity.pdbx_description
1 polymer 'Iridoid synthase'
2 non-polymer 'NADP NICOTINAMIDE-ADENINE-DINUCLEOTIDE PHOSPHATE'
3 non-polymer (2E,6E)-2,6-dimethylocta-2,6-dienedial
4 non-polymer 'TETRAETHYLENE GLYCOL'
5 water water
#
_entity_poly.entity_id   1
_entity_poly.type   'polypeptide(L)'
_entity_poly.pdbx_seq_one_letter_code
;MAKSYKSVALVVGVTGIVGSSLAEVLKLPDTPGGPWKVYGVARRPCPVWLAKKPVEYIQCDVSDNQETISKLSPLKDITH
IFYVSWIGSEDCQTNATMFKNILNSVIPNASNLQHVCLQTGIKHYFGIFEEGSKVVPHDSPFTEDLPRLNVPNFYHDLED
ILYEETGKNNLTWSVHRPALVFGFSPCSMMNIVSTLCVYATICKHENKALVYPGSKNSWNCYADAVDADLVAEHEIWAAV
DPKAKNQVLNCNNGDVFKWKHIWKKLAEEFGIEMVGYVEGKEQVSLAELMKDKDQVWDEIVKKNNLVPTKLKEIAAFWFA
DIAFCSENLISSMNKSKELGFLGFRNSMKSFVSCIDKMRDYRFIP
;
_entity_poly.pdbx_strand_id   A,B,C,D
#
loop_
_chem_comp.id
_chem_comp.type
_chem_comp.name
_chem_comp.formula
NAP non-polymer 'NADP NICOTINAMIDE-ADENINE-DINUCLEOTIDE PHOSPHATE' 'C21 H28 N7 O17 P3'
PG4 non-polymer 'TETRAETHYLENE GLYCOL' 'C8 H18 O5'
XOG non-polymer (2E,6E)-2,6-dimethylocta-2,6-dienedial 'C10 H14 O2'
#
# COMPACT_ATOMS: atom_id res chain seq x y z
N MET A 1 16.59 -39.07 7.84
CA MET A 1 17.89 -39.02 8.51
C MET A 1 18.12 -40.33 9.28
N ALA A 2 18.10 -40.25 10.60
CA ALA A 2 18.25 -41.43 11.45
C ALA A 2 16.94 -42.20 11.48
N LYS A 3 17.01 -43.52 11.31
CA LYS A 3 15.82 -44.36 11.15
C LYS A 3 14.89 -43.72 10.11
N SER A 4 14.06 -42.81 10.59
CA SER A 4 13.31 -41.90 9.72
C SER A 4 12.89 -40.67 10.51
N TYR A 5 13.86 -40.10 11.23
CA TYR A 5 13.68 -38.86 11.95
C TYR A 5 14.07 -37.69 11.06
N LYS A 6 13.53 -36.51 11.34
CA LYS A 6 13.85 -35.31 10.58
C LYS A 6 15.01 -34.58 11.24
N SER A 7 15.08 -34.70 12.56
CA SER A 7 16.11 -34.01 13.34
C SER A 7 16.51 -34.84 14.56
N VAL A 8 17.79 -34.77 14.92
CA VAL A 8 18.30 -35.51 16.06
C VAL A 8 18.90 -34.58 17.09
N ALA A 9 18.26 -34.48 18.25
CA ALA A 9 18.68 -33.55 19.30
C ALA A 9 19.62 -34.18 20.31
N LEU A 10 20.58 -33.39 20.77
CA LEU A 10 21.46 -33.80 21.87
C LEU A 10 21.26 -32.86 23.05
N VAL A 11 20.40 -33.27 23.98
CA VAL A 11 20.12 -32.47 25.17
C VAL A 11 21.15 -32.74 26.25
N VAL A 12 22.03 -31.78 26.47
CA VAL A 12 23.06 -31.91 27.50
C VAL A 12 22.57 -31.30 28.80
N GLY A 13 22.23 -32.16 29.75
CA GLY A 13 21.61 -31.74 31.00
C GLY A 13 20.14 -32.13 30.98
N VAL A 14 19.88 -33.36 30.54
CA VAL A 14 18.52 -33.81 30.30
C VAL A 14 17.73 -33.99 31.60
N THR A 15 18.43 -34.11 32.73
CA THR A 15 17.76 -34.26 34.00
C THR A 15 17.49 -32.89 34.62
N GLY A 16 17.91 -31.85 33.90
CA GLY A 16 17.78 -30.49 34.38
C GLY A 16 16.37 -29.93 34.33
N ILE A 17 16.21 -28.72 34.85
CA ILE A 17 14.90 -28.10 34.91
C ILE A 17 14.38 -27.74 33.53
N VAL A 18 15.29 -27.52 32.58
CA VAL A 18 14.91 -27.23 31.20
C VAL A 18 15.10 -28.48 30.34
N GLY A 19 16.18 -29.20 30.59
CA GLY A 19 16.48 -30.42 29.85
C GLY A 19 15.36 -31.45 29.92
N SER A 20 14.69 -31.51 31.06
CA SER A 20 13.56 -32.42 31.23
C SER A 20 12.37 -32.02 30.35
N SER A 21 12.18 -30.72 30.19
CA SER A 21 11.11 -30.20 29.34
C SER A 21 11.37 -30.52 27.87
N LEU A 22 12.62 -30.35 27.45
CA LEU A 22 13.03 -30.71 26.11
C LEU A 22 12.82 -32.20 25.88
N ALA A 23 12.98 -32.99 26.93
CA ALA A 23 12.82 -34.44 26.84
C ALA A 23 11.36 -34.82 26.61
N GLU A 24 10.47 -33.86 26.83
CA GLU A 24 9.05 -34.09 26.61
C GLU A 24 8.55 -33.36 25.37
N VAL A 25 8.90 -32.08 25.26
CA VAL A 25 8.42 -31.24 24.16
C VAL A 25 8.93 -31.72 22.80
N LEU A 26 10.20 -32.10 22.73
CA LEU A 26 10.80 -32.58 21.49
C LEU A 26 10.09 -33.80 20.93
N LYS A 27 9.58 -34.65 21.82
CA LYS A 27 8.99 -35.91 21.42
C LYS A 27 7.54 -35.78 20.96
N LEU A 28 7.01 -34.56 21.02
CA LEU A 28 5.64 -34.30 20.58
C LEU A 28 5.60 -34.26 19.06
N PRO A 29 4.48 -34.72 18.47
CA PRO A 29 4.33 -34.71 17.01
C PRO A 29 4.10 -33.30 16.47
N ASP A 30 3.65 -32.39 17.33
CA ASP A 30 3.40 -31.01 16.90
C ASP A 30 4.67 -30.19 16.88
N THR A 31 5.68 -30.64 17.62
CA THR A 31 6.93 -29.90 17.76
C THR A 31 7.64 -29.72 16.41
N PRO A 32 7.96 -28.47 16.06
CA PRO A 32 8.63 -28.13 14.79
C PRO A 32 9.96 -28.85 14.66
N GLY A 33 10.30 -29.24 13.43
CA GLY A 33 11.54 -29.97 13.17
C GLY A 33 11.34 -31.46 13.41
N GLY A 34 10.13 -31.83 13.81
CA GLY A 34 9.80 -33.21 14.09
C GLY A 34 9.74 -34.05 12.82
N PRO A 35 9.78 -35.39 12.97
CA PRO A 35 9.89 -36.11 14.25
C PRO A 35 11.31 -36.06 14.82
N TRP A 36 11.41 -35.88 16.14
CA TRP A 36 12.70 -35.70 16.78
C TRP A 36 13.25 -36.98 17.42
N LYS A 37 14.52 -37.27 17.17
CA LYS A 37 15.24 -38.27 17.93
C LYS A 37 16.02 -37.51 19.00
N VAL A 38 15.94 -37.97 20.23
CA VAL A 38 16.54 -37.26 21.35
C VAL A 38 17.57 -38.08 22.12
N TYR A 39 18.81 -37.58 22.15
CA TYR A 39 19.81 -38.09 23.06
C TYR A 39 19.79 -37.23 24.31
N GLY A 40 19.83 -37.84 25.48
CA GLY A 40 19.82 -37.11 26.73
C GLY A 40 21.04 -37.40 27.57
N VAL A 41 21.82 -36.37 27.86
CA VAL A 41 23.07 -36.55 28.61
C VAL A 41 23.03 -35.95 30.00
N ALA A 42 23.35 -36.77 31.00
CA ALA A 42 23.47 -36.32 32.37
C ALA A 42 24.58 -37.11 33.06
N ARG A 43 25.05 -36.63 34.20
CA ARG A 43 26.15 -37.28 34.90
C ARG A 43 25.66 -38.46 35.71
N ARG A 44 24.52 -38.27 36.38
CA ARG A 44 23.94 -39.32 37.21
C ARG A 44 23.43 -40.45 36.34
N PRO A 45 23.27 -41.65 36.93
CA PRO A 45 22.61 -42.73 36.19
C PRO A 45 21.13 -42.41 36.03
N CYS A 46 20.55 -42.85 34.91
CA CYS A 46 19.17 -42.52 34.57
C CYS A 46 18.16 -42.87 35.66
N PRO A 47 17.43 -41.86 36.15
CA PRO A 47 16.39 -42.06 37.17
C PRO A 47 15.19 -42.78 36.60
N VAL A 48 14.29 -43.25 37.47
CA VAL A 48 13.16 -44.06 37.07
C VAL A 48 12.24 -43.31 36.11
N TRP A 49 11.98 -42.04 36.41
CA TRP A 49 11.05 -41.25 35.63
C TRP A 49 11.53 -40.94 34.21
N LEU A 50 12.84 -40.84 34.03
CA LEU A 50 13.39 -40.59 32.70
C LEU A 50 13.52 -41.87 31.89
N ALA A 51 13.41 -43.01 32.58
CA ALA A 51 13.45 -44.30 31.91
C ALA A 51 12.12 -44.52 31.19
N LYS A 52 11.08 -43.85 31.66
CA LYS A 52 9.77 -43.93 31.04
C LYS A 52 9.65 -42.96 29.86
N LYS A 53 10.75 -42.27 29.54
CA LYS A 53 10.77 -41.35 28.41
C LYS A 53 11.41 -41.98 27.18
N PRO A 54 10.82 -41.77 26.00
CA PRO A 54 11.42 -42.23 24.73
C PRO A 54 12.66 -41.40 24.37
N VAL A 55 13.69 -41.52 25.19
CA VAL A 55 14.93 -40.77 25.01
C VAL A 55 16.14 -41.68 25.22
N GLU A 56 17.01 -41.76 24.22
CA GLU A 56 18.26 -42.48 24.39
C GLU A 56 19.11 -41.79 25.44
N TYR A 57 19.08 -42.33 26.66
CA TYR A 57 19.83 -41.74 27.77
C TYR A 57 21.31 -42.05 27.68
N ILE A 58 22.13 -41.07 28.01
CA ILE A 58 23.58 -41.25 28.00
C ILE A 58 24.20 -40.76 29.31
N GLN A 59 24.78 -41.68 30.07
CA GLN A 59 25.43 -41.32 31.31
C GLN A 59 26.88 -40.95 31.06
N CYS A 60 27.19 -39.67 31.15
CA CYS A 60 28.53 -39.19 30.87
C CYS A 60 28.91 -37.99 31.72
N ASP A 61 30.14 -38.01 32.23
CA ASP A 61 30.68 -36.84 32.91
C ASP A 61 31.34 -35.95 31.87
N VAL A 62 30.63 -34.90 31.47
CA VAL A 62 31.07 -34.03 30.38
C VAL A 62 32.34 -33.25 30.75
N SER A 63 32.60 -33.11 32.04
CA SER A 63 33.85 -32.51 32.50
C SER A 63 35.03 -33.41 32.15
N ASP A 64 34.74 -34.70 31.97
CA ASP A 64 35.74 -35.68 31.55
C ASP A 64 35.75 -35.75 30.02
N ASN A 65 36.84 -35.29 29.42
CA ASN A 65 36.95 -35.20 27.96
C ASN A 65 36.99 -36.57 27.28
N GLN A 66 37.85 -37.45 27.76
CA GLN A 66 38.00 -38.78 27.18
C GLN A 66 36.71 -39.59 27.24
N GLU A 67 35.96 -39.42 28.31
CA GLU A 67 34.69 -40.11 28.47
C GLU A 67 33.67 -39.53 27.49
N THR A 68 33.76 -38.23 27.27
CA THR A 68 32.81 -37.54 26.40
C THR A 68 33.03 -37.96 24.95
N ILE A 69 34.29 -38.01 24.54
CA ILE A 69 34.63 -38.46 23.19
C ILE A 69 34.21 -39.90 22.98
N SER A 70 34.34 -40.73 24.00
CA SER A 70 34.05 -42.15 23.89
C SER A 70 32.55 -42.42 23.69
N LYS A 71 31.72 -41.56 24.25
CA LYS A 71 30.28 -41.81 24.28
C LYS A 71 29.49 -41.01 23.26
N LEU A 72 30.07 -39.92 22.76
CA LEU A 72 29.33 -39.02 21.86
C LEU A 72 29.79 -39.09 20.41
N SER A 73 31.07 -39.37 20.20
CA SER A 73 31.61 -39.52 18.85
C SER A 73 30.93 -40.60 17.98
N PRO A 74 30.40 -41.68 18.59
CA PRO A 74 29.65 -42.61 17.73
C PRO A 74 28.35 -42.02 17.20
N LEU A 75 27.83 -40.99 17.86
CA LEU A 75 26.56 -40.38 17.47
C LEU A 75 26.71 -39.54 16.21
N LYS A 76 26.67 -40.20 15.05
CA LYS A 76 26.92 -39.55 13.77
C LYS A 76 25.73 -38.74 13.28
N ASP A 77 24.56 -38.95 13.88
CA ASP A 77 23.32 -38.43 13.31
C ASP A 77 22.81 -37.14 13.94
N ILE A 78 23.54 -36.60 14.92
CA ILE A 78 23.10 -35.41 15.64
C ILE A 78 22.95 -34.18 14.73
N THR A 79 21.83 -33.49 14.85
CA THR A 79 21.57 -32.31 14.04
C THR A 79 21.54 -31.01 14.85
N HIS A 80 21.00 -31.08 16.05
CA HIS A 80 20.91 -29.91 16.92
C HIS A 80 21.37 -30.22 18.34
N ILE A 81 22.24 -29.35 18.87
CA ILE A 81 22.73 -29.48 20.23
C ILE A 81 22.06 -28.47 21.14
N PHE A 82 21.49 -28.96 22.25
CA PHE A 82 20.88 -28.09 23.24
C PHE A 82 21.66 -28.13 24.54
N TYR A 83 22.69 -27.30 24.66
CA TYR A 83 23.48 -27.25 25.88
C TYR A 83 22.70 -26.53 26.97
N VAL A 84 22.10 -27.30 27.87
CA VAL A 84 21.28 -26.75 28.92
C VAL A 84 21.78 -27.21 30.29
N SER A 85 23.07 -27.02 30.54
CA SER A 85 23.66 -27.50 31.78
C SER A 85 24.79 -26.61 32.29
N TRP A 86 25.22 -26.86 33.52
CA TRP A 86 26.37 -26.19 34.11
C TRP A 86 26.93 -27.05 35.24
N ILE A 87 28.19 -26.82 35.59
CA ILE A 87 28.90 -27.67 36.54
C ILE A 87 28.30 -27.66 37.95
N GLY A 88 27.58 -26.59 38.28
CA GLY A 88 27.00 -26.46 39.60
C GLY A 88 27.69 -25.38 40.42
N SER A 89 28.79 -24.88 39.88
CA SER A 89 29.49 -23.75 40.49
C SER A 89 29.75 -22.70 39.43
N GLU A 90 30.13 -21.50 39.86
CA GLU A 90 30.38 -20.40 38.92
C GLU A 90 31.81 -20.45 38.39
N ASP A 91 32.46 -21.59 38.54
CA ASP A 91 33.80 -21.81 38.01
C ASP A 91 33.77 -21.71 36.49
N CYS A 92 34.43 -20.70 35.95
CA CYS A 92 34.39 -20.41 34.52
C CYS A 92 35.04 -21.50 33.68
N GLN A 93 36.21 -21.95 34.09
CA GLN A 93 36.98 -22.90 33.29
C GLN A 93 36.41 -24.32 33.31
N THR A 94 35.81 -24.72 34.42
CA THR A 94 35.23 -26.05 34.51
C THR A 94 33.92 -26.10 33.70
N ASN A 95 33.20 -24.99 33.68
CA ASN A 95 31.99 -24.91 32.87
C ASN A 95 32.34 -24.89 31.38
N ALA A 96 33.39 -24.16 31.04
CA ALA A 96 33.85 -24.06 29.67
C ALA A 96 34.33 -25.41 29.16
N THR A 97 35.01 -26.13 30.04
CA THR A 97 35.53 -27.45 29.71
C THR A 97 34.40 -28.36 29.23
N MET A 98 33.29 -28.36 29.96
CA MET A 98 32.11 -29.14 29.60
C MET A 98 31.62 -28.79 28.20
N PHE A 99 31.40 -27.50 27.98
CA PHE A 99 30.90 -27.02 26.70
C PHE A 99 31.89 -27.33 25.57
N LYS A 100 33.18 -27.13 25.84
CA LYS A 100 34.21 -27.46 24.86
C LYS A 100 34.16 -28.93 24.50
N ASN A 101 34.09 -29.79 25.51
CA ASN A 101 34.11 -31.23 25.32
C ASN A 101 32.92 -31.75 24.52
N ILE A 102 31.79 -31.06 24.62
CA ILE A 102 30.63 -31.41 23.81
C ILE A 102 30.93 -31.14 22.35
N LEU A 103 31.43 -29.94 22.06
CA LEU A 103 31.73 -29.55 20.69
C LEU A 103 32.91 -30.34 20.14
N ASN A 104 33.89 -30.62 20.99
CA ASN A 104 35.06 -31.38 20.59
C ASN A 104 34.71 -32.83 20.23
N SER A 105 33.60 -33.31 20.77
CA SER A 105 33.22 -34.71 20.59
C SER A 105 32.23 -34.90 19.46
N VAL A 106 31.41 -33.89 19.19
CA VAL A 106 30.32 -34.04 18.23
C VAL A 106 30.63 -33.46 16.85
N ILE A 107 31.14 -32.24 16.82
CA ILE A 107 31.39 -31.53 15.57
C ILE A 107 32.14 -32.33 14.49
N PRO A 108 33.25 -33.00 14.86
CA PRO A 108 33.93 -33.75 13.80
C PRO A 108 33.14 -34.98 13.34
N ASN A 109 32.33 -35.55 14.22
CA ASN A 109 31.65 -36.82 13.94
C ASN A 109 30.26 -36.66 13.36
N ALA A 110 29.53 -35.64 13.81
CA ALA A 110 28.19 -35.38 13.30
C ALA A 110 28.26 -34.71 11.94
N SER A 111 28.06 -35.49 10.89
CA SER A 111 28.21 -35.01 9.52
C SER A 111 27.10 -34.06 9.08
N ASN A 112 25.99 -34.04 9.83
CA ASN A 112 24.87 -33.16 9.47
C ASN A 112 24.44 -32.24 10.60
N LEU A 113 25.40 -31.82 11.41
CA LEU A 113 25.12 -30.86 12.49
C LEU A 113 24.80 -29.49 11.89
N GLN A 114 23.78 -28.83 12.44
CA GLN A 114 23.34 -27.55 11.90
C GLN A 114 23.38 -26.43 12.92
N HIS A 115 22.87 -26.71 14.12
CA HIS A 115 22.66 -25.66 15.10
C HIS A 115 23.12 -26.06 16.50
N VAL A 116 23.57 -25.07 17.26
CA VAL A 116 23.92 -25.26 18.67
C VAL A 116 23.24 -24.20 19.52
N CYS A 117 22.31 -24.63 20.37
CA CYS A 117 21.65 -23.73 21.32
C CYS A 117 22.42 -23.69 22.64
N LEU A 118 22.76 -22.50 23.08
CA LEU A 118 23.43 -22.33 24.36
C LEU A 118 22.53 -21.57 25.32
N GLN A 119 22.15 -22.23 26.41
CA GLN A 119 21.32 -21.61 27.42
C GLN A 119 22.16 -21.00 28.54
N THR A 120 21.99 -19.71 28.76
CA THR A 120 22.61 -19.03 29.88
C THR A 120 21.50 -18.48 30.78
N GLY A 121 21.52 -17.18 31.02
CA GLY A 121 20.48 -16.60 31.85
C GLY A 121 20.59 -15.09 32.01
N ILE A 122 19.69 -14.52 32.80
CA ILE A 122 19.65 -13.07 32.99
C ILE A 122 20.82 -12.56 33.84
N LYS A 123 21.56 -13.49 34.44
CA LYS A 123 22.72 -13.13 35.25
C LYS A 123 23.81 -12.48 34.39
N HIS A 124 23.65 -12.61 33.08
CA HIS A 124 24.55 -11.97 32.13
C HIS A 124 24.41 -10.44 32.20
N TYR A 125 23.44 -9.97 32.98
CA TYR A 125 23.17 -8.55 33.08
C TYR A 125 23.51 -7.93 34.44
N PHE A 126 23.84 -8.74 35.44
CA PHE A 126 24.06 -8.19 36.78
C PHE A 126 24.98 -9.01 37.70
N GLY A 127 25.80 -9.88 37.12
CA GLY A 127 26.68 -10.73 37.92
C GLY A 127 27.85 -10.00 38.57
N ILE A 128 27.91 -10.07 39.90
CA ILE A 128 28.99 -9.43 40.66
C ILE A 128 29.43 -10.28 41.85
N PHE A 129 30.75 -10.43 42.02
CA PHE A 129 31.29 -11.26 43.10
C PHE A 129 31.76 -10.45 44.31
N GLU A 130 32.94 -9.85 44.21
CA GLU A 130 33.54 -9.12 45.32
C GLU A 130 32.77 -7.84 45.64
N GLU A 131 31.56 -8.01 46.16
CA GLU A 131 30.67 -6.89 46.45
C GLU A 131 31.22 -6.01 47.57
N GLY A 132 31.15 -4.69 47.37
CA GLY A 132 31.55 -3.76 48.40
C GLY A 132 32.21 -2.50 47.86
N SER A 133 32.20 -2.33 46.55
CA SER A 133 32.83 -1.17 45.94
C SER A 133 32.23 -0.78 44.59
N LYS A 134 32.94 -1.10 43.52
CA LYS A 134 32.59 -0.60 42.20
C LYS A 134 32.00 -1.64 41.24
N VAL A 135 32.05 -1.32 39.95
CA VAL A 135 31.38 -2.09 38.90
C VAL A 135 29.86 -2.13 39.11
N VAL A 136 29.16 -1.22 38.43
CA VAL A 136 27.72 -1.12 38.56
C VAL A 136 26.99 -1.97 37.52
N PRO A 137 26.10 -2.85 37.98
CA PRO A 137 25.30 -3.72 37.10
C PRO A 137 24.36 -2.91 36.21
N HIS A 138 23.90 -3.53 35.13
CA HIS A 138 22.97 -2.89 34.21
C HIS A 138 21.63 -2.62 34.87
N ASP A 139 20.86 -1.72 34.29
CA ASP A 139 19.51 -1.44 34.77
C ASP A 139 18.51 -2.20 33.92
N SER A 140 17.33 -2.46 34.49
CA SER A 140 16.28 -3.19 33.79
C SER A 140 15.28 -2.21 33.17
N PRO A 141 14.44 -2.67 32.22
CA PRO A 141 14.30 -4.01 31.63
C PRO A 141 15.49 -4.39 30.76
N PHE A 142 16.11 -5.52 31.07
CA PHE A 142 17.31 -5.97 30.37
C PHE A 142 17.02 -6.29 28.91
N THR A 143 17.88 -5.78 28.04
CA THR A 143 17.79 -6.07 26.62
C THR A 143 19.06 -6.78 26.16
N GLU A 144 18.91 -7.64 25.15
CA GLU A 144 20.02 -8.47 24.68
C GLU A 144 21.22 -7.68 24.16
N ASP A 145 20.99 -6.44 23.74
CA ASP A 145 22.06 -5.62 23.18
C ASP A 145 22.97 -5.02 24.26
N LEU A 146 22.64 -5.28 25.53
CA LEU A 146 23.46 -4.78 26.63
C LEU A 146 24.82 -5.45 26.65
N PRO A 147 25.89 -4.65 26.80
CA PRO A 147 27.26 -5.16 26.80
C PRO A 147 27.59 -5.94 28.06
N ARG A 148 28.63 -6.75 28.00
CA ARG A 148 29.07 -7.55 29.14
C ARG A 148 29.64 -6.65 30.24
N LEU A 149 29.44 -7.07 31.48
CA LEU A 149 30.02 -6.36 32.62
C LEU A 149 31.44 -6.83 32.86
N ASN A 150 32.30 -5.93 33.33
CA ASN A 150 33.70 -6.26 33.54
C ASN A 150 33.90 -7.18 34.75
N VAL A 151 33.41 -8.40 34.62
CA VAL A 151 33.50 -9.40 35.69
C VAL A 151 33.66 -10.77 35.07
N PRO A 152 34.25 -11.72 35.82
CA PRO A 152 34.30 -13.10 35.33
C PRO A 152 32.93 -13.75 35.43
N ASN A 153 32.38 -14.13 34.29
CA ASN A 153 31.10 -14.82 34.22
C ASN A 153 31.23 -15.94 33.20
N PHE A 154 30.95 -17.17 33.61
CA PHE A 154 31.16 -18.31 32.70
C PHE A 154 30.25 -18.23 31.47
N TYR A 155 29.19 -17.43 31.56
CA TYR A 155 28.36 -17.14 30.40
C TYR A 155 29.20 -16.54 29.27
N HIS A 156 30.17 -15.71 29.64
CA HIS A 156 31.06 -15.10 28.67
C HIS A 156 31.86 -16.16 27.94
N ASP A 157 32.49 -17.05 28.72
CA ASP A 157 33.32 -18.10 28.18
C ASP A 157 32.52 -19.01 27.25
N LEU A 158 31.31 -19.36 27.67
CA LEU A 158 30.46 -20.24 26.88
C LEU A 158 30.11 -19.61 25.53
N GLU A 159 29.79 -18.32 25.54
CA GLU A 159 29.47 -17.61 24.31
C GLU A 159 30.69 -17.57 23.39
N ASP A 160 31.86 -17.30 23.97
CA ASP A 160 33.09 -17.23 23.21
C ASP A 160 33.36 -18.53 22.46
N ILE A 161 33.25 -19.65 23.17
CA ILE A 161 33.44 -20.96 22.56
C ILE A 161 32.38 -21.19 21.50
N LEU A 162 31.13 -20.82 21.81
CA LEU A 162 30.03 -21.00 20.90
C LEU A 162 30.25 -20.23 19.61
N TYR A 163 30.55 -18.94 19.73
CA TYR A 163 30.75 -18.08 18.58
C TYR A 163 31.88 -18.58 17.70
N GLU A 164 32.95 -19.09 18.33
CA GLU A 164 34.12 -19.52 17.59
C GLU A 164 33.94 -20.86 16.88
N GLU A 165 33.49 -21.87 17.63
CA GLU A 165 33.34 -23.21 17.08
C GLU A 165 32.24 -23.28 16.02
N THR A 166 31.19 -22.49 16.20
CA THR A 166 30.13 -22.41 15.21
C THR A 166 30.52 -21.48 14.06
N GLY A 167 31.72 -20.91 14.16
CA GLY A 167 32.26 -20.07 13.11
C GLY A 167 33.24 -20.83 12.25
N LYS A 168 34.09 -21.63 12.91
CA LYS A 168 35.07 -22.45 12.19
C LYS A 168 34.36 -23.47 11.31
N ASN A 169 33.15 -23.83 11.72
CA ASN A 169 32.32 -24.75 10.94
C ASN A 169 31.03 -24.04 10.56
N ASN A 170 30.44 -24.45 9.44
CA ASN A 170 29.25 -23.78 8.92
C ASN A 170 28.02 -24.00 9.79
N LEU A 171 28.11 -23.62 11.07
CA LEU A 171 27.05 -23.87 12.03
C LEU A 171 26.37 -22.59 12.49
N THR A 172 25.07 -22.68 12.74
CA THR A 172 24.33 -21.56 13.32
C THR A 172 24.37 -21.67 14.84
N TRP A 173 24.10 -20.55 15.51
CA TRP A 173 24.10 -20.53 16.97
C TRP A 173 22.92 -19.74 17.51
N SER A 174 22.68 -19.87 18.81
CA SER A 174 21.66 -19.08 19.49
C SER A 174 21.91 -19.10 20.99
N VAL A 175 21.97 -17.92 21.60
CA VAL A 175 22.16 -17.80 23.03
C VAL A 175 20.83 -17.48 23.69
N HIS A 176 20.44 -18.30 24.65
CA HIS A 176 19.18 -18.10 25.35
C HIS A 176 19.42 -17.69 26.81
N ARG A 177 18.81 -16.58 27.20
CA ARG A 177 18.95 -16.07 28.56
C ARG A 177 17.59 -16.06 29.26
N PRO A 178 17.18 -17.22 29.79
CA PRO A 178 15.88 -17.30 30.46
C PRO A 178 15.88 -16.52 31.76
N ALA A 179 14.69 -16.16 32.22
CA ALA A 179 14.53 -15.60 33.55
C ALA A 179 14.42 -16.76 34.54
N LEU A 180 13.89 -16.47 35.72
CA LEU A 180 13.66 -17.49 36.73
C LEU A 180 12.79 -18.61 36.15
N VAL A 181 13.31 -19.82 36.16
CA VAL A 181 12.63 -20.94 35.52
C VAL A 181 11.63 -21.64 36.44
N PHE A 182 10.37 -21.65 36.04
CA PHE A 182 9.35 -22.44 36.69
C PHE A 182 9.32 -23.81 36.04
N GLY A 183 9.78 -24.82 36.76
CA GLY A 183 9.88 -26.16 36.20
C GLY A 183 9.42 -27.24 37.16
N PHE A 184 9.74 -28.49 36.83
CA PHE A 184 9.25 -29.62 37.59
C PHE A 184 10.35 -30.62 37.98
N SER A 185 11.57 -30.39 37.49
CA SER A 185 12.67 -31.32 37.73
C SER A 185 13.04 -31.41 39.21
N PRO A 186 13.13 -32.65 39.73
CA PRO A 186 13.50 -32.91 41.12
C PRO A 186 15.01 -32.97 41.32
N CYS A 187 15.77 -33.03 40.23
CA CYS A 187 17.23 -33.07 40.34
C CYS A 187 17.90 -31.86 39.69
N SER A 188 17.30 -30.70 39.89
CA SER A 188 17.90 -29.45 39.47
C SER A 188 18.53 -28.78 40.68
N MET A 189 19.60 -28.02 40.46
CA MET A 189 20.26 -27.33 41.55
C MET A 189 19.57 -25.99 41.82
N MET A 190 18.65 -25.63 40.93
CA MET A 190 17.92 -24.37 41.06
C MET A 190 16.48 -24.51 40.55
N ASN A 191 15.62 -25.12 41.38
CA ASN A 191 14.22 -25.23 41.06
C ASN A 191 13.39 -24.51 42.12
N ILE A 192 13.02 -23.26 41.83
CA ILE A 192 12.34 -22.43 42.80
C ILE A 192 10.94 -22.95 43.17
N VAL A 193 10.25 -23.56 42.21
CA VAL A 193 8.91 -24.06 42.46
C VAL A 193 8.94 -25.31 43.34
N SER A 194 9.86 -26.21 43.05
CA SER A 194 10.01 -27.41 43.86
C SER A 194 10.46 -27.05 45.27
N THR A 195 11.36 -26.07 45.35
CA THR A 195 11.88 -25.62 46.64
C THR A 195 10.77 -25.08 47.53
N LEU A 196 9.96 -24.18 46.98
CA LEU A 196 8.87 -23.58 47.73
C LEU A 196 7.77 -24.58 48.02
N CYS A 197 7.59 -25.54 47.11
CA CYS A 197 6.61 -26.60 47.31
C CYS A 197 7.03 -27.53 48.44
N VAL A 198 8.33 -27.81 48.52
CA VAL A 198 8.86 -28.64 49.59
C VAL A 198 8.68 -27.96 50.94
N TYR A 199 9.02 -26.68 50.99
CA TYR A 199 8.84 -25.87 52.20
C TYR A 199 7.38 -25.85 52.60
N ALA A 200 6.50 -25.76 51.62
CA ALA A 200 5.06 -25.79 51.86
C ALA A 200 4.63 -27.15 52.40
N THR A 201 5.16 -28.21 51.81
CA THR A 201 4.81 -29.58 52.20
C THR A 201 5.21 -29.84 53.64
N ILE A 202 6.34 -29.27 54.05
CA ILE A 202 6.85 -29.47 55.40
C ILE A 202 6.09 -28.62 56.43
N CYS A 203 5.74 -27.40 56.06
CA CYS A 203 4.94 -26.54 56.92
C CYS A 203 3.60 -27.21 57.22
N LYS A 204 3.02 -27.84 56.20
CA LYS A 204 1.76 -28.53 56.36
C LYS A 204 1.92 -29.78 57.22
N HIS A 205 3.03 -30.49 57.00
CA HIS A 205 3.31 -31.73 57.72
C HIS A 205 3.47 -31.50 59.22
N GLU A 206 3.98 -30.32 59.59
CA GLU A 206 4.17 -30.00 61.00
C GLU A 206 3.03 -29.12 61.50
N ASN A 207 2.03 -28.93 60.65
CA ASN A 207 0.86 -28.10 60.95
C ASN A 207 1.24 -26.66 61.32
N LYS A 208 2.32 -26.16 60.74
CA LYS A 208 2.72 -24.77 60.93
C LYS A 208 2.28 -23.92 59.75
N ALA A 209 2.30 -22.61 59.94
CA ALA A 209 1.86 -21.68 58.90
C ALA A 209 2.92 -21.48 57.83
N LEU A 210 2.48 -21.25 56.60
CA LEU A 210 3.39 -20.93 55.50
C LEU A 210 3.90 -19.52 55.67
N VAL A 211 5.07 -19.39 56.29
CA VAL A 211 5.61 -18.08 56.64
C VAL A 211 6.59 -17.57 55.59
N TYR A 212 6.32 -16.38 55.07
CA TYR A 212 7.22 -15.75 54.11
C TYR A 212 8.48 -15.24 54.81
N PRO A 213 9.63 -15.82 54.46
CA PRO A 213 10.91 -15.49 55.10
C PRO A 213 11.72 -14.46 54.32
N GLY A 214 11.15 -13.93 53.25
CA GLY A 214 11.88 -13.03 52.37
C GLY A 214 11.88 -11.58 52.82
N SER A 215 12.25 -10.70 51.90
CA SER A 215 12.38 -9.27 52.19
C SER A 215 11.11 -8.50 51.88
N LYS A 216 11.10 -7.22 52.25
CA LYS A 216 9.99 -6.34 51.99
C LYS A 216 9.91 -6.01 50.49
N ASN A 217 11.06 -5.84 49.88
CA ASN A 217 11.14 -5.49 48.47
C ASN A 217 10.63 -6.60 47.57
N SER A 218 11.18 -7.80 47.74
CA SER A 218 10.83 -8.95 46.92
C SER A 218 9.36 -9.35 47.07
N TRP A 219 8.75 -8.91 48.17
CA TRP A 219 7.34 -9.18 48.42
C TRP A 219 6.45 -8.31 47.55
N ASN A 220 6.91 -7.10 47.25
CA ASN A 220 6.09 -6.13 46.54
C ASN A 220 6.59 -5.77 45.15
N CYS A 221 7.88 -6.01 44.89
CA CYS A 221 8.46 -5.65 43.60
C CYS A 221 7.88 -6.50 42.49
N TYR A 222 7.93 -5.98 41.27
CA TYR A 222 7.57 -6.76 40.09
C TYR A 222 8.68 -7.76 39.80
N ALA A 223 8.30 -9.02 39.60
CA ALA A 223 9.27 -10.05 39.26
C ALA A 223 8.81 -10.77 38.01
N ASP A 224 9.75 -11.38 37.30
CA ASP A 224 9.41 -12.14 36.10
C ASP A 224 9.98 -13.56 36.16
N ALA A 225 9.39 -14.45 35.39
CA ALA A 225 9.83 -15.84 35.36
C ALA A 225 9.58 -16.43 33.97
N VAL A 226 9.90 -17.69 33.81
CA VAL A 226 9.65 -18.37 32.54
C VAL A 226 9.36 -19.85 32.75
N ASP A 227 8.29 -20.32 32.12
CA ASP A 227 7.94 -21.73 32.16
C ASP A 227 9.00 -22.53 31.40
N ALA A 228 9.40 -23.66 31.97
CA ALA A 228 10.43 -24.50 31.37
C ALA A 228 10.03 -24.99 29.98
N ASP A 229 8.75 -25.33 29.83
CA ASP A 229 8.23 -25.76 28.54
C ASP A 229 8.36 -24.66 27.49
N LEU A 230 8.27 -23.41 27.93
CA LEU A 230 8.40 -22.27 27.03
C LEU A 230 9.85 -22.07 26.59
N VAL A 231 10.79 -22.27 27.51
CA VAL A 231 12.21 -22.25 27.18
C VAL A 231 12.51 -23.35 26.17
N ALA A 232 11.80 -24.47 26.30
CA ALA A 232 11.91 -25.53 25.32
C ALA A 232 11.37 -25.07 23.97
N GLU A 233 10.22 -24.42 23.98
CA GLU A 233 9.63 -23.86 22.76
C GLU A 233 10.54 -22.82 22.14
N HIS A 234 11.15 -22.00 22.99
CA HIS A 234 11.98 -20.89 22.55
C HIS A 234 13.31 -21.36 21.97
N GLU A 235 13.84 -22.45 22.52
CA GLU A 235 15.09 -23.01 22.03
C GLU A 235 14.88 -23.82 20.76
N ILE A 236 13.75 -24.54 20.71
CA ILE A 236 13.38 -25.27 19.51
C ILE A 236 13.09 -24.31 18.37
N TRP A 237 12.43 -23.20 18.70
CA TRP A 237 12.14 -22.15 17.72
C TRP A 237 13.43 -21.62 17.09
N ALA A 238 14.40 -21.26 17.93
CA ALA A 238 15.67 -20.75 17.44
C ALA A 238 16.45 -21.81 16.67
N ALA A 239 16.13 -23.07 16.93
CA ALA A 239 16.83 -24.19 16.30
C ALA A 239 16.36 -24.45 14.87
N VAL A 240 15.13 -24.06 14.57
CA VAL A 240 14.56 -24.37 13.25
C VAL A 240 14.22 -23.15 12.41
N ASP A 241 13.99 -22.02 13.06
CA ASP A 241 13.57 -20.80 12.36
C ASP A 241 14.79 -19.96 11.98
N PRO A 242 14.96 -19.71 10.68
CA PRO A 242 16.04 -18.86 10.15
C PRO A 242 16.02 -17.45 10.74
N LYS A 243 14.85 -16.96 11.12
CA LYS A 243 14.71 -15.65 11.72
C LYS A 243 15.45 -15.53 13.05
N ALA A 244 15.57 -16.65 13.76
CA ALA A 244 16.16 -16.64 15.09
C ALA A 244 17.61 -17.14 15.11
N LYS A 245 18.11 -17.53 13.94
CA LYS A 245 19.46 -18.03 13.84
C LYS A 245 20.50 -16.94 14.13
N ASN A 246 21.57 -17.31 14.82
CA ASN A 246 22.64 -16.38 15.18
C ASN A 246 22.16 -15.15 15.91
N GLN A 247 21.38 -15.37 16.96
CA GLN A 247 20.80 -14.28 17.74
C GLN A 247 20.88 -14.54 19.23
N VAL A 248 21.10 -13.49 20.01
CA VAL A 248 21.01 -13.57 21.46
C VAL A 248 19.57 -13.23 21.85
N LEU A 249 18.93 -14.10 22.63
CA LEU A 249 17.52 -13.95 22.92
C LEU A 249 17.17 -14.21 24.38
N ASN A 250 16.51 -13.25 25.01
CA ASN A 250 15.97 -13.44 26.34
C ASN A 250 14.78 -14.37 26.30
N CYS A 251 14.34 -14.86 27.46
CA CYS A 251 13.18 -15.73 27.50
C CYS A 251 12.43 -15.69 28.82
N ASN A 252 11.31 -14.97 28.84
CA ASN A 252 10.39 -15.01 29.97
C ASN A 252 8.96 -15.27 29.52
N ASN A 253 8.04 -15.28 30.48
CA ASN A 253 6.64 -15.62 30.20
C ASN A 253 5.89 -14.51 29.47
N GLY A 254 6.47 -13.32 29.44
CA GLY A 254 5.86 -12.19 28.76
C GLY A 254 5.08 -11.29 29.68
N ASP A 255 4.90 -11.74 30.92
CA ASP A 255 4.18 -10.95 31.91
C ASP A 255 5.02 -10.73 33.17
N VAL A 256 4.44 -10.07 34.16
CA VAL A 256 5.10 -9.88 35.44
C VAL A 256 4.20 -10.36 36.58
N PHE A 257 4.80 -10.66 37.73
CA PHE A 257 4.03 -11.04 38.88
C PHE A 257 4.65 -10.49 40.15
N LYS A 258 4.01 -10.78 41.29
CA LYS A 258 4.54 -10.41 42.59
C LYS A 258 4.51 -11.61 43.50
N TRP A 259 5.56 -11.78 44.31
CA TRP A 259 5.67 -12.91 45.21
C TRP A 259 4.54 -12.94 46.25
N LYS A 260 4.01 -11.76 46.57
CA LYS A 260 2.90 -11.66 47.51
C LYS A 260 1.66 -12.38 46.97
N HIS A 261 1.53 -12.40 45.64
CA HIS A 261 0.40 -13.06 45.01
C HIS A 261 0.69 -14.53 44.79
N ILE A 262 1.96 -14.84 44.55
CA ILE A 262 2.39 -16.22 44.39
C ILE A 262 2.27 -16.95 45.72
N TRP A 263 2.71 -16.28 46.78
CA TRP A 263 2.72 -16.88 48.12
C TRP A 263 1.31 -17.27 48.55
N LYS A 264 0.32 -16.48 48.15
CA LYS A 264 -1.07 -16.77 48.48
C LYS A 264 -1.55 -18.02 47.73
N LYS A 265 -1.21 -18.11 46.45
CA LYS A 265 -1.57 -19.27 45.65
C LYS A 265 -0.92 -20.54 46.17
N LEU A 266 0.33 -20.40 46.64
CA LEU A 266 1.06 -21.53 47.19
C LEU A 266 0.35 -22.06 48.43
N ALA A 267 -0.14 -21.14 49.26
CA ALA A 267 -0.86 -21.53 50.47
C ALA A 267 -2.22 -22.11 50.14
N GLU A 268 -2.87 -21.55 49.11
CA GLU A 268 -4.18 -22.02 48.70
C GLU A 268 -4.12 -23.41 48.10
N GLU A 269 -3.04 -23.71 47.40
CA GLU A 269 -2.86 -25.02 46.77
C GLU A 269 -2.54 -26.10 47.80
N PHE A 270 -2.16 -25.68 49.00
CA PHE A 270 -1.81 -26.62 50.06
C PHE A 270 -2.80 -26.61 51.21
N GLY A 271 -3.75 -25.69 51.18
CA GLY A 271 -4.80 -25.62 52.18
C GLY A 271 -4.30 -25.32 53.57
N ILE A 272 -3.52 -24.26 53.71
CA ILE A 272 -2.98 -23.84 54.99
C ILE A 272 -3.00 -22.33 55.14
N GLU A 273 -2.92 -21.85 56.38
CA GLU A 273 -2.76 -20.42 56.62
C GLU A 273 -1.41 -19.97 56.10
N MET A 274 -1.33 -18.73 55.65
CA MET A 274 -0.05 -18.16 55.26
C MET A 274 0.24 -16.91 56.10
N VAL A 275 1.52 -16.64 56.30
CA VAL A 275 1.93 -15.41 56.97
C VAL A 275 2.79 -14.59 56.03
N GLY A 276 2.18 -13.59 55.39
CA GLY A 276 2.88 -12.73 54.46
C GLY A 276 3.93 -11.88 55.12
N TYR A 277 4.44 -10.90 54.39
CA TYR A 277 5.46 -10.04 54.96
C TYR A 277 4.92 -9.20 56.11
N VAL A 278 5.63 -9.22 57.22
CA VAL A 278 5.28 -8.41 58.37
C VAL A 278 6.08 -7.11 58.33
N GLU A 279 5.38 -5.99 58.42
CA GLU A 279 6.02 -4.68 58.34
C GLU A 279 7.06 -4.50 59.44
N GLY A 280 8.31 -4.36 59.03
CA GLY A 280 9.40 -4.17 59.97
C GLY A 280 10.27 -5.40 60.11
N LYS A 281 9.67 -6.57 59.88
CA LYS A 281 10.37 -7.84 59.97
C LYS A 281 11.43 -7.93 58.89
N GLU A 282 12.61 -8.44 59.23
CA GLU A 282 13.68 -8.56 58.24
C GLU A 282 13.77 -9.98 57.70
N GLN A 283 14.37 -10.12 56.52
CA GLN A 283 14.46 -11.40 55.83
C GLN A 283 15.16 -12.46 56.68
N VAL A 284 14.61 -13.67 56.65
CA VAL A 284 15.20 -14.81 57.34
C VAL A 284 15.63 -15.86 56.33
N SER A 285 16.84 -16.37 56.50
CA SER A 285 17.36 -17.43 55.63
C SER A 285 16.50 -18.69 55.73
N LEU A 286 15.82 -19.01 54.64
CA LEU A 286 15.02 -20.23 54.59
C LEU A 286 15.93 -21.45 54.67
N ALA A 287 17.17 -21.28 54.23
CA ALA A 287 18.16 -22.34 54.30
C ALA A 287 18.46 -22.72 55.75
N GLU A 288 18.30 -21.75 56.65
CA GLU A 288 18.49 -22.00 58.08
C GLU A 288 17.25 -22.63 58.69
N LEU A 289 16.08 -22.18 58.24
CA LEU A 289 14.81 -22.71 58.73
C LEU A 289 14.63 -24.18 58.34
N MET A 290 15.28 -24.58 57.26
CA MET A 290 15.12 -25.95 56.75
C MET A 290 16.38 -26.79 56.93
N LYS A 291 17.38 -26.25 57.63
CA LYS A 291 18.52 -27.06 58.01
C LYS A 291 18.04 -28.04 59.08
N ASP A 292 18.60 -29.24 59.07
CA ASP A 292 18.17 -30.30 59.98
C ASP A 292 16.66 -30.51 59.87
N LYS A 293 16.22 -30.86 58.66
CA LYS A 293 14.81 -31.05 58.36
C LYS A 293 14.69 -32.17 57.34
N ASP A 294 15.81 -32.84 57.09
CA ASP A 294 15.88 -33.87 56.06
C ASP A 294 15.14 -35.13 56.45
N GLN A 295 15.23 -35.49 57.73
CA GLN A 295 14.52 -36.65 58.25
C GLN A 295 13.02 -36.47 58.09
N VAL A 296 12.56 -35.22 58.25
CA VAL A 296 11.17 -34.89 58.05
C VAL A 296 10.77 -35.13 56.61
N TRP A 297 11.67 -34.79 55.69
CA TRP A 297 11.41 -35.04 54.28
C TRP A 297 11.48 -36.53 53.96
N ASP A 298 12.46 -37.22 54.55
CA ASP A 298 12.58 -38.66 54.40
C ASP A 298 11.30 -39.36 54.82
N GLU A 299 10.73 -38.92 55.92
CA GLU A 299 9.47 -39.46 56.42
C GLU A 299 8.32 -39.17 55.46
N ILE A 300 8.27 -37.95 54.95
CA ILE A 300 7.20 -37.54 54.05
C ILE A 300 7.20 -38.38 52.79
N VAL A 301 8.37 -38.53 52.17
CA VAL A 301 8.53 -39.34 50.97
C VAL A 301 8.01 -40.76 51.19
N LYS A 302 8.25 -41.31 52.37
CA LYS A 302 7.73 -42.63 52.71
C LYS A 302 6.22 -42.60 52.89
N LYS A 303 5.75 -41.78 53.82
CA LYS A 303 4.33 -41.72 54.16
C LYS A 303 3.43 -41.33 52.99
N ASN A 304 3.89 -40.42 52.14
CA ASN A 304 3.12 -39.98 50.99
C ASN A 304 3.42 -40.78 49.72
N ASN A 305 4.32 -41.75 49.85
CA ASN A 305 4.77 -42.56 48.72
C ASN A 305 5.22 -41.72 47.53
N LEU A 306 6.14 -40.80 47.79
CA LEU A 306 6.67 -39.93 46.74
C LEU A 306 7.89 -40.58 46.12
N VAL A 307 8.28 -40.09 44.94
CA VAL A 307 9.50 -40.54 44.30
C VAL A 307 10.69 -40.16 45.19
N PRO A 308 11.48 -41.16 45.60
CA PRO A 308 12.61 -40.98 46.53
C PRO A 308 13.56 -39.86 46.12
N THR A 309 13.47 -38.74 46.82
CA THR A 309 14.39 -37.63 46.64
C THR A 309 14.98 -37.23 47.99
N LYS A 310 16.23 -36.78 47.99
CA LYS A 310 16.80 -36.22 49.21
C LYS A 310 16.55 -34.71 49.21
N LEU A 311 16.45 -34.13 50.41
CA LEU A 311 16.11 -32.72 50.56
C LEU A 311 17.13 -31.81 49.89
N LYS A 312 18.39 -32.24 49.85
CA LYS A 312 19.46 -31.47 49.24
C LYS A 312 19.34 -31.50 47.72
N GLU A 313 18.60 -32.49 47.22
CA GLU A 313 18.55 -32.76 45.80
C GLU A 313 17.39 -32.04 45.11
N ILE A 314 16.26 -31.95 45.82
CA ILE A 314 15.04 -31.42 45.21
C ILE A 314 14.78 -29.98 45.64
N ALA A 315 15.49 -29.51 46.65
CA ALA A 315 15.25 -28.17 47.18
C ALA A 315 16.53 -27.37 47.37
N ALA A 316 16.51 -26.15 46.82
CA ALA A 316 17.62 -25.22 46.98
C ALA A 316 17.13 -24.00 47.75
N PHE A 317 17.11 -24.12 49.08
CA PHE A 317 16.59 -23.04 49.91
C PHE A 317 17.47 -21.80 49.83
N TRP A 318 18.75 -22.00 49.52
CA TRP A 318 19.66 -20.86 49.34
C TRP A 318 19.24 -20.05 48.13
N PHE A 319 18.69 -20.74 47.14
CA PHE A 319 18.29 -20.12 45.87
C PHE A 319 17.01 -19.32 46.05
N ALA A 320 16.18 -19.75 46.99
CA ALA A 320 14.97 -19.01 47.32
C ALA A 320 15.32 -17.73 48.06
N ASP A 321 16.26 -17.83 49.00
CA ASP A 321 16.69 -16.69 49.79
C ASP A 321 17.23 -15.57 48.90
N ILE A 322 17.96 -15.96 47.87
CA ILE A 322 18.48 -15.01 46.90
C ILE A 322 17.32 -14.34 46.14
N ALA A 323 16.39 -15.16 45.66
CA ALA A 323 15.24 -14.64 44.93
C ALA A 323 14.38 -13.74 45.82
N PHE A 324 14.41 -14.01 47.13
CA PHE A 324 13.63 -13.24 48.09
C PHE A 324 14.37 -12.01 48.61
N CYS A 325 15.52 -11.74 48.02
CA CYS A 325 16.23 -10.48 48.30
C CYS A 325 16.61 -9.84 46.97
N SER A 326 15.79 -10.06 45.95
CA SER A 326 16.06 -9.54 44.62
C SER A 326 14.90 -8.71 44.09
N GLU A 327 15.23 -7.53 43.58
CA GLU A 327 14.25 -6.67 42.93
C GLU A 327 14.86 -6.07 41.67
N ASN A 328 14.01 -5.53 40.81
CA ASN A 328 14.46 -4.82 39.61
C ASN A 328 15.29 -5.70 38.67
N LEU A 329 14.82 -6.92 38.40
CA LEU A 329 15.55 -7.85 37.55
C LEU A 329 14.70 -8.37 36.40
N ILE A 330 13.85 -7.52 35.85
CA ILE A 330 12.95 -7.90 34.77
C ILE A 330 13.61 -7.75 33.41
N SER A 331 13.40 -8.74 32.54
CA SER A 331 13.97 -8.73 31.20
C SER A 331 12.92 -8.46 30.13
N SER A 332 13.37 -8.00 28.97
CA SER A 332 12.47 -7.70 27.87
C SER A 332 12.37 -8.85 26.87
N MET A 333 11.16 -9.09 26.37
CA MET A 333 10.92 -10.15 25.40
C MET A 333 10.53 -9.59 24.05
N ASN A 334 10.74 -8.29 23.86
CA ASN A 334 10.40 -7.63 22.61
C ASN A 334 11.14 -8.21 21.41
N LYS A 335 12.43 -8.49 21.59
CA LYS A 335 13.25 -8.99 20.49
C LYS A 335 12.70 -10.28 19.89
N SER A 336 12.42 -11.25 20.74
CA SER A 336 11.86 -12.53 20.32
C SER A 336 10.50 -12.33 19.65
N LYS A 337 9.70 -11.42 20.22
CA LYS A 337 8.40 -11.09 19.67
C LYS A 337 8.56 -10.53 18.25
N GLU A 338 9.43 -9.54 18.12
CA GLU A 338 9.64 -8.88 16.85
C GLU A 338 10.26 -9.82 15.83
N LEU A 339 10.87 -10.90 16.31
CA LEU A 339 11.43 -11.92 15.44
C LEU A 339 10.39 -12.98 15.09
N GLY A 340 9.25 -12.92 15.76
CA GLY A 340 8.13 -13.79 15.41
C GLY A 340 7.70 -14.77 16.48
N PHE A 341 8.48 -14.84 17.56
CA PHE A 341 8.13 -15.77 18.64
C PHE A 341 6.94 -15.27 19.44
N LEU A 342 5.85 -16.02 19.39
CA LEU A 342 4.60 -15.61 20.03
C LEU A 342 4.28 -16.43 21.27
N GLY A 343 5.29 -17.07 21.83
CA GLY A 343 5.10 -17.91 23.01
C GLY A 343 5.03 -17.11 24.29
N PHE A 344 4.05 -17.44 25.13
CA PHE A 344 3.89 -16.77 26.41
C PHE A 344 3.30 -17.73 27.43
N ARG A 345 3.30 -17.30 28.69
CA ARG A 345 2.64 -18.04 29.75
C ARG A 345 2.10 -17.06 30.79
N ASN A 346 0.90 -17.33 31.29
CA ASN A 346 0.42 -16.65 32.48
C ASN A 346 1.27 -17.19 33.63
N SER A 347 2.13 -16.33 34.18
CA SER A 347 3.08 -16.77 35.20
C SER A 347 2.40 -17.34 36.44
N MET A 348 1.24 -16.79 36.78
CA MET A 348 0.47 -17.28 37.92
C MET A 348 -0.03 -18.70 37.65
N LYS A 349 -0.61 -18.91 36.48
CA LYS A 349 -1.07 -20.24 36.10
C LYS A 349 0.09 -21.20 35.92
N SER A 350 1.19 -20.68 35.38
CA SER A 350 2.40 -21.49 35.14
C SER A 350 2.94 -22.07 36.44
N PHE A 351 2.87 -21.27 37.51
CA PHE A 351 3.35 -21.69 38.81
C PHE A 351 2.51 -22.87 39.33
N VAL A 352 1.19 -22.71 39.28
CA VAL A 352 0.28 -23.78 39.65
C VAL A 352 0.47 -24.99 38.73
N SER A 353 0.72 -24.71 37.46
CA SER A 353 0.98 -25.75 36.47
C SER A 353 2.16 -26.62 36.88
N CYS A 354 3.18 -26.00 37.46
CA CYS A 354 4.38 -26.72 37.89
C CYS A 354 4.12 -27.50 39.17
N ILE A 355 3.30 -26.93 40.05
CA ILE A 355 2.89 -27.62 41.26
C ILE A 355 2.13 -28.88 40.91
N ASP A 356 1.16 -28.74 40.01
CA ASP A 356 0.32 -29.88 39.62
C ASP A 356 1.13 -30.98 38.95
N LYS A 357 2.11 -30.58 38.14
CA LYS A 357 2.93 -31.55 37.41
C LYS A 357 3.81 -32.37 38.35
N MET A 358 4.43 -31.69 39.33
CA MET A 358 5.25 -32.38 40.31
C MET A 358 4.38 -33.27 41.22
N ARG A 359 3.11 -32.93 41.33
CA ARG A 359 2.16 -33.79 42.03
C ARG A 359 1.87 -35.01 41.17
N ASP A 360 1.71 -34.80 39.86
CA ASP A 360 1.43 -35.89 38.94
C ASP A 360 2.61 -36.85 38.82
N TYR A 361 3.82 -36.33 38.98
CA TYR A 361 5.02 -37.14 38.83
C TYR A 361 5.47 -37.73 40.16
N ARG A 362 4.63 -37.57 41.18
CA ARG A 362 4.87 -38.13 42.50
C ARG A 362 6.16 -37.61 43.15
N PHE A 363 6.52 -36.37 42.82
CA PHE A 363 7.67 -35.72 43.46
C PHE A 363 7.22 -35.00 44.74
N ILE A 364 5.92 -34.75 44.84
CA ILE A 364 5.40 -33.87 45.90
C ILE A 364 3.98 -34.11 46.47
N PRO A 365 3.12 -34.91 45.82
CA PRO A 365 1.75 -34.90 46.35
C PRO A 365 1.60 -35.62 47.69
N MET B 1 -22.97 -4.00 3.13
CA MET B 1 -24.19 -3.34 3.58
C MET B 1 -24.37 -1.98 2.88
N ALA B 2 -23.71 -0.95 3.41
CA ALA B 2 -23.77 0.38 2.82
C ALA B 2 -22.80 0.47 1.65
N LYS B 3 -23.25 1.12 0.57
CA LYS B 3 -22.48 1.19 -0.67
C LYS B 3 -21.99 -0.19 -1.09
N SER B 4 -20.82 -0.57 -0.56
CA SER B 4 -20.28 -1.90 -0.74
C SER B 4 -19.37 -2.23 0.43
N TYR B 5 -19.79 -1.83 1.63
CA TYR B 5 -19.04 -2.07 2.85
C TYR B 5 -19.59 -3.28 3.61
N LYS B 6 -18.72 -3.97 4.34
CA LYS B 6 -19.15 -5.09 5.17
C LYS B 6 -19.49 -4.59 6.57
N SER B 7 -18.80 -3.53 6.99
CA SER B 7 -18.98 -3.01 8.34
C SER B 7 -19.00 -1.49 8.38
N VAL B 8 -19.88 -0.92 9.19
CA VAL B 8 -19.98 0.52 9.34
C VAL B 8 -19.74 0.93 10.78
N ALA B 9 -18.65 1.66 11.01
CA ALA B 9 -18.26 2.03 12.36
C ALA B 9 -18.71 3.44 12.74
N LEU B 10 -19.17 3.58 13.97
CA LEU B 10 -19.45 4.89 14.53
C LEU B 10 -18.44 5.18 15.64
N VAL B 11 -17.40 5.93 15.29
CA VAL B 11 -16.35 6.27 16.24
C VAL B 11 -16.72 7.54 16.99
N VAL B 12 -17.05 7.38 18.26
CA VAL B 12 -17.44 8.51 19.10
C VAL B 12 -16.23 9.08 19.84
N GLY B 13 -15.72 10.19 19.32
CA GLY B 13 -14.50 10.80 19.84
C GLY B 13 -13.40 10.69 18.81
N VAL B 14 -13.75 11.00 17.56
CA VAL B 14 -12.85 10.76 16.44
C VAL B 14 -11.59 11.63 16.47
N THR B 15 -11.68 12.78 17.13
CA THR B 15 -10.53 13.68 17.23
C THR B 15 -9.63 13.26 18.40
N GLY B 16 -10.12 12.31 19.18
CA GLY B 16 -9.41 11.84 20.36
C GLY B 16 -8.14 11.08 20.08
N ILE B 17 -7.40 10.77 21.13
CA ILE B 17 -6.10 10.12 21.00
C ILE B 17 -6.21 8.69 20.47
N VAL B 18 -7.36 8.07 20.69
CA VAL B 18 -7.60 6.71 20.20
C VAL B 18 -8.50 6.76 18.97
N GLY B 19 -9.49 7.66 19.01
CA GLY B 19 -10.43 7.83 17.91
C GLY B 19 -9.73 8.17 16.60
N SER B 20 -8.62 8.90 16.71
CA SER B 20 -7.85 9.27 15.52
C SER B 20 -7.11 8.06 14.95
N SER B 21 -6.70 7.14 15.82
CA SER B 21 -6.09 5.90 15.37
C SER B 21 -7.14 5.03 14.67
N LEU B 22 -8.32 4.96 15.26
CA LEU B 22 -9.43 4.24 14.66
C LEU B 22 -9.78 4.83 13.30
N ALA B 23 -9.58 6.13 13.15
CA ALA B 23 -9.87 6.81 11.89
C ALA B 23 -8.89 6.41 10.80
N GLU B 24 -7.79 5.78 11.20
CA GLU B 24 -6.78 5.36 10.24
C GLU B 24 -6.80 3.85 10.07
N VAL B 25 -6.82 3.13 11.18
CA VAL B 25 -6.75 1.67 11.16
C VAL B 25 -7.97 1.06 10.45
N LEU B 26 -9.15 1.62 10.72
CA LEU B 26 -10.40 1.09 10.15
C LEU B 26 -10.43 1.16 8.63
N LYS B 27 -9.80 2.20 8.06
CA LYS B 27 -9.87 2.44 6.63
C LYS B 27 -8.85 1.61 5.84
N LEU B 28 -8.06 0.82 6.55
CA LEU B 28 -7.06 -0.04 5.91
C LEU B 28 -7.74 -1.29 5.39
N PRO B 29 -7.27 -1.81 4.24
CA PRO B 29 -7.84 -3.03 3.67
C PRO B 29 -7.44 -4.27 4.45
N ASP B 30 -6.34 -4.20 5.18
CA ASP B 30 -5.88 -5.32 5.99
C ASP B 30 -6.77 -5.53 7.20
N THR B 31 -7.38 -4.45 7.67
CA THR B 31 -8.16 -4.46 8.90
C THR B 31 -9.35 -5.43 8.82
N PRO B 32 -9.46 -6.34 9.81
CA PRO B 32 -10.54 -7.33 9.88
C PRO B 32 -11.92 -6.70 9.89
N GLY B 33 -12.87 -7.34 9.23
CA GLY B 33 -14.24 -6.82 9.15
C GLY B 33 -14.38 -5.83 8.01
N GLY B 34 -13.30 -5.62 7.27
CA GLY B 34 -13.29 -4.68 6.17
C GLY B 34 -14.13 -5.15 5.00
N PRO B 35 -14.44 -4.24 4.06
CA PRO B 35 -14.06 -2.83 4.11
C PRO B 35 -14.95 -2.03 5.05
N TRP B 36 -14.37 -1.07 5.77
CA TRP B 36 -15.09 -0.32 6.79
C TRP B 36 -15.57 1.04 6.31
N LYS B 37 -16.83 1.35 6.61
CA LYS B 37 -17.35 2.71 6.49
C LYS B 37 -17.26 3.30 7.88
N VAL B 38 -16.83 4.56 7.97
CA VAL B 38 -16.59 5.18 9.27
C VAL B 38 -17.27 6.52 9.47
N TYR B 39 -18.14 6.59 10.47
CA TYR B 39 -18.70 7.85 10.93
C TYR B 39 -17.87 8.33 12.12
N GLY B 40 -17.42 9.58 12.07
CA GLY B 40 -16.62 10.13 13.16
C GLY B 40 -17.31 11.30 13.84
N VAL B 41 -17.34 11.28 15.17
CA VAL B 41 -18.04 12.30 15.94
C VAL B 41 -17.14 13.07 16.91
N ALA B 42 -17.33 14.38 16.96
CA ALA B 42 -16.64 15.25 17.92
C ALA B 42 -17.43 16.54 18.07
N ARG B 43 -17.12 17.29 19.13
CA ARG B 43 -17.85 18.54 19.42
C ARG B 43 -17.31 19.69 18.58
N ARG B 44 -16.00 19.68 18.36
CA ARG B 44 -15.35 20.74 17.59
C ARG B 44 -15.64 20.57 16.11
N PRO B 45 -15.57 21.67 15.34
CA PRO B 45 -15.68 21.53 13.88
C PRO B 45 -14.46 20.80 13.34
N CYS B 46 -14.66 20.05 12.26
CA CYS B 46 -13.63 19.18 11.70
C CYS B 46 -12.32 19.89 11.41
N PRO B 47 -11.23 19.43 12.03
CA PRO B 47 -9.89 19.97 11.82
C PRO B 47 -9.40 19.66 10.40
N VAL B 48 -8.36 20.37 9.96
CA VAL B 48 -7.85 20.22 8.61
C VAL B 48 -7.33 18.81 8.37
N TRP B 49 -6.63 18.26 9.35
CA TRP B 49 -6.04 16.93 9.21
C TRP B 49 -7.10 15.83 9.12
N LEU B 50 -8.23 16.00 9.80
CA LEU B 50 -9.30 15.02 9.71
C LEU B 50 -10.09 15.18 8.41
N ALA B 51 -9.98 16.36 7.81
CA ALA B 51 -10.63 16.62 6.54
C ALA B 51 -9.93 15.83 5.43
N LYS B 52 -8.66 15.49 5.66
CA LYS B 52 -7.88 14.73 4.69
C LYS B 52 -8.09 13.23 4.83
N LYS B 53 -9.12 12.83 5.56
CA LYS B 53 -9.37 11.41 5.83
C LYS B 53 -10.69 10.95 5.21
N PRO B 54 -10.76 9.68 4.80
CA PRO B 54 -12.00 9.09 4.29
C PRO B 54 -12.95 8.73 5.42
N VAL B 55 -13.38 9.73 6.17
CA VAL B 55 -14.29 9.55 7.30
C VAL B 55 -15.39 10.59 7.28
N GLU B 56 -16.64 10.14 7.23
CA GLU B 56 -17.78 11.04 7.37
C GLU B 56 -17.76 11.69 8.75
N TYR B 57 -17.33 12.95 8.80
CA TYR B 57 -17.26 13.68 10.05
C TYR B 57 -18.64 14.20 10.45
N ILE B 58 -18.94 14.12 11.74
CA ILE B 58 -20.21 14.62 12.25
C ILE B 58 -19.99 15.48 13.49
N GLN B 59 -20.23 16.78 13.34
CA GLN B 59 -20.08 17.70 14.46
C GLN B 59 -21.33 17.66 15.34
N CYS B 60 -21.22 17.01 16.48
CA CYS B 60 -22.35 16.88 17.39
C CYS B 60 -21.93 16.91 18.85
N ASP B 61 -22.62 17.73 19.62
CA ASP B 61 -22.41 17.74 21.07
C ASP B 61 -23.27 16.63 21.70
N VAL B 62 -22.64 15.50 21.98
CA VAL B 62 -23.34 14.31 22.45
C VAL B 62 -24.00 14.51 23.83
N SER B 63 -23.54 15.51 24.57
CA SER B 63 -24.17 15.86 25.84
C SER B 63 -25.59 16.38 25.59
N ASP B 64 -25.82 16.87 24.38
CA ASP B 64 -27.15 17.32 23.96
C ASP B 64 -27.89 16.14 23.33
N ASN B 65 -28.98 15.73 23.97
CA ASN B 65 -29.73 14.56 23.51
C ASN B 65 -30.46 14.79 22.18
N GLN B 66 -31.20 15.88 22.10
CA GLN B 66 -31.96 16.21 20.91
C GLN B 66 -31.04 16.38 19.70
N GLU B 67 -29.87 16.96 19.92
CA GLU B 67 -28.90 17.14 18.85
C GLU B 67 -28.34 15.80 18.41
N THR B 68 -28.16 14.90 19.38
CA THR B 68 -27.61 13.59 19.10
C THR B 68 -28.61 12.76 18.29
N ILE B 69 -29.89 12.86 18.65
CA ILE B 69 -30.94 12.21 17.90
C ILE B 69 -31.00 12.75 16.47
N SER B 70 -30.80 14.06 16.33
CA SER B 70 -30.93 14.72 15.04
C SER B 70 -29.87 14.30 14.03
N LYS B 71 -28.68 13.98 14.51
CA LYS B 71 -27.56 13.71 13.61
C LYS B 71 -27.18 12.24 13.50
N LEU B 72 -27.63 11.42 14.45
CA LEU B 72 -27.21 10.02 14.47
C LEU B 72 -28.32 9.05 14.05
N SER B 73 -29.56 9.39 14.39
CA SER B 73 -30.70 8.55 13.99
C SER B 73 -30.85 8.32 12.49
N PRO B 74 -30.44 9.27 11.63
CA PRO B 74 -30.52 8.94 10.20
C PRO B 74 -29.42 7.99 9.71
N LEU B 75 -28.55 7.53 10.61
CA LEU B 75 -27.49 6.61 10.21
C LEU B 75 -27.94 5.17 10.37
N LYS B 76 -28.75 4.70 9.43
CA LYS B 76 -29.38 3.39 9.51
C LYS B 76 -28.41 2.23 9.33
N ASP B 77 -27.19 2.54 8.90
CA ASP B 77 -26.26 1.49 8.46
C ASP B 77 -25.20 1.10 9.49
N ILE B 78 -25.17 1.80 10.63
CA ILE B 78 -24.15 1.55 11.65
C ILE B 78 -24.15 0.10 12.14
N THR B 79 -22.99 -0.53 12.12
CA THR B 79 -22.86 -1.92 12.57
C THR B 79 -22.15 -2.01 13.91
N HIS B 80 -21.11 -1.21 14.10
CA HIS B 80 -20.34 -1.22 15.32
C HIS B 80 -20.14 0.19 15.88
N ILE B 81 -20.36 0.33 17.18
CA ILE B 81 -20.13 1.60 17.86
C ILE B 81 -18.87 1.57 18.70
N PHE B 82 -17.98 2.53 18.46
CA PHE B 82 -16.76 2.64 19.24
C PHE B 82 -16.76 3.90 20.09
N TYR B 83 -17.33 3.81 21.28
CA TYR B 83 -17.36 4.95 22.20
C TYR B 83 -15.99 5.15 22.83
N VAL B 84 -15.24 6.11 22.30
CA VAL B 84 -13.89 6.36 22.76
C VAL B 84 -13.74 7.81 23.20
N SER B 85 -14.61 8.25 24.09
CA SER B 85 -14.63 9.65 24.51
C SER B 85 -15.08 9.84 25.96
N TRP B 86 -14.94 11.07 26.44
CA TRP B 86 -15.44 11.47 27.74
C TRP B 86 -15.62 12.99 27.79
N ILE B 87 -16.37 13.47 28.78
CA ILE B 87 -16.75 14.88 28.83
C ILE B 87 -15.57 15.82 29.09
N GLY B 88 -14.53 15.32 29.75
CA GLY B 88 -13.38 16.14 30.10
C GLY B 88 -13.21 16.29 31.60
N SER B 89 -14.24 15.92 32.34
CA SER B 89 -14.18 15.93 33.80
C SER B 89 -14.60 14.57 34.33
N GLU B 90 -14.50 14.39 35.64
CA GLU B 90 -14.81 13.11 36.26
C GLU B 90 -16.31 12.98 36.55
N ASP B 91 -17.09 13.93 36.03
CA ASP B 91 -18.53 13.95 36.25
C ASP B 91 -19.20 12.68 35.74
N CYS B 92 -19.67 11.86 36.66
CA CYS B 92 -20.29 10.58 36.32
C CYS B 92 -21.52 10.73 35.43
N GLN B 93 -22.50 11.50 35.90
CA GLN B 93 -23.76 11.64 35.18
C GLN B 93 -23.59 12.33 33.83
N THR B 94 -22.74 13.34 33.78
CA THR B 94 -22.51 14.06 32.53
C THR B 94 -21.82 13.17 31.51
N ASN B 95 -20.94 12.29 31.98
CA ASN B 95 -20.32 11.31 31.11
C ASN B 95 -21.32 10.26 30.67
N ALA B 96 -22.23 9.92 31.58
CA ALA B 96 -23.23 8.89 31.32
C ALA B 96 -24.24 9.34 30.26
N THR B 97 -24.70 10.58 30.37
CA THR B 97 -25.67 11.14 29.44
C THR B 97 -25.17 11.02 28.00
N MET B 98 -23.87 11.28 27.80
CA MET B 98 -23.26 11.16 26.48
C MET B 98 -23.43 9.75 25.93
N PHE B 99 -22.97 8.77 26.70
CA PHE B 99 -23.04 7.37 26.31
C PHE B 99 -24.49 6.92 26.13
N LYS B 100 -25.38 7.46 26.95
CA LYS B 100 -26.81 7.19 26.82
C LYS B 100 -27.33 7.71 25.50
N ASN B 101 -27.07 8.98 25.22
CA ASN B 101 -27.59 9.65 24.03
C ASN B 101 -27.11 9.02 22.72
N ILE B 102 -25.93 8.41 22.75
CA ILE B 102 -25.45 7.65 21.60
C ILE B 102 -26.34 6.45 21.39
N LEU B 103 -26.56 5.68 22.46
CA LEU B 103 -27.34 4.45 22.38
C LEU B 103 -28.83 4.75 22.15
N ASN B 104 -29.31 5.83 22.75
CA ASN B 104 -30.70 6.22 22.58
C ASN B 104 -31.01 6.64 21.15
N SER B 105 -29.97 7.00 20.41
CA SER B 105 -30.15 7.51 19.06
C SER B 105 -29.94 6.43 18.00
N VAL B 106 -28.92 5.61 18.19
CA VAL B 106 -28.53 4.64 17.16
C VAL B 106 -29.29 3.32 17.23
N ILE B 107 -29.37 2.74 18.43
CA ILE B 107 -29.95 1.42 18.62
C ILE B 107 -31.33 1.19 17.99
N PRO B 108 -32.29 2.11 18.20
CA PRO B 108 -33.59 1.86 17.56
C PRO B 108 -33.54 2.01 16.05
N ASN B 109 -32.61 2.80 15.54
CA ASN B 109 -32.56 3.12 14.12
C ASN B 109 -31.65 2.20 13.31
N ALA B 110 -30.57 1.75 13.92
CA ALA B 110 -29.64 0.85 13.26
C ALA B 110 -30.14 -0.60 13.35
N SER B 111 -30.73 -1.07 12.25
CA SER B 111 -31.36 -2.39 12.24
C SER B 111 -30.35 -3.53 12.07
N ASN B 112 -29.08 -3.19 11.88
CA ASN B 112 -28.03 -4.21 11.78
C ASN B 112 -26.87 -3.94 12.73
N LEU B 113 -27.16 -3.25 13.83
CA LEU B 113 -26.15 -3.01 14.86
C LEU B 113 -25.82 -4.31 15.57
N GLN B 114 -24.53 -4.56 15.78
CA GLN B 114 -24.10 -5.84 16.33
C GLN B 114 -23.30 -5.72 17.62
N HIS B 115 -22.40 -4.74 17.67
CA HIS B 115 -21.46 -4.65 18.77
C HIS B 115 -21.25 -3.21 19.26
N VAL B 116 -20.94 -3.09 20.54
CA VAL B 116 -20.60 -1.79 21.13
C VAL B 116 -19.33 -1.88 21.96
N CYS B 117 -18.24 -1.31 21.45
CA CYS B 117 -16.98 -1.26 22.20
C CYS B 117 -16.98 -0.05 23.13
N LEU B 118 -16.80 -0.32 24.43
CA LEU B 118 -16.68 0.76 25.40
C LEU B 118 -15.26 0.83 25.91
N GLN B 119 -14.60 1.95 25.62
CA GLN B 119 -13.25 2.18 26.13
C GLN B 119 -13.29 2.97 27.42
N THR B 120 -12.70 2.41 28.47
CA THR B 120 -12.52 3.12 29.73
C THR B 120 -11.02 3.21 29.99
N GLY B 121 -10.59 2.72 31.15
CA GLY B 121 -9.17 2.75 31.47
C GLY B 121 -8.79 1.99 32.72
N ILE B 122 -7.54 2.13 33.13
CA ILE B 122 -7.03 1.41 34.30
C ILE B 122 -7.42 2.07 35.62
N LYS B 123 -8.02 3.25 35.56
CA LYS B 123 -8.48 3.91 36.78
C LYS B 123 -9.66 3.18 37.40
N HIS B 124 -10.14 2.15 36.70
CA HIS B 124 -11.15 1.26 37.25
C HIS B 124 -10.57 0.51 38.45
N TYR B 125 -9.25 0.51 38.56
CA TYR B 125 -8.55 -0.24 39.59
C TYR B 125 -8.01 0.60 40.74
N PHE B 126 -8.07 1.93 40.63
CA PHE B 126 -7.49 2.78 41.68
C PHE B 126 -8.06 4.19 41.79
N GLY B 127 -9.31 4.38 41.43
CA GLY B 127 -9.94 5.69 41.51
C GLY B 127 -10.30 6.11 42.92
N ILE B 128 -9.73 7.22 43.39
CA ILE B 128 -9.94 7.73 44.74
C ILE B 128 -9.94 9.25 44.78
N PHE B 129 -10.84 9.84 45.58
CA PHE B 129 -10.93 11.30 45.69
C PHE B 129 -10.45 11.82 47.05
N GLU B 130 -11.01 11.28 48.14
CA GLU B 130 -10.59 11.66 49.49
C GLU B 130 -9.39 10.83 49.92
N GLU B 131 -8.29 10.98 49.18
CA GLU B 131 -7.13 10.12 49.31
C GLU B 131 -6.27 10.43 50.53
N GLY B 132 -6.85 11.13 51.51
CA GLY B 132 -6.10 11.54 52.68
C GLY B 132 -6.13 10.53 53.81
N SER B 133 -7.17 9.71 53.84
CA SER B 133 -7.36 8.78 54.95
C SER B 133 -7.60 7.34 54.51
N LYS B 134 -8.87 6.95 54.45
CA LYS B 134 -9.23 5.55 54.25
C LYS B 134 -9.53 5.18 52.78
N VAL B 135 -10.06 3.98 52.60
CA VAL B 135 -10.32 3.37 51.29
C VAL B 135 -9.04 3.07 50.51
N VAL B 136 -8.76 1.78 50.33
CA VAL B 136 -7.53 1.33 49.69
C VAL B 136 -7.79 0.70 48.32
N PRO B 137 -7.04 1.13 47.29
CA PRO B 137 -7.22 0.62 45.93
C PRO B 137 -6.68 -0.80 45.77
N HIS B 138 -6.72 -1.32 44.55
CA HIS B 138 -6.22 -2.65 44.26
C HIS B 138 -4.71 -2.67 44.12
N ASP B 139 -4.12 -3.86 44.18
CA ASP B 139 -2.69 -4.01 43.97
C ASP B 139 -2.44 -4.54 42.57
N SER B 140 -1.29 -4.18 42.02
CA SER B 140 -0.92 -4.62 40.67
C SER B 140 -0.22 -5.98 40.74
N PRO B 141 -0.17 -6.73 39.62
CA PRO B 141 -0.70 -6.46 38.27
C PRO B 141 -2.23 -6.51 38.22
N PHE B 142 -2.83 -5.43 37.70
CA PHE B 142 -4.27 -5.32 37.61
C PHE B 142 -4.84 -6.38 36.68
N THR B 143 -5.89 -7.06 37.15
CA THR B 143 -6.57 -8.05 36.32
C THR B 143 -8.04 -7.68 36.15
N GLU B 144 -8.62 -8.14 35.04
CA GLU B 144 -9.99 -7.80 34.70
C GLU B 144 -11.02 -8.29 35.71
N ASP B 145 -10.68 -9.35 36.45
CA ASP B 145 -11.62 -9.93 37.42
C ASP B 145 -11.67 -9.17 38.74
N LEU B 146 -10.89 -8.09 38.85
CA LEU B 146 -10.87 -7.29 40.07
C LEU B 146 -12.17 -6.52 40.22
N PRO B 147 -12.79 -6.61 41.41
CA PRO B 147 -14.08 -5.97 41.68
C PRO B 147 -13.95 -4.45 41.76
N ARG B 148 -15.06 -3.75 41.57
CA ARG B 148 -15.08 -2.30 41.60
C ARG B 148 -14.78 -1.78 43.01
N LEU B 149 -14.09 -0.65 43.08
CA LEU B 149 -13.82 0.01 44.34
C LEU B 149 -15.03 0.83 44.77
N ASN B 150 -15.30 0.87 46.07
CA ASN B 150 -16.43 1.62 46.59
C ASN B 150 -16.19 3.13 46.46
N VAL B 151 -16.14 3.59 45.22
CA VAL B 151 -15.83 4.97 44.89
C VAL B 151 -16.65 5.34 43.67
N PRO B 152 -17.20 6.57 43.63
CA PRO B 152 -17.87 7.05 42.41
C PRO B 152 -16.89 7.13 41.25
N ASN B 153 -17.14 6.32 40.22
CA ASN B 153 -16.32 6.32 39.03
C ASN B 153 -17.25 6.19 37.82
N PHE B 154 -17.11 7.09 36.85
CA PHE B 154 -18.02 7.08 35.71
C PHE B 154 -17.84 5.84 34.83
N TYR B 155 -16.69 5.18 34.96
CA TYR B 155 -16.46 3.90 34.28
C TYR B 155 -17.54 2.89 34.68
N HIS B 156 -17.95 2.94 35.94
CA HIS B 156 -18.99 2.05 36.45
C HIS B 156 -20.31 2.37 35.76
N ASP B 157 -20.64 3.66 35.69
CA ASP B 157 -21.88 4.11 35.08
C ASP B 157 -21.93 3.71 33.61
N LEU B 158 -20.80 3.83 32.92
CA LEU B 158 -20.74 3.49 31.51
C LEU B 158 -20.95 1.98 31.29
N GLU B 159 -20.32 1.17 32.13
CA GLU B 159 -20.47 -0.28 32.03
C GLU B 159 -21.92 -0.69 32.30
N ASP B 160 -22.53 -0.08 33.31
CA ASP B 160 -23.90 -0.39 33.67
C ASP B 160 -24.86 -0.10 32.52
N ILE B 161 -24.71 1.07 31.92
CA ILE B 161 -25.50 1.42 30.75
C ILE B 161 -25.18 0.47 29.60
N LEU B 162 -23.90 0.12 29.48
CA LEU B 162 -23.47 -0.80 28.45
C LEU B 162 -24.12 -2.17 28.62
N TYR B 163 -23.97 -2.76 29.79
CA TYR B 163 -24.49 -4.10 30.06
C TYR B 163 -26.00 -4.17 29.87
N GLU B 164 -26.70 -3.15 30.33
CA GLU B 164 -28.16 -3.13 30.26
C GLU B 164 -28.68 -2.97 28.84
N GLU B 165 -28.20 -1.94 28.15
CA GLU B 165 -28.69 -1.63 26.80
C GLU B 165 -28.30 -2.70 25.78
N THR B 166 -27.16 -3.33 25.98
CA THR B 166 -26.75 -4.43 25.11
C THR B 166 -27.48 -5.71 25.50
N GLY B 167 -28.17 -5.67 26.63
CA GLY B 167 -28.94 -6.80 27.09
C GLY B 167 -30.39 -6.74 26.64
N LYS B 168 -30.99 -5.55 26.76
CA LYS B 168 -32.36 -5.34 26.31
C LYS B 168 -32.47 -5.66 24.83
N ASN B 169 -31.45 -5.26 24.08
CA ASN B 169 -31.35 -5.62 22.67
C ASN B 169 -30.39 -6.79 22.53
N ASN B 170 -30.29 -7.34 21.33
CA ASN B 170 -29.42 -8.48 21.13
C ASN B 170 -28.04 -8.05 20.62
N LEU B 171 -27.33 -7.29 21.44
CA LEU B 171 -26.03 -6.75 21.08
C LEU B 171 -24.92 -7.34 21.94
N THR B 172 -23.76 -7.55 21.34
CA THR B 172 -22.58 -7.93 22.10
C THR B 172 -21.96 -6.68 22.70
N TRP B 173 -20.94 -6.88 23.53
CA TRP B 173 -20.25 -5.75 24.15
C TRP B 173 -18.79 -6.09 24.46
N SER B 174 -18.01 -5.06 24.76
CA SER B 174 -16.64 -5.25 25.16
C SER B 174 -16.14 -4.01 25.90
N VAL B 175 -15.63 -4.22 27.10
CA VAL B 175 -15.07 -3.13 27.89
C VAL B 175 -13.55 -3.14 27.72
N HIS B 176 -13.01 -2.00 27.32
CA HIS B 176 -11.58 -1.87 27.11
C HIS B 176 -10.96 -0.92 28.12
N ARG B 177 -9.93 -1.40 28.81
CA ARG B 177 -9.25 -0.60 29.83
C ARG B 177 -7.79 -0.45 29.44
N PRO B 178 -7.51 0.50 28.54
CA PRO B 178 -6.13 0.72 28.10
C PRO B 178 -5.27 1.30 29.20
N ALA B 179 -3.96 1.12 29.09
CA ALA B 179 -3.01 1.76 29.99
C ALA B 179 -2.75 3.16 29.44
N LEU B 180 -1.61 3.73 29.83
CA LEU B 180 -1.20 5.04 29.32
C LEU B 180 -1.13 4.98 27.79
N VAL B 181 -1.87 5.86 27.13
CA VAL B 181 -1.97 5.84 25.68
C VAL B 181 -0.89 6.69 25.01
N PHE B 182 0.00 6.03 24.29
CA PHE B 182 0.94 6.72 23.43
C PHE B 182 0.26 6.97 22.10
N GLY B 183 -0.08 8.24 21.84
CA GLY B 183 -0.81 8.58 20.64
C GLY B 183 -0.26 9.80 19.93
N PHE B 184 -1.04 10.35 19.01
CA PHE B 184 -0.56 11.45 18.17
C PHE B 184 -1.55 12.61 18.04
N SER B 185 -2.74 12.46 18.62
CA SER B 185 -3.78 13.49 18.51
C SER B 185 -3.38 14.79 19.19
N PRO B 186 -3.48 15.91 18.46
CA PRO B 186 -3.14 17.24 18.99
C PRO B 186 -4.31 17.85 19.75
N CYS B 187 -5.48 17.21 19.67
CA CYS B 187 -6.65 17.68 20.39
C CYS B 187 -7.19 16.65 21.38
N SER B 188 -6.27 16.04 22.14
CA SER B 188 -6.64 15.16 23.23
C SER B 188 -6.38 15.88 24.55
N MET B 189 -7.18 15.58 25.56
CA MET B 189 -7.00 16.23 26.86
C MET B 189 -5.91 15.51 27.66
N MET B 190 -5.54 14.32 27.21
CA MET B 190 -4.52 13.54 27.88
C MET B 190 -3.61 12.83 26.87
N ASN B 191 -2.67 13.58 26.30
CA ASN B 191 -1.71 13.02 25.38
C ASN B 191 -0.31 13.18 25.96
N ILE B 192 0.19 12.11 26.59
CA ILE B 192 1.45 12.18 27.31
C ILE B 192 2.64 12.40 26.38
N VAL B 193 2.57 11.89 25.16
CA VAL B 193 3.66 12.01 24.21
C VAL B 193 3.73 13.43 23.63
N SER B 194 2.59 13.99 23.25
CA SER B 194 2.55 15.35 22.73
C SER B 194 2.97 16.33 23.81
N THR B 195 2.56 16.06 25.04
CA THR B 195 2.88 16.92 26.17
C THR B 195 4.39 17.02 26.41
N LEU B 196 5.05 15.87 26.47
CA LEU B 196 6.50 15.85 26.72
C LEU B 196 7.28 16.36 25.52
N CYS B 197 6.77 16.11 24.32
CA CYS B 197 7.40 16.62 23.11
C CYS B 197 7.33 18.15 23.06
N VAL B 198 6.17 18.68 23.47
CA VAL B 198 5.99 20.13 23.51
C VAL B 198 6.97 20.76 24.49
N TYR B 199 7.09 20.12 25.66
CA TYR B 199 8.03 20.56 26.67
C TYR B 199 9.46 20.51 26.14
N ALA B 200 9.79 19.44 25.43
CA ALA B 200 11.11 19.28 24.83
C ALA B 200 11.36 20.34 23.76
N THR B 201 10.33 20.59 22.95
CA THR B 201 10.42 21.59 21.89
C THR B 201 10.70 22.97 22.46
N ILE B 202 10.12 23.28 23.61
CA ILE B 202 10.32 24.56 24.25
C ILE B 202 11.69 24.68 24.90
N CYS B 203 12.12 23.62 25.58
CA CYS B 203 13.45 23.58 26.18
C CYS B 203 14.51 23.78 25.11
N LYS B 204 14.28 23.19 23.94
CA LYS B 204 15.19 23.32 22.82
C LYS B 204 15.19 24.75 22.29
N HIS B 205 14.00 25.35 22.24
CA HIS B 205 13.83 26.69 21.70
C HIS B 205 14.53 27.75 22.54
N GLU B 206 14.57 27.52 23.85
CA GLU B 206 15.18 28.48 24.77
C GLU B 206 16.61 28.10 25.12
N ASN B 207 17.14 27.09 24.42
CA ASN B 207 18.47 26.55 24.70
C ASN B 207 18.64 26.09 26.14
N LYS B 208 17.55 25.58 26.73
CA LYS B 208 17.61 25.03 28.08
C LYS B 208 17.67 23.51 28.03
N ALA B 209 18.08 22.91 29.14
CA ALA B 209 18.20 21.45 29.21
C ALA B 209 16.86 20.80 29.51
N LEU B 210 16.67 19.59 28.97
CA LEU B 210 15.45 18.83 29.22
C LEU B 210 15.48 18.28 30.64
N VAL B 211 14.95 19.07 31.57
CA VAL B 211 15.03 18.73 32.99
C VAL B 211 13.82 17.91 33.45
N TYR B 212 14.10 16.73 33.99
CA TYR B 212 13.06 15.87 34.53
C TYR B 212 12.49 16.45 35.81
N PRO B 213 11.20 16.79 35.81
CA PRO B 213 10.55 17.45 36.93
C PRO B 213 9.76 16.49 37.82
N GLY B 214 9.83 15.20 37.52
CA GLY B 214 9.05 14.21 38.23
C GLY B 214 9.63 13.76 39.55
N SER B 215 9.07 12.67 40.08
CA SER B 215 9.50 12.13 41.37
C SER B 215 10.58 11.07 41.19
N LYS B 216 11.19 10.68 42.31
CA LYS B 216 12.22 9.65 42.29
C LYS B 216 11.66 8.30 41.88
N ASN B 217 10.49 7.98 42.42
CA ASN B 217 9.86 6.69 42.15
C ASN B 217 9.49 6.51 40.69
N SER B 218 8.77 7.49 40.14
CA SER B 218 8.32 7.43 38.75
C SER B 218 9.49 7.42 37.78
N TRP B 219 10.68 7.79 38.27
CA TRP B 219 11.89 7.78 37.47
C TRP B 219 12.46 6.37 37.39
N ASN B 220 12.29 5.60 38.46
CA ASN B 220 12.92 4.29 38.55
C ASN B 220 11.95 3.11 38.47
N CYS B 221 10.69 3.35 38.77
CA CYS B 221 9.70 2.28 38.78
C CYS B 221 9.42 1.75 37.38
N TYR B 222 8.93 0.52 37.30
CA TYR B 222 8.45 -0.02 36.05
C TYR B 222 7.11 0.60 35.73
N ALA B 223 6.94 1.00 34.47
CA ALA B 223 5.68 1.56 34.01
C ALA B 223 5.25 0.86 32.74
N ASP B 224 3.95 0.94 32.43
CA ASP B 224 3.45 0.36 31.19
C ASP B 224 2.58 1.35 30.43
N ALA B 225 2.45 1.13 29.13
CA ALA B 225 1.67 2.01 28.27
C ALA B 225 1.06 1.23 27.12
N VAL B 226 0.41 1.92 26.20
CA VAL B 226 -0.18 1.26 25.05
C VAL B 226 -0.24 2.18 23.83
N ASP B 227 0.17 1.65 22.69
CA ASP B 227 0.09 2.39 21.44
C ASP B 227 -1.38 2.53 21.06
N ALA B 228 -1.75 3.71 20.57
CA ALA B 228 -3.14 3.98 20.20
C ALA B 228 -3.61 3.05 19.09
N ASP B 229 -2.72 2.79 18.14
CA ASP B 229 -3.01 1.87 17.05
C ASP B 229 -3.33 0.49 17.59
N LEU B 230 -2.62 0.09 18.65
CA LEU B 230 -2.85 -1.20 19.30
C LEU B 230 -4.22 -1.24 19.96
N VAL B 231 -4.60 -0.14 20.60
CA VAL B 231 -5.93 -0.02 21.18
C VAL B 231 -6.98 -0.13 20.07
N ALA B 232 -6.67 0.46 18.93
CA ALA B 232 -7.55 0.36 17.78
C ALA B 232 -7.63 -1.09 17.30
N GLU B 233 -6.48 -1.75 17.26
CA GLU B 233 -6.43 -3.16 16.87
C GLU B 233 -7.18 -4.02 17.88
N HIS B 234 -7.06 -3.65 19.14
CA HIS B 234 -7.65 -4.42 20.24
C HIS B 234 -9.16 -4.28 20.31
N GLU B 235 -9.66 -3.11 19.91
CA GLU B 235 -11.11 -2.87 19.92
C GLU B 235 -11.75 -3.45 18.67
N ILE B 236 -11.05 -3.34 17.55
CA ILE B 236 -11.50 -3.95 16.30
C ILE B 236 -11.54 -5.47 16.47
N TRP B 237 -10.53 -6.02 17.13
CA TRP B 237 -10.48 -7.44 17.44
C TRP B 237 -11.72 -7.88 18.24
N ALA B 238 -12.05 -7.11 19.28
CA ALA B 238 -13.18 -7.44 20.15
C ALA B 238 -14.52 -7.22 19.45
N ALA B 239 -14.48 -6.59 18.28
CA ALA B 239 -15.70 -6.26 17.54
C ALA B 239 -16.00 -7.27 16.45
N VAL B 240 -15.00 -8.08 16.09
CA VAL B 240 -15.19 -9.06 15.01
C VAL B 240 -14.98 -10.49 15.47
N ASP B 241 -14.17 -10.68 16.51
CA ASP B 241 -13.86 -12.01 17.01
C ASP B 241 -14.81 -12.41 18.13
N PRO B 242 -15.54 -13.53 17.93
CA PRO B 242 -16.50 -14.04 18.91
C PRO B 242 -15.84 -14.39 20.25
N LYS B 243 -14.56 -14.75 20.23
CA LYS B 243 -13.82 -15.09 21.44
C LYS B 243 -13.71 -13.88 22.38
N ALA B 244 -13.80 -12.68 21.83
CA ALA B 244 -13.60 -11.47 22.62
C ALA B 244 -14.91 -10.77 22.96
N LYS B 245 -16.02 -11.27 22.42
CA LYS B 245 -17.32 -10.67 22.68
C LYS B 245 -17.74 -10.85 24.14
N ASN B 246 -18.44 -9.86 24.68
CA ASN B 246 -18.94 -9.88 26.06
C ASN B 246 -17.82 -10.13 27.07
N GLN B 247 -16.72 -9.42 26.91
CA GLN B 247 -15.56 -9.60 27.78
C GLN B 247 -14.96 -8.26 28.18
N VAL B 248 -14.49 -8.19 29.42
CA VAL B 248 -13.71 -7.05 29.89
C VAL B 248 -12.25 -7.32 29.56
N LEU B 249 -11.59 -6.35 28.93
CA LEU B 249 -10.25 -6.57 28.42
C LEU B 249 -9.32 -5.37 28.66
N ASN B 250 -8.21 -5.62 29.35
CA ASN B 250 -7.17 -4.61 29.48
C ASN B 250 -6.45 -4.41 28.17
N CYS B 251 -5.65 -3.36 28.06
CA CYS B 251 -4.92 -3.11 26.83
C CYS B 251 -3.63 -2.33 27.02
N ASN B 252 -2.51 -3.06 27.06
CA ASN B 252 -1.19 -2.43 27.07
C ASN B 252 -0.29 -3.01 25.98
N ASN B 253 0.95 -2.52 25.92
CA ASN B 253 1.88 -2.93 24.87
C ASN B 253 2.47 -4.32 25.08
N GLY B 254 2.25 -4.90 26.26
CA GLY B 254 2.73 -6.23 26.56
C GLY B 254 4.08 -6.26 27.23
N ASP B 255 4.67 -5.08 27.40
CA ASP B 255 5.98 -4.98 28.03
C ASP B 255 5.98 -3.88 29.08
N VAL B 256 7.11 -3.70 29.76
CA VAL B 256 7.25 -2.63 30.72
C VAL B 256 8.45 -1.76 30.36
N PHE B 257 8.40 -0.49 30.77
CA PHE B 257 9.52 0.42 30.54
C PHE B 257 9.77 1.25 31.79
N LYS B 258 10.74 2.14 31.70
CA LYS B 258 11.01 3.11 32.75
C LYS B 258 11.09 4.50 32.15
N TRP B 259 10.62 5.49 32.90
CA TRP B 259 10.64 6.88 32.43
C TRP B 259 12.06 7.41 32.26
N LYS B 260 12.99 6.86 33.03
CA LYS B 260 14.39 7.26 32.95
C LYS B 260 14.96 6.93 31.57
N HIS B 261 14.46 5.88 30.95
CA HIS B 261 14.93 5.47 29.63
C HIS B 261 14.18 6.21 28.53
N ILE B 262 12.92 6.50 28.80
CA ILE B 262 12.11 7.30 27.88
C ILE B 262 12.65 8.72 27.82
N TRP B 263 13.00 9.26 28.98
CA TRP B 263 13.49 10.63 29.08
C TRP B 263 14.77 10.85 28.29
N LYS B 264 15.62 9.81 28.25
CA LYS B 264 16.87 9.88 27.51
C LYS B 264 16.61 9.87 26.01
N LYS B 265 15.67 9.03 25.58
CA LYS B 265 15.30 8.97 24.16
C LYS B 265 14.66 10.26 23.69
N LEU B 266 13.91 10.90 24.58
CA LEU B 266 13.27 12.17 24.27
C LEU B 266 14.30 13.25 24.00
N ALA B 267 15.35 13.27 24.83
CA ALA B 267 16.43 14.22 24.67
C ALA B 267 17.25 13.90 23.42
N GLU B 268 17.39 12.62 23.12
CA GLU B 268 18.15 12.19 21.96
C GLU B 268 17.43 12.55 20.66
N GLU B 269 16.10 12.39 20.65
CA GLU B 269 15.31 12.69 19.46
C GLU B 269 15.25 14.19 19.19
N PHE B 270 15.41 15.00 20.24
CA PHE B 270 15.43 16.45 20.10
C PHE B 270 16.84 17.01 20.11
N GLY B 271 17.82 16.13 20.32
CA GLY B 271 19.22 16.49 20.26
C GLY B 271 19.66 17.56 21.25
N ILE B 272 19.13 17.49 22.46
CA ILE B 272 19.53 18.43 23.50
C ILE B 272 20.03 17.69 24.73
N GLU B 273 20.67 18.43 25.63
CA GLU B 273 21.13 17.85 26.89
C GLU B 273 19.92 17.58 27.78
N MET B 274 20.07 16.70 28.76
CA MET B 274 18.98 16.42 29.68
C MET B 274 19.48 16.23 31.11
N VAL B 275 18.65 16.64 32.06
CA VAL B 275 18.96 16.46 33.48
C VAL B 275 17.97 15.47 34.10
N GLY B 276 18.42 14.25 34.33
CA GLY B 276 17.59 13.24 34.94
C GLY B 276 17.27 13.55 36.39
N TYR B 277 16.67 12.60 37.08
CA TYR B 277 16.33 12.82 38.48
C TYR B 277 17.60 13.04 39.31
N VAL B 278 17.52 14.04 40.19
CA VAL B 278 18.63 14.33 41.09
C VAL B 278 18.28 13.83 42.49
N GLU B 279 19.20 13.07 43.08
CA GLU B 279 19.00 12.51 44.40
C GLU B 279 18.76 13.61 45.43
N GLY B 280 17.60 13.58 46.07
CA GLY B 280 17.26 14.57 47.08
C GLY B 280 16.29 15.61 46.57
N LYS B 281 16.31 15.84 45.26
CA LYS B 281 15.42 16.79 44.62
C LYS B 281 13.98 16.27 44.71
N GLU B 282 13.02 17.19 44.83
CA GLU B 282 11.62 16.78 44.88
C GLU B 282 10.88 17.20 43.62
N GLN B 283 9.73 16.57 43.37
CA GLN B 283 8.95 16.81 42.18
C GLN B 283 8.50 18.26 42.05
N VAL B 284 8.62 18.79 40.84
CA VAL B 284 8.19 20.14 40.52
C VAL B 284 7.06 20.09 39.49
N SER B 285 6.01 20.87 39.73
CA SER B 285 4.88 20.94 38.81
C SER B 285 5.30 21.39 37.42
N LEU B 286 5.24 20.47 36.46
CA LEU B 286 5.56 20.79 35.08
C LEU B 286 4.55 21.81 34.54
N ALA B 287 3.34 21.79 35.10
CA ALA B 287 2.30 22.74 34.71
C ALA B 287 2.66 24.15 35.15
N GLU B 288 3.33 24.26 36.29
CA GLU B 288 3.72 25.56 36.84
C GLU B 288 4.85 26.19 36.04
N LEU B 289 5.84 25.39 35.66
CA LEU B 289 6.97 25.93 34.90
C LEU B 289 6.61 26.09 33.42
N MET B 290 5.47 25.54 33.02
CA MET B 290 4.98 25.70 31.66
C MET B 290 3.81 26.68 31.59
N LYS B 291 3.44 27.24 32.74
CA LYS B 291 2.43 28.28 32.74
C LYS B 291 3.09 29.59 32.31
N ASP B 292 2.31 30.49 31.72
CA ASP B 292 2.84 31.72 31.16
C ASP B 292 3.92 31.40 30.12
N LYS B 293 3.69 30.34 29.34
CA LYS B 293 4.66 29.88 28.36
C LYS B 293 3.96 29.69 27.01
N ASP B 294 2.68 30.02 26.96
CA ASP B 294 1.89 29.88 25.75
C ASP B 294 2.28 30.90 24.69
N GLN B 295 2.87 32.01 25.12
CA GLN B 295 3.36 33.02 24.18
C GLN B 295 4.47 32.43 23.33
N VAL B 296 5.33 31.66 23.97
CA VAL B 296 6.44 31.01 23.28
C VAL B 296 5.96 29.98 22.27
N TRP B 297 4.89 29.27 22.62
CA TRP B 297 4.35 28.24 21.73
C TRP B 297 3.71 28.82 20.48
N ASP B 298 2.98 29.92 20.64
CA ASP B 298 2.37 30.61 19.50
C ASP B 298 3.45 31.03 18.50
N GLU B 299 4.60 31.45 19.01
CA GLU B 299 5.73 31.83 18.18
C GLU B 299 6.33 30.62 17.47
N ILE B 300 6.49 29.52 18.21
CA ILE B 300 7.07 28.30 17.67
C ILE B 300 6.24 27.73 16.54
N VAL B 301 4.93 27.68 16.73
CA VAL B 301 4.01 27.20 15.70
C VAL B 301 4.18 27.99 14.40
N LYS B 302 4.34 29.31 14.55
CA LYS B 302 4.56 30.17 13.40
C LYS B 302 5.90 29.88 12.74
N LYS B 303 6.98 30.03 13.50
CA LYS B 303 8.33 29.88 12.97
C LYS B 303 8.64 28.51 12.36
N ASN B 304 8.03 27.46 12.90
CA ASN B 304 8.26 26.11 12.39
C ASN B 304 7.17 25.65 11.45
N ASN B 305 6.25 26.57 11.12
CA ASN B 305 5.10 26.26 10.27
C ASN B 305 4.33 25.02 10.75
N LEU B 306 4.08 24.96 12.05
CA LEU B 306 3.35 23.86 12.63
C LEU B 306 1.85 24.06 12.50
N VAL B 307 1.10 22.97 12.61
CA VAL B 307 -0.35 23.05 12.60
C VAL B 307 -0.82 23.83 13.82
N PRO B 308 -1.60 24.90 13.59
CA PRO B 308 -2.06 25.81 14.66
C PRO B 308 -2.73 25.09 15.82
N THR B 309 -2.03 25.01 16.94
CA THR B 309 -2.58 24.44 18.17
C THR B 309 -2.23 25.32 19.35
N LYS B 310 -3.21 25.60 20.20
CA LYS B 310 -2.94 26.34 21.42
C LYS B 310 -2.26 25.42 22.42
N LEU B 311 -1.44 25.99 23.29
CA LEU B 311 -0.64 25.20 24.23
C LEU B 311 -1.49 24.33 25.16
N LYS B 312 -2.57 24.88 25.67
CA LYS B 312 -3.43 24.16 26.60
C LYS B 312 -4.23 23.08 25.89
N GLU B 313 -4.24 23.16 24.57
CA GLU B 313 -5.04 22.25 23.76
C GLU B 313 -4.26 20.97 23.42
N ILE B 314 -2.98 21.15 23.08
CA ILE B 314 -2.16 20.03 22.65
C ILE B 314 -1.38 19.38 23.79
N ALA B 315 -1.21 20.13 24.88
CA ALA B 315 -0.41 19.64 25.99
C ALA B 315 -1.15 19.66 27.31
N ALA B 316 -1.01 18.58 28.07
CA ALA B 316 -1.60 18.48 29.40
C ALA B 316 -0.49 18.22 30.42
N PHE B 317 0.16 19.30 30.86
CA PHE B 317 1.29 19.17 31.78
C PHE B 317 0.86 18.65 33.14
N TRP B 318 -0.39 18.92 33.50
CA TRP B 318 -0.94 18.41 34.76
C TRP B 318 -1.01 16.89 34.71
N PHE B 319 -1.26 16.36 33.51
CA PHE B 319 -1.39 14.94 33.29
C PHE B 319 -0.03 14.26 33.35
N ALA B 320 1.00 15.00 32.93
CA ALA B 320 2.37 14.53 33.03
C ALA B 320 2.80 14.51 34.48
N ASP B 321 2.37 15.53 35.23
CA ASP B 321 2.68 15.64 36.65
C ASP B 321 2.12 14.45 37.41
N ILE B 322 0.91 14.04 37.03
CA ILE B 322 0.28 12.88 37.63
C ILE B 322 1.06 11.61 37.29
N ALA B 323 1.45 11.49 36.02
CA ALA B 323 2.20 10.33 35.57
C ALA B 323 3.56 10.24 36.24
N PHE B 324 4.06 11.39 36.67
CA PHE B 324 5.38 11.49 37.28
C PHE B 324 5.35 11.40 38.80
N CYS B 325 4.17 11.14 39.35
CA CYS B 325 4.03 10.86 40.77
C CYS B 325 3.28 9.55 40.94
N SER B 326 3.41 8.68 39.95
CA SER B 326 2.70 7.40 39.94
C SER B 326 3.64 6.22 39.80
N GLU B 327 3.21 5.08 40.34
CA GLU B 327 3.93 3.84 40.21
C GLU B 327 3.00 2.69 40.58
N ASN B 328 3.47 1.47 40.38
CA ASN B 328 2.71 0.27 40.74
C ASN B 328 1.33 0.22 40.07
N LEU B 329 1.28 0.63 38.80
CA LEU B 329 0.01 0.67 38.07
C LEU B 329 0.06 -0.14 36.79
N ILE B 330 0.78 -1.26 36.83
CA ILE B 330 0.92 -2.13 35.67
C ILE B 330 -0.25 -3.11 35.56
N SER B 331 -0.81 -3.21 34.37
CA SER B 331 -1.93 -4.11 34.13
C SER B 331 -1.46 -5.38 33.43
N SER B 332 -2.34 -6.37 33.35
CA SER B 332 -2.00 -7.66 32.74
C SER B 332 -2.72 -7.84 31.42
N MET B 333 -1.98 -8.33 30.41
CA MET B 333 -2.56 -8.58 29.10
C MET B 333 -2.73 -10.08 28.86
N ASN B 334 -2.60 -10.86 29.93
CA ASN B 334 -2.73 -12.31 29.81
C ASN B 334 -4.10 -12.75 29.32
N LYS B 335 -5.15 -12.03 29.73
CA LYS B 335 -6.50 -12.39 29.35
C LYS B 335 -6.71 -12.27 27.84
N SER B 336 -6.24 -11.17 27.27
CA SER B 336 -6.38 -10.95 25.83
C SER B 336 -5.51 -11.94 25.05
N LYS B 337 -4.33 -12.22 25.58
CA LYS B 337 -3.43 -13.19 24.99
C LYS B 337 -4.09 -14.56 24.91
N GLU B 338 -4.63 -15.02 26.03
CA GLU B 338 -5.24 -16.33 26.12
C GLU B 338 -6.49 -16.44 25.25
N LEU B 339 -7.09 -15.30 24.94
CA LEU B 339 -8.27 -15.26 24.08
C LEU B 339 -7.85 -15.22 22.62
N GLY B 340 -6.56 -15.01 22.38
CA GLY B 340 -6.03 -15.08 21.02
C GLY B 340 -5.43 -13.79 20.49
N PHE B 341 -5.62 -12.69 21.22
CA PHE B 341 -5.08 -11.42 20.77
C PHE B 341 -3.56 -11.38 20.95
N LEU B 342 -2.84 -11.30 19.85
CA LEU B 342 -1.38 -11.36 19.89
C LEU B 342 -0.73 -10.03 19.56
N GLY B 343 -1.51 -8.94 19.68
CA GLY B 343 -1.01 -7.61 19.39
C GLY B 343 -0.10 -7.10 20.48
N PHE B 344 1.02 -6.50 20.07
CA PHE B 344 1.99 -5.98 21.02
C PHE B 344 2.75 -4.82 20.39
N ARG B 345 3.44 -4.06 21.22
CA ARG B 345 4.34 -3.01 20.76
C ARG B 345 5.53 -2.92 21.69
N ASN B 346 6.71 -2.68 21.11
CA ASN B 346 7.85 -2.27 21.91
C ASN B 346 7.56 -0.85 22.36
N SER B 347 7.33 -0.67 23.66
CA SER B 347 6.94 0.63 24.20
C SER B 347 7.94 1.74 23.88
N MET B 348 9.22 1.38 23.88
CA MET B 348 10.27 2.33 23.54
C MET B 348 10.15 2.75 22.08
N LYS B 349 10.00 1.78 21.19
CA LYS B 349 9.83 2.06 19.77
C LYS B 349 8.51 2.79 19.50
N SER B 350 7.49 2.45 20.29
CA SER B 350 6.18 3.07 20.14
C SER B 350 6.25 4.56 20.45
N PHE B 351 6.99 4.89 21.49
CA PHE B 351 7.13 6.27 21.94
C PHE B 351 7.82 7.12 20.88
N VAL B 352 8.88 6.58 20.28
CA VAL B 352 9.57 7.27 19.20
C VAL B 352 8.69 7.35 17.97
N SER B 353 7.94 6.29 17.70
CA SER B 353 7.03 6.24 16.58
C SER B 353 5.94 7.30 16.69
N CYS B 354 5.61 7.67 17.92
CA CYS B 354 4.59 8.70 18.16
C CYS B 354 5.19 10.09 17.99
N ILE B 355 6.46 10.24 18.38
CA ILE B 355 7.18 11.49 18.13
C ILE B 355 7.30 11.71 16.63
N ASP B 356 7.72 10.67 15.91
CA ASP B 356 7.91 10.75 14.48
C ASP B 356 6.63 11.10 13.75
N LYS B 357 5.52 10.50 14.18
CA LYS B 357 4.24 10.70 13.51
C LYS B 357 3.72 12.13 13.67
N MET B 358 3.86 12.67 14.87
CA MET B 358 3.40 14.04 15.14
C MET B 358 4.28 15.05 14.41
N ARG B 359 5.52 14.67 14.12
CA ARG B 359 6.38 15.51 13.30
C ARG B 359 5.93 15.45 11.85
N ASP B 360 5.43 14.30 11.43
CA ASP B 360 4.95 14.12 10.07
C ASP B 360 3.68 14.93 9.80
N TYR B 361 2.86 15.08 10.84
CA TYR B 361 1.58 15.78 10.68
C TYR B 361 1.72 17.26 11.00
N ARG B 362 2.96 17.69 11.22
CA ARG B 362 3.29 19.09 11.47
C ARG B 362 2.67 19.65 12.75
N PHE B 363 2.43 18.77 13.72
CA PHE B 363 2.03 19.20 15.06
C PHE B 363 3.31 19.62 15.78
N ILE B 364 4.35 18.83 15.55
CA ILE B 364 5.73 19.19 15.88
C ILE B 364 6.40 19.01 14.51
N PRO B 365 7.70 19.35 14.34
CA PRO B 365 8.78 19.88 15.19
C PRO B 365 8.45 21.25 15.80
N MET C 1 28.05 -0.43 -10.74
CA MET C 1 27.57 -0.02 -9.42
C MET C 1 27.64 -1.17 -8.43
N ALA C 2 26.50 -1.83 -8.20
CA ALA C 2 26.45 -3.02 -7.37
C ALA C 2 26.82 -4.23 -8.22
N LYS C 3 27.54 -5.18 -7.64
CA LYS C 3 28.08 -6.31 -8.39
C LYS C 3 28.79 -5.77 -9.63
N SER C 4 28.00 -5.57 -10.68
CA SER C 4 28.44 -4.83 -11.86
C SER C 4 27.21 -4.37 -12.63
N TYR C 5 26.17 -4.00 -11.90
CA TYR C 5 24.96 -3.44 -12.48
C TYR C 5 25.20 -1.99 -12.89
N LYS C 6 24.36 -1.50 -13.80
CA LYS C 6 24.44 -0.11 -14.21
C LYS C 6 23.51 0.72 -13.32
N SER C 7 22.39 0.12 -12.93
CA SER C 7 21.39 0.82 -12.13
C SER C 7 20.78 -0.12 -11.10
N VAL C 8 20.30 0.46 -10.00
CA VAL C 8 19.65 -0.30 -8.94
C VAL C 8 18.28 0.27 -8.63
N ALA C 9 17.23 -0.51 -8.87
CA ALA C 9 15.87 -0.04 -8.69
C ALA C 9 15.29 -0.42 -7.32
N LEU C 10 14.46 0.47 -6.79
CA LEU C 10 13.71 0.19 -5.58
C LEU C 10 12.23 0.33 -5.86
N VAL C 11 11.61 -0.79 -6.22
CA VAL C 11 10.19 -0.82 -6.54
C VAL C 11 9.36 -0.93 -5.27
N VAL C 12 8.73 0.17 -4.88
CA VAL C 12 7.89 0.19 -3.69
C VAL C 12 6.45 -0.11 -4.06
N GLY C 13 6.02 -1.33 -3.79
CA GLY C 13 4.72 -1.81 -4.22
C GLY C 13 4.93 -2.90 -5.26
N VAL C 14 5.87 -3.79 -4.99
CA VAL C 14 6.31 -4.77 -5.97
C VAL C 14 5.24 -5.82 -6.28
N THR C 15 4.31 -6.01 -5.36
CA THR C 15 3.22 -6.97 -5.59
C THR C 15 2.07 -6.30 -6.33
N GLY C 16 2.18 -4.99 -6.51
CA GLY C 16 1.12 -4.19 -7.11
C GLY C 16 0.91 -4.43 -8.59
N ILE C 17 -0.13 -3.81 -9.12
CA ILE C 17 -0.53 -4.00 -10.51
C ILE C 17 0.52 -3.45 -11.47
N VAL C 18 1.35 -2.53 -10.99
CA VAL C 18 2.41 -1.94 -11.81
C VAL C 18 3.78 -2.40 -11.33
N GLY C 19 3.94 -2.47 -10.01
CA GLY C 19 5.17 -2.93 -9.40
C GLY C 19 5.57 -4.32 -9.88
N SER C 20 4.58 -5.15 -10.16
CA SER C 20 4.83 -6.48 -10.71
C SER C 20 5.37 -6.42 -12.14
N SER C 21 4.95 -5.39 -12.88
CA SER C 21 5.46 -5.18 -14.23
C SER C 21 6.90 -4.70 -14.20
N LEU C 22 7.19 -3.80 -13.28
CA LEU C 22 8.56 -3.34 -13.07
C LEU C 22 9.47 -4.51 -12.69
N ALA C 23 8.92 -5.50 -11.99
CA ALA C 23 9.69 -6.66 -11.57
C ALA C 23 10.09 -7.51 -12.77
N GLU C 24 9.35 -7.37 -13.86
CA GLU C 24 9.63 -8.14 -15.07
C GLU C 24 10.39 -7.29 -16.10
N VAL C 25 9.92 -6.07 -16.33
CA VAL C 25 10.51 -5.21 -17.35
C VAL C 25 11.94 -4.80 -17.01
N LEU C 26 12.18 -4.46 -15.75
CA LEU C 26 13.50 -3.99 -15.33
C LEU C 26 14.59 -5.04 -15.52
N LYS C 27 14.24 -6.31 -15.33
CA LYS C 27 15.22 -7.38 -15.37
C LYS C 27 15.56 -7.82 -16.79
N LEU C 28 14.88 -7.22 -17.78
CA LEU C 28 15.16 -7.54 -19.18
C LEU C 28 16.46 -6.85 -19.61
N PRO C 29 17.21 -7.51 -20.51
CA PRO C 29 18.47 -6.93 -20.98
C PRO C 29 18.24 -5.81 -21.99
N ASP C 30 17.07 -5.78 -22.59
CA ASP C 30 16.75 -4.77 -23.59
C ASP C 30 16.24 -3.50 -22.93
N THR C 31 16.09 -3.55 -21.61
CA THR C 31 15.58 -2.42 -20.85
C THR C 31 16.65 -1.36 -20.63
N PRO C 32 16.35 -0.09 -21.00
CA PRO C 32 17.28 1.03 -20.85
C PRO C 32 17.76 1.19 -19.41
N GLY C 33 19.05 1.48 -19.23
CA GLY C 33 19.62 1.61 -17.90
C GLY C 33 20.08 0.28 -17.36
N GLY C 34 19.93 -0.77 -18.17
CA GLY C 34 20.31 -2.10 -17.78
C GLY C 34 21.82 -2.31 -17.76
N PRO C 35 22.28 -3.39 -17.09
CA PRO C 35 21.45 -4.34 -16.36
C PRO C 35 20.99 -3.80 -15.01
N TRP C 36 19.72 -4.01 -14.69
CA TRP C 36 19.12 -3.48 -13.47
C TRP C 36 19.16 -4.45 -12.30
N LYS C 37 19.52 -3.94 -11.12
CA LYS C 37 19.31 -4.67 -9.88
C LYS C 37 18.01 -4.14 -9.29
N VAL C 38 17.18 -5.02 -8.76
CA VAL C 38 15.85 -4.63 -8.30
C VAL C 38 15.55 -5.01 -6.85
N TYR C 39 15.25 -4.00 -6.04
CA TYR C 39 14.76 -4.21 -4.68
C TYR C 39 13.26 -4.04 -4.67
N GLY C 40 12.53 -5.10 -4.37
CA GLY C 40 11.08 -5.04 -4.33
C GLY C 40 10.54 -4.94 -2.92
N VAL C 41 9.59 -4.03 -2.70
CA VAL C 41 9.04 -3.80 -1.37
C VAL C 41 7.52 -3.94 -1.30
N ALA C 42 7.05 -4.73 -0.35
CA ALA C 42 5.61 -4.86 -0.08
C ALA C 42 5.39 -5.20 1.39
N ARG C 43 4.13 -5.19 1.81
CA ARG C 43 3.78 -5.45 3.21
C ARG C 43 3.63 -6.93 3.48
N ARG C 44 2.99 -7.64 2.55
CA ARG C 44 2.77 -9.07 2.69
C ARG C 44 4.09 -9.81 2.54
N PRO C 45 4.17 -11.03 3.11
CA PRO C 45 5.35 -11.85 2.84
C PRO C 45 5.38 -12.25 1.38
N CYS C 46 6.59 -12.41 0.83
CA CYS C 46 6.77 -12.68 -0.61
C CYS C 46 5.96 -13.87 -1.09
N PRO C 47 5.06 -13.63 -2.05
CA PRO C 47 4.21 -14.68 -2.63
C PRO C 47 5.04 -15.67 -3.43
N VAL C 48 4.45 -16.80 -3.77
CA VAL C 48 5.15 -17.85 -4.50
C VAL C 48 5.58 -17.36 -5.88
N TRP C 49 4.67 -16.69 -6.58
CA TRP C 49 4.93 -16.24 -7.94
C TRP C 49 6.03 -15.20 -8.02
N LEU C 50 6.22 -14.42 -6.95
CA LEU C 50 7.25 -13.38 -6.94
C LEU C 50 8.59 -13.95 -6.47
N ALA C 51 8.54 -15.12 -5.84
CA ALA C 51 9.75 -15.77 -5.36
C ALA C 51 10.52 -16.37 -6.53
N LYS C 52 9.83 -16.53 -7.67
CA LYS C 52 10.44 -17.07 -8.88
C LYS C 52 11.07 -15.95 -9.70
N LYS C 53 11.09 -14.75 -9.14
CA LYS C 53 11.66 -13.58 -9.83
C LYS C 53 13.05 -13.26 -9.31
N PRO C 54 13.94 -12.82 -10.21
CA PRO C 54 15.27 -12.31 -9.81
C PRO C 54 15.15 -10.94 -9.15
N VAL C 55 14.45 -10.89 -8.02
CA VAL C 55 14.19 -9.65 -7.31
C VAL C 55 14.46 -9.83 -5.82
N GLU C 56 15.34 -8.99 -5.26
CA GLU C 56 15.52 -8.97 -3.83
C GLU C 56 14.25 -8.46 -3.17
N TYR C 57 13.49 -9.37 -2.57
CA TYR C 57 12.25 -8.99 -1.91
C TYR C 57 12.53 -8.46 -0.51
N ILE C 58 11.83 -7.39 -0.15
CA ILE C 58 11.96 -6.82 1.19
C ILE C 58 10.59 -6.62 1.81
N GLN C 59 10.25 -7.47 2.77
CA GLN C 59 8.97 -7.37 3.45
C GLN C 59 9.03 -6.26 4.48
N CYS C 60 8.37 -5.15 4.20
CA CYS C 60 8.44 -4.00 5.09
C CYS C 60 7.13 -3.24 5.13
N ASP C 61 6.72 -2.85 6.34
CA ASP C 61 5.58 -1.97 6.51
C ASP C 61 6.07 -0.53 6.42
N VAL C 62 5.86 0.08 5.26
CA VAL C 62 6.41 1.41 4.98
C VAL C 62 5.67 2.50 5.75
N SER C 63 4.49 2.17 6.27
CA SER C 63 3.77 3.09 7.15
C SER C 63 4.51 3.20 8.48
N ASP C 64 5.35 2.19 8.75
CA ASP C 64 6.19 2.18 9.94
C ASP C 64 7.55 2.76 9.59
N ASN C 65 7.91 3.86 10.24
CA ASN C 65 9.15 4.57 9.92
C ASN C 65 10.41 3.83 10.37
N GLN C 66 10.43 3.40 11.63
CA GLN C 66 11.59 2.72 12.18
C GLN C 66 11.90 1.43 11.44
N GLU C 67 10.85 0.73 11.01
CA GLU C 67 11.01 -0.52 10.28
C GLU C 67 11.55 -0.23 8.88
N THR C 68 11.12 0.89 8.31
CA THR C 68 11.55 1.28 6.98
C THR C 68 13.02 1.66 6.99
N ILE C 69 13.44 2.35 8.04
CA ILE C 69 14.84 2.70 8.21
C ILE C 69 15.68 1.43 8.39
N SER C 70 15.19 0.52 9.23
CA SER C 70 15.93 -0.70 9.55
C SER C 70 16.17 -1.59 8.33
N LYS C 71 15.27 -1.50 7.35
CA LYS C 71 15.32 -2.41 6.22
C LYS C 71 15.82 -1.77 4.92
N LEU C 72 15.79 -0.46 4.84
CA LEU C 72 16.17 0.22 3.60
C LEU C 72 17.49 0.98 3.68
N SER C 73 17.82 1.46 4.88
CA SER C 73 19.09 2.14 5.10
C SER C 73 20.37 1.35 4.74
N PRO C 74 20.35 0.01 4.87
CA PRO C 74 21.55 -0.68 4.41
C PRO C 74 21.73 -0.69 2.89
N LEU C 75 20.69 -0.33 2.14
CA LEU C 75 20.74 -0.37 0.69
C LEU C 75 21.42 0.87 0.10
N LYS C 76 22.74 0.86 0.09
CA LYS C 76 23.51 2.04 -0.34
C LYS C 76 23.53 2.18 -1.85
N ASP C 77 23.33 1.07 -2.56
CA ASP C 77 23.55 1.02 -4.00
C ASP C 77 22.39 1.56 -4.84
N ILE C 78 21.27 1.89 -4.19
CA ILE C 78 20.07 2.33 -4.90
C ILE C 78 20.32 3.56 -5.78
N THR C 79 19.89 3.48 -7.04
CA THR C 79 20.06 4.59 -7.96
C THR C 79 18.73 5.20 -8.37
N HIS C 80 17.69 4.37 -8.43
CA HIS C 80 16.37 4.83 -8.85
C HIS C 80 15.26 4.31 -7.94
N ILE C 81 14.37 5.20 -7.54
CA ILE C 81 13.23 4.84 -6.71
C ILE C 81 11.95 4.88 -7.54
N PHE C 82 11.18 3.80 -7.50
CA PHE C 82 9.91 3.73 -8.21
C PHE C 82 8.75 3.54 -7.24
N TYR C 83 8.30 4.62 -6.62
CA TYR C 83 7.17 4.55 -5.70
C TYR C 83 5.88 4.34 -6.48
N VAL C 84 5.36 3.12 -6.43
CA VAL C 84 4.17 2.77 -7.19
C VAL C 84 3.11 2.15 -6.29
N SER C 85 2.91 2.76 -5.11
CA SER C 85 2.02 2.18 -4.11
C SER C 85 1.14 3.21 -3.40
N TRP C 86 0.21 2.69 -2.61
CA TRP C 86 -0.63 3.52 -1.74
C TRP C 86 -1.20 2.65 -0.61
N ILE C 87 -1.66 3.29 0.46
CA ILE C 87 -2.09 2.58 1.66
C ILE C 87 -3.34 1.73 1.45
N GLY C 88 -4.15 2.09 0.45
CA GLY C 88 -5.39 1.37 0.19
C GLY C 88 -6.61 2.21 0.53
N SER C 89 -6.38 3.35 1.16
CA SER C 89 -7.44 4.31 1.41
C SER C 89 -6.99 5.69 0.95
N GLU C 90 -7.95 6.61 0.83
CA GLU C 90 -7.64 7.95 0.35
C GLU C 90 -7.22 8.87 1.49
N ASP C 91 -6.56 8.30 2.48
CA ASP C 91 -6.03 9.06 3.60
C ASP C 91 -4.76 9.76 3.15
N CYS C 92 -4.75 11.09 3.23
CA CYS C 92 -3.63 11.88 2.74
C CYS C 92 -2.36 11.70 3.56
N GLN C 93 -2.48 11.84 4.88
CA GLN C 93 -1.31 11.76 5.74
C GLN C 93 -0.77 10.34 5.91
N THR C 94 -1.65 9.36 5.80
CA THR C 94 -1.22 7.97 5.92
C THR C 94 -0.45 7.55 4.67
N ASN C 95 -0.86 8.06 3.53
CA ASN C 95 -0.14 7.81 2.29
C ASN C 95 1.17 8.59 2.22
N ALA C 96 1.14 9.81 2.73
CA ALA C 96 2.31 10.69 2.72
C ALA C 96 3.44 10.14 3.59
N THR C 97 3.08 9.63 4.77
CA THR C 97 4.07 9.07 5.69
C THR C 97 4.85 7.93 5.03
N MET C 98 4.15 7.11 4.25
CA MET C 98 4.79 6.03 3.51
C MET C 98 5.87 6.59 2.58
N PHE C 99 5.47 7.57 1.77
CA PHE C 99 6.38 8.19 0.82
C PHE C 99 7.50 8.94 1.51
N LYS C 100 7.19 9.54 2.66
CA LYS C 100 8.19 10.21 3.46
C LYS C 100 9.25 9.22 3.94
N ASN C 101 8.78 8.12 4.53
CA ASN C 101 9.67 7.12 5.12
C ASN C 101 10.62 6.49 4.11
N ILE C 102 10.18 6.40 2.86
CA ILE C 102 11.03 5.89 1.80
C ILE C 102 12.22 6.84 1.58
N LEU C 103 11.92 8.12 1.40
CA LEU C 103 12.95 9.11 1.15
C LEU C 103 13.80 9.35 2.38
N ASN C 104 13.22 9.14 3.55
CA ASN C 104 13.95 9.30 4.80
C ASN C 104 14.95 8.17 5.02
N SER C 105 14.67 7.03 4.42
CA SER C 105 15.48 5.84 4.63
C SER C 105 16.58 5.69 3.59
N VAL C 106 16.34 6.22 2.40
CA VAL C 106 17.24 5.96 1.26
C VAL C 106 18.18 7.12 0.95
N ILE C 107 17.63 8.31 0.80
CA ILE C 107 18.39 9.50 0.39
C ILE C 107 19.71 9.74 1.15
N PRO C 108 19.70 9.62 2.49
CA PRO C 108 21.00 9.77 3.17
C PRO C 108 21.94 8.60 2.88
N ASN C 109 21.40 7.39 2.81
CA ASN C 109 22.22 6.20 2.68
C ASN C 109 22.69 5.94 1.26
N ALA C 110 21.79 6.14 0.29
CA ALA C 110 22.13 5.93 -1.11
C ALA C 110 22.91 7.12 -1.66
N SER C 111 24.24 7.01 -1.63
CA SER C 111 25.11 8.10 -2.05
C SER C 111 24.97 8.42 -3.53
N ASN C 112 24.66 7.42 -4.34
CA ASN C 112 24.53 7.61 -5.79
C ASN C 112 23.09 7.51 -6.29
N LEU C 113 22.16 8.09 -5.54
CA LEU C 113 20.77 8.13 -5.95
C LEU C 113 20.59 9.21 -7.02
N GLN C 114 19.76 8.93 -8.03
CA GLN C 114 19.58 9.84 -9.15
C GLN C 114 18.15 10.35 -9.28
N HIS C 115 17.22 9.41 -9.44
CA HIS C 115 15.85 9.75 -9.80
C HIS C 115 14.83 9.09 -8.90
N VAL C 116 13.68 9.76 -8.73
CA VAL C 116 12.57 9.20 -7.98
C VAL C 116 11.27 9.32 -8.77
N CYS C 117 10.76 8.19 -9.25
CA CYS C 117 9.50 8.17 -9.98
C CYS C 117 8.33 8.11 -9.00
N LEU C 118 7.40 9.04 -9.15
CA LEU C 118 6.19 9.03 -8.34
C LEU C 118 4.99 8.75 -9.22
N GLN C 119 4.36 7.60 -9.00
CA GLN C 119 3.16 7.24 -9.76
C GLN C 119 1.91 7.64 -9.00
N THR C 120 1.09 8.47 -9.62
CA THR C 120 -0.23 8.79 -9.10
C THR C 120 -1.25 8.31 -10.10
N GLY C 121 -2.13 9.20 -10.56
CA GLY C 121 -3.12 8.81 -11.53
C GLY C 121 -3.98 9.95 -12.04
N ILE C 122 -5.04 9.60 -12.77
CA ILE C 122 -5.91 10.60 -13.37
C ILE C 122 -6.90 11.24 -12.40
N LYS C 123 -7.04 10.66 -11.20
CA LYS C 123 -7.92 11.25 -10.18
C LYS C 123 -7.41 12.60 -9.72
N HIS C 124 -6.21 12.95 -10.14
CA HIS C 124 -5.66 14.28 -9.91
C HIS C 124 -6.51 15.33 -10.62
N TYR C 125 -7.25 14.90 -11.64
CA TYR C 125 -8.02 15.81 -12.47
C TYR C 125 -9.52 15.87 -12.12
N PHE C 126 -9.99 15.02 -11.23
CA PHE C 126 -11.43 14.99 -10.94
C PHE C 126 -11.83 14.47 -9.57
N GLY C 127 -10.91 14.50 -8.60
CA GLY C 127 -11.19 14.00 -7.27
C GLY C 127 -12.17 14.84 -6.46
N ILE C 128 -13.32 14.26 -6.13
CA ILE C 128 -14.37 14.96 -5.38
C ILE C 128 -15.02 14.06 -4.33
N PHE C 129 -15.39 14.63 -3.19
CA PHE C 129 -15.95 13.85 -2.08
C PHE C 129 -17.46 14.07 -1.84
N GLU C 130 -17.94 15.28 -2.10
CA GLU C 130 -19.29 15.66 -1.69
C GLU C 130 -20.41 15.31 -2.68
N GLU C 131 -20.08 14.45 -3.65
CA GLU C 131 -21.07 13.98 -4.63
C GLU C 131 -21.72 15.08 -5.48
N GLY C 132 -21.16 16.28 -5.44
CA GLY C 132 -21.64 17.36 -6.29
C GLY C 132 -21.97 18.66 -5.60
N SER C 133 -22.18 19.70 -6.40
CA SER C 133 -22.56 21.03 -5.92
C SER C 133 -21.57 21.66 -4.95
N LYS C 134 -20.32 21.81 -5.39
CA LYS C 134 -19.31 22.53 -4.61
C LYS C 134 -18.12 22.90 -5.50
N VAL C 135 -17.37 21.89 -5.94
CA VAL C 135 -16.22 22.10 -6.81
C VAL C 135 -16.41 21.41 -8.16
N VAL C 136 -16.20 22.15 -9.23
CA VAL C 136 -16.33 21.60 -10.58
C VAL C 136 -15.00 21.04 -11.08
N PRO C 137 -14.95 19.73 -11.37
CA PRO C 137 -13.73 19.07 -11.81
C PRO C 137 -13.34 19.48 -13.24
N HIS C 138 -12.11 19.18 -13.62
CA HIS C 138 -11.62 19.54 -14.96
C HIS C 138 -12.35 18.79 -16.06
N ASP C 139 -12.25 19.31 -17.27
CA ASP C 139 -12.89 18.68 -18.43
C ASP C 139 -11.83 17.98 -19.27
N SER C 140 -12.18 16.81 -19.78
CA SER C 140 -11.27 16.04 -20.63
C SER C 140 -11.24 16.63 -22.04
N PRO C 141 -10.18 16.34 -22.83
CA PRO C 141 -8.99 15.53 -22.54
C PRO C 141 -8.10 16.14 -21.46
N PHE C 142 -7.70 15.32 -20.49
CA PHE C 142 -6.89 15.77 -19.38
C PHE C 142 -5.45 16.04 -19.79
N THR C 143 -4.97 17.23 -19.46
CA THR C 143 -3.59 17.61 -19.75
C THR C 143 -2.84 17.89 -18.45
N GLU C 144 -1.52 17.69 -18.49
CA GLU C 144 -0.70 17.77 -17.29
C GLU C 144 -0.57 19.19 -16.72
N ASP C 145 -0.87 20.19 -17.53
CA ASP C 145 -0.75 21.58 -17.08
C ASP C 145 -1.92 22.03 -16.22
N LEU C 146 -2.98 21.23 -16.20
CA LEU C 146 -4.17 21.56 -15.42
C LEU C 146 -3.86 21.64 -13.92
N PRO C 147 -4.34 22.70 -13.26
CA PRO C 147 -4.05 22.95 -11.85
C PRO C 147 -4.82 22.01 -10.93
N ARG C 148 -4.35 21.90 -9.69
CA ARG C 148 -5.00 21.05 -8.70
C ARG C 148 -6.37 21.59 -8.33
N LEU C 149 -7.33 20.68 -8.12
CA LEU C 149 -8.64 21.06 -7.64
C LEU C 149 -8.57 21.31 -6.14
N ASN C 150 -9.39 22.22 -5.64
CA ASN C 150 -9.37 22.57 -4.23
C ASN C 150 -10.03 21.51 -3.35
N VAL C 151 -9.39 20.35 -3.27
CA VAL C 151 -9.88 19.22 -2.50
C VAL C 151 -8.70 18.50 -1.87
N PRO C 152 -8.95 17.74 -0.80
CA PRO C 152 -7.89 16.92 -0.20
C PRO C 152 -7.57 15.72 -1.08
N ASN C 153 -6.46 15.80 -1.81
CA ASN C 153 -6.01 14.68 -2.62
C ASN C 153 -4.60 14.29 -2.23
N PHE C 154 -4.40 13.02 -1.87
CA PHE C 154 -3.10 12.58 -1.40
C PHE C 154 -2.05 12.61 -2.49
N TYR C 155 -2.51 12.64 -3.74
CA TYR C 155 -1.61 12.86 -4.87
C TYR C 155 -0.85 14.17 -4.71
N HIS C 156 -1.53 15.20 -4.20
CA HIS C 156 -0.92 16.50 -4.00
C HIS C 156 0.20 16.42 -2.97
N ASP C 157 -0.10 15.79 -1.83
CA ASP C 157 0.88 15.64 -0.76
C ASP C 157 2.14 14.94 -1.26
N LEU C 158 1.97 13.85 -2.00
CA LEU C 158 3.11 13.10 -2.54
C LEU C 158 3.94 13.96 -3.48
N GLU C 159 3.27 14.72 -4.33
CA GLU C 159 3.96 15.62 -5.25
C GLU C 159 4.80 16.63 -4.50
N ASP C 160 4.19 17.28 -3.51
CA ASP C 160 4.88 18.29 -2.73
C ASP C 160 6.11 17.72 -2.03
N ILE C 161 5.95 16.56 -1.40
CA ILE C 161 7.06 15.86 -0.77
C ILE C 161 8.11 15.49 -1.82
N LEU C 162 7.63 15.11 -3.01
CA LEU C 162 8.52 14.76 -4.10
C LEU C 162 9.37 15.96 -4.53
N TYR C 163 8.71 17.08 -4.80
CA TYR C 163 9.40 18.29 -5.23
C TYR C 163 10.36 18.77 -4.16
N GLU C 164 9.92 18.69 -2.91
CA GLU C 164 10.69 19.17 -1.77
C GLU C 164 11.98 18.39 -1.55
N GLU C 165 11.87 17.07 -1.39
CA GLU C 165 13.02 16.24 -1.08
C GLU C 165 14.00 16.09 -2.25
N THR C 166 13.47 16.09 -3.47
CA THR C 166 14.33 16.03 -4.64
C THR C 166 15.04 17.37 -4.81
N GLY C 167 14.39 18.44 -4.36
CA GLY C 167 14.93 19.78 -4.46
C GLY C 167 16.01 20.07 -3.45
N LYS C 168 15.79 19.64 -2.20
CA LYS C 168 16.76 19.85 -1.13
C LYS C 168 18.07 19.16 -1.46
N ASN C 169 17.97 18.06 -2.21
CA ASN C 169 19.14 17.35 -2.68
C ASN C 169 19.32 17.61 -4.17
N ASN C 170 20.16 16.80 -4.83
CA ASN C 170 20.35 16.93 -6.26
C ASN C 170 19.69 15.80 -7.03
N LEU C 171 18.41 15.59 -6.76
CA LEU C 171 17.67 14.49 -7.36
C LEU C 171 16.68 14.98 -8.41
N THR C 172 16.51 14.18 -9.45
CA THR C 172 15.49 14.46 -10.47
C THR C 172 14.19 13.77 -10.05
N TRP C 173 13.08 14.24 -10.61
CA TRP C 173 11.78 13.68 -10.29
C TRP C 173 10.92 13.45 -11.52
N SER C 174 9.82 12.74 -11.34
CA SER C 174 8.87 12.51 -12.41
C SER C 174 7.54 12.02 -11.84
N VAL C 175 6.47 12.75 -12.13
CA VAL C 175 5.13 12.37 -11.70
C VAL C 175 4.44 11.64 -12.84
N HIS C 176 3.98 10.41 -12.56
CA HIS C 176 3.30 9.62 -13.57
C HIS C 176 1.83 9.46 -13.21
N ARG C 177 0.96 9.84 -14.14
CA ARG C 177 -0.48 9.75 -13.93
C ARG C 177 -1.12 8.80 -14.93
N PRO C 178 -1.03 7.49 -14.67
CA PRO C 178 -1.63 6.53 -15.59
C PRO C 178 -3.15 6.57 -15.51
N ALA C 179 -3.80 6.05 -16.53
CA ALA C 179 -5.24 5.89 -16.51
C ALA C 179 -5.55 4.52 -15.93
N LEU C 180 -6.78 4.04 -16.16
CA LEU C 180 -7.19 2.71 -15.74
C LEU C 180 -6.16 1.68 -16.19
N VAL C 181 -5.57 0.98 -15.23
CA VAL C 181 -4.49 0.05 -15.54
C VAL C 181 -5.00 -1.35 -15.85
N PHE C 182 -4.61 -1.86 -17.02
CA PHE C 182 -4.83 -3.25 -17.36
C PHE C 182 -3.62 -4.04 -16.91
N GLY C 183 -3.79 -4.88 -15.89
CA GLY C 183 -2.68 -5.59 -15.31
C GLY C 183 -2.96 -7.06 -15.01
N PHE C 184 -2.03 -7.70 -14.29
CA PHE C 184 -2.13 -9.12 -14.04
C PHE C 184 -2.01 -9.52 -12.57
N SER C 185 -1.68 -8.55 -11.71
CA SER C 185 -1.45 -8.83 -10.30
C SER C 185 -2.71 -9.31 -9.58
N PRO C 186 -2.60 -10.46 -8.90
CA PRO C 186 -3.71 -11.07 -8.16
C PRO C 186 -3.86 -10.47 -6.77
N CYS C 187 -2.96 -9.57 -6.40
CA CYS C 187 -3.02 -8.93 -5.09
C CYS C 187 -3.00 -7.40 -5.19
N SER C 188 -3.74 -6.87 -6.15
CA SER C 188 -3.94 -5.44 -6.26
C SER C 188 -5.33 -5.09 -5.74
N MET C 189 -5.48 -3.91 -5.17
CA MET C 189 -6.78 -3.49 -4.66
C MET C 189 -7.62 -2.88 -5.78
N MET C 190 -6.99 -2.66 -6.93
CA MET C 190 -7.69 -2.12 -8.10
C MET C 190 -7.17 -2.73 -9.40
N ASN C 191 -7.54 -3.98 -9.65
CA ASN C 191 -7.20 -4.64 -10.90
C ASN C 191 -8.48 -4.97 -11.66
N ILE C 192 -8.81 -4.14 -12.63
CA ILE C 192 -10.09 -4.25 -13.32
C ILE C 192 -10.21 -5.53 -14.14
N VAL C 193 -9.10 -5.95 -14.75
CA VAL C 193 -9.11 -7.12 -15.62
C VAL C 193 -9.31 -8.40 -14.82
N SER C 194 -8.59 -8.53 -13.72
CA SER C 194 -8.74 -9.67 -12.84
C SER C 194 -10.16 -9.71 -12.29
N THR C 195 -10.69 -8.54 -11.94
CA THR C 195 -12.05 -8.41 -11.43
C THR C 195 -13.08 -8.94 -12.42
N LEU C 196 -12.98 -8.48 -13.67
CA LEU C 196 -13.94 -8.89 -14.70
C LEU C 196 -13.72 -10.34 -15.11
N CYS C 197 -12.47 -10.79 -15.07
CA CYS C 197 -12.16 -12.18 -15.40
C CYS C 197 -12.76 -13.13 -14.37
N VAL C 198 -12.62 -12.78 -13.10
CA VAL C 198 -13.17 -13.59 -12.01
C VAL C 198 -14.69 -13.67 -12.12
N TYR C 199 -15.31 -12.53 -12.42
CA TYR C 199 -16.76 -12.48 -12.61
C TYR C 199 -17.20 -13.39 -13.75
N ALA C 200 -16.43 -13.37 -14.84
CA ALA C 200 -16.72 -14.24 -15.98
C ALA C 200 -16.56 -15.69 -15.61
N THR C 201 -15.53 -15.98 -14.80
CA THR C 201 -15.27 -17.34 -14.36
C THR C 201 -16.45 -17.89 -13.55
N ILE C 202 -17.03 -17.06 -12.70
CA ILE C 202 -18.15 -17.46 -11.85
C ILE C 202 -19.44 -17.64 -12.66
N CYS C 203 -19.68 -16.73 -13.59
CA CYS C 203 -20.84 -16.84 -14.48
C CYS C 203 -20.76 -18.13 -15.29
N LYS C 204 -19.54 -18.49 -15.67
CA LYS C 204 -19.31 -19.71 -16.42
C LYS C 204 -19.51 -20.92 -15.53
N HIS C 205 -18.99 -20.82 -14.31
CA HIS C 205 -19.07 -21.90 -13.33
C HIS C 205 -20.51 -22.26 -13.00
N GLU C 206 -21.39 -21.26 -13.01
CA GLU C 206 -22.77 -21.46 -12.63
C GLU C 206 -23.69 -21.60 -13.84
N ASN C 207 -23.10 -21.77 -15.01
CA ASN C 207 -23.85 -21.88 -16.26
C ASN C 207 -24.82 -20.73 -16.51
N LYS C 208 -24.39 -19.51 -16.15
CA LYS C 208 -25.17 -18.32 -16.42
C LYS C 208 -24.47 -17.46 -17.46
N ALA C 209 -25.14 -16.40 -17.90
CA ALA C 209 -24.59 -15.52 -18.92
C ALA C 209 -23.75 -14.41 -18.30
N LEU C 210 -22.87 -13.83 -19.11
CA LEU C 210 -22.05 -12.70 -18.68
C LEU C 210 -22.87 -11.41 -18.77
N VAL C 211 -23.56 -11.08 -17.69
CA VAL C 211 -24.47 -9.94 -17.69
C VAL C 211 -23.77 -8.64 -17.31
N TYR C 212 -23.93 -7.62 -18.16
CA TYR C 212 -23.34 -6.32 -17.91
C TYR C 212 -24.13 -5.55 -16.86
N PRO C 213 -23.50 -5.27 -15.72
CA PRO C 213 -24.19 -4.64 -14.58
C PRO C 213 -24.04 -3.12 -14.55
N GLY C 214 -23.38 -2.55 -15.55
CA GLY C 214 -23.09 -1.13 -15.56
C GLY C 214 -24.18 -0.24 -16.13
N SER C 215 -23.85 1.02 -16.36
CA SER C 215 -24.80 2.01 -16.86
C SER C 215 -24.78 2.10 -18.39
N LYS C 216 -25.66 2.92 -18.93
CA LYS C 216 -25.77 3.09 -20.38
C LYS C 216 -24.59 3.89 -20.92
N ASN C 217 -24.25 4.97 -20.23
CA ASN C 217 -23.16 5.84 -20.66
C ASN C 217 -21.82 5.11 -20.70
N SER C 218 -21.46 4.44 -19.61
CA SER C 218 -20.20 3.71 -19.54
C SER C 218 -20.14 2.56 -20.54
N TRP C 219 -21.31 2.18 -21.06
CA TRP C 219 -21.40 1.13 -22.06
C TRP C 219 -21.11 1.66 -23.45
N ASN C 220 -21.39 2.94 -23.68
CA ASN C 220 -21.27 3.51 -25.02
C ASN C 220 -20.18 4.57 -25.18
N CYS C 221 -19.81 5.22 -24.08
CA CYS C 221 -18.81 6.29 -24.12
C CYS C 221 -17.43 5.75 -24.46
N TYR C 222 -16.56 6.64 -24.90
CA TYR C 222 -15.16 6.30 -25.11
C TYR C 222 -14.45 6.28 -23.78
N ALA C 223 -13.61 5.27 -23.58
CA ALA C 223 -12.84 5.15 -22.35
C ALA C 223 -11.38 4.89 -22.71
N ASP C 224 -10.48 5.22 -21.78
CA ASP C 224 -9.06 4.97 -22.01
C ASP C 224 -8.46 4.15 -20.88
N ALA C 225 -7.47 3.34 -21.21
CA ALA C 225 -6.79 2.52 -20.23
C ALA C 225 -5.29 2.55 -20.49
N VAL C 226 -4.53 1.83 -19.69
CA VAL C 226 -3.10 1.73 -19.89
C VAL C 226 -2.55 0.38 -19.46
N ASP C 227 -1.79 -0.25 -20.34
CA ASP C 227 -1.15 -1.52 -20.05
C ASP C 227 -0.13 -1.31 -18.93
N ALA C 228 -0.09 -2.24 -17.99
CA ALA C 228 0.84 -2.15 -16.86
C ALA C 228 2.29 -2.16 -17.31
N ASP C 229 2.59 -2.96 -18.33
CA ASP C 229 3.94 -3.01 -18.88
C ASP C 229 4.32 -1.66 -19.48
N LEU C 230 3.33 -0.99 -20.07
CA LEU C 230 3.55 0.33 -20.66
C LEU C 230 3.86 1.38 -19.58
N VAL C 231 3.20 1.26 -18.44
CA VAL C 231 3.47 2.16 -17.31
C VAL C 231 4.91 1.96 -16.84
N ALA C 232 5.34 0.71 -16.82
CA ALA C 232 6.72 0.39 -16.47
C ALA C 232 7.68 1.04 -17.45
N GLU C 233 7.41 0.86 -18.74
CA GLU C 233 8.25 1.45 -19.79
C GLU C 233 8.29 2.97 -19.66
N HIS C 234 7.14 3.55 -19.36
CA HIS C 234 7.01 5.00 -19.23
C HIS C 234 7.81 5.53 -18.05
N GLU C 235 7.77 4.80 -16.95
CA GLU C 235 8.48 5.21 -15.74
C GLU C 235 9.98 4.99 -15.86
N ILE C 236 10.37 3.90 -16.53
CA ILE C 236 11.77 3.64 -16.80
C ILE C 236 12.31 4.71 -17.77
N TRP C 237 11.48 5.09 -18.73
CA TRP C 237 11.84 6.13 -19.68
C TRP C 237 12.15 7.45 -18.99
N ALA C 238 11.29 7.86 -18.07
CA ALA C 238 11.50 9.12 -17.36
C ALA C 238 12.62 9.04 -16.33
N ALA C 239 13.16 7.84 -16.13
CA ALA C 239 14.20 7.62 -15.14
C ALA C 239 15.59 7.63 -15.77
N VAL C 240 15.67 7.47 -17.09
CA VAL C 240 16.96 7.42 -17.77
C VAL C 240 17.11 8.49 -18.85
N ASP C 241 15.99 9.07 -19.27
CA ASP C 241 16.00 10.07 -20.34
C ASP C 241 15.97 11.47 -19.76
N PRO C 242 16.98 12.30 -20.13
CA PRO C 242 17.05 13.70 -19.70
C PRO C 242 15.83 14.51 -20.14
N LYS C 243 15.25 14.16 -21.28
CA LYS C 243 14.11 14.89 -21.82
C LYS C 243 12.87 14.76 -20.95
N ALA C 244 12.84 13.76 -20.08
CA ALA C 244 11.66 13.47 -19.28
C ALA C 244 11.86 13.81 -17.80
N LYS C 245 13.08 14.15 -17.42
CA LYS C 245 13.37 14.48 -16.03
C LYS C 245 12.61 15.73 -15.61
N ASN C 246 12.18 15.75 -14.34
CA ASN C 246 11.46 16.89 -13.77
C ASN C 246 10.20 17.25 -14.55
N GLN C 247 9.41 16.24 -14.90
CA GLN C 247 8.20 16.44 -15.69
C GLN C 247 7.01 15.70 -15.12
N VAL C 248 5.83 16.27 -15.30
CA VAL C 248 4.58 15.59 -14.96
C VAL C 248 4.02 14.99 -16.25
N LEU C 249 3.75 13.69 -16.23
CA LEU C 249 3.40 12.96 -17.44
C LEU C 249 2.22 12.01 -17.26
N ASN C 250 1.20 12.16 -18.10
CA ASN C 250 0.11 11.18 -18.18
C ASN C 250 0.63 9.87 -18.77
N CYS C 251 -0.15 8.81 -18.66
CA CYS C 251 0.27 7.53 -19.21
C CYS C 251 -0.90 6.63 -19.59
N ASN C 252 -1.21 6.60 -20.88
CA ASN C 252 -2.21 5.66 -21.39
C ASN C 252 -1.73 4.99 -22.67
N ASN C 253 -2.53 4.06 -23.19
CA ASN C 253 -2.15 3.26 -24.36
C ASN C 253 -2.06 4.06 -25.66
N GLY C 254 -2.69 5.23 -25.69
CA GLY C 254 -2.66 6.07 -26.87
C GLY C 254 -3.90 5.94 -27.73
N ASP C 255 -4.79 5.03 -27.35
CA ASP C 255 -6.03 4.83 -28.08
C ASP C 255 -7.23 4.83 -27.14
N VAL C 256 -8.43 4.74 -27.71
CA VAL C 256 -9.64 4.68 -26.91
C VAL C 256 -10.39 3.38 -27.20
N PHE C 257 -11.25 2.98 -26.27
CA PHE C 257 -12.08 1.80 -26.48
C PHE C 257 -13.48 2.03 -25.92
N LYS C 258 -14.32 1.00 -26.02
CA LYS C 258 -15.65 1.03 -25.43
C LYS C 258 -15.88 -0.25 -24.65
N TRP C 259 -16.55 -0.15 -23.51
CA TRP C 259 -16.81 -1.31 -22.66
C TRP C 259 -17.72 -2.32 -23.36
N LYS C 260 -18.52 -1.85 -24.31
CA LYS C 260 -19.40 -2.73 -25.07
C LYS C 260 -18.59 -3.67 -25.95
N HIS C 261 -17.42 -3.22 -26.37
CA HIS C 261 -16.55 -4.03 -27.22
C HIS C 261 -15.63 -4.90 -26.38
N ILE C 262 -15.33 -4.42 -25.17
CA ILE C 262 -14.53 -5.19 -24.23
C ILE C 262 -15.36 -6.34 -23.68
N TRP C 263 -16.62 -6.03 -23.35
CA TRP C 263 -17.52 -7.01 -22.75
C TRP C 263 -17.76 -8.18 -23.70
N LYS C 264 -17.72 -7.90 -25.00
CA LYS C 264 -17.90 -8.95 -26.00
C LYS C 264 -16.70 -9.87 -26.06
N LYS C 265 -15.50 -9.30 -26.02
CA LYS C 265 -14.27 -10.10 -26.01
C LYS C 265 -14.16 -10.92 -24.73
N LEU C 266 -14.65 -10.36 -23.63
CA LEU C 266 -14.61 -11.07 -22.35
C LEU C 266 -15.44 -12.33 -22.41
N ALA C 267 -16.60 -12.24 -23.04
CA ALA C 267 -17.46 -13.39 -23.23
C ALA C 267 -16.85 -14.39 -24.22
N GLU C 268 -16.16 -13.85 -25.22
CA GLU C 268 -15.53 -14.70 -26.23
C GLU C 268 -14.37 -15.50 -25.65
N GLU C 269 -13.56 -14.85 -24.82
CA GLU C 269 -12.42 -15.53 -24.21
C GLU C 269 -12.83 -16.55 -23.16
N PHE C 270 -14.11 -16.56 -22.80
CA PHE C 270 -14.63 -17.51 -21.84
C PHE C 270 -15.66 -18.45 -22.44
N GLY C 271 -16.01 -18.21 -23.71
CA GLY C 271 -16.89 -19.08 -24.45
C GLY C 271 -18.30 -19.17 -23.91
N ILE C 272 -18.79 -18.06 -23.36
CA ILE C 272 -20.14 -18.03 -22.81
C ILE C 272 -20.96 -16.94 -23.50
N GLU C 273 -22.28 -17.03 -23.39
CA GLU C 273 -23.15 -16.01 -23.96
C GLU C 273 -23.17 -14.78 -23.06
N MET C 274 -23.15 -13.60 -23.66
CA MET C 274 -23.18 -12.37 -22.89
C MET C 274 -24.53 -11.69 -22.97
N VAL C 275 -24.85 -10.91 -21.94
CA VAL C 275 -26.00 -10.02 -21.98
C VAL C 275 -25.51 -8.59 -21.87
N GLY C 276 -25.47 -7.90 -23.00
CA GLY C 276 -25.01 -6.53 -23.03
C GLY C 276 -25.95 -5.59 -22.32
N TYR C 277 -25.73 -4.29 -22.49
CA TYR C 277 -26.61 -3.32 -21.86
C TYR C 277 -28.02 -3.44 -22.44
N VAL C 278 -29.01 -3.33 -21.57
CA VAL C 278 -30.40 -3.37 -21.99
C VAL C 278 -31.06 -2.01 -21.73
N GLU C 279 -31.71 -1.48 -22.74
CA GLU C 279 -32.37 -0.18 -22.64
C GLU C 279 -33.40 -0.17 -21.51
N GLY C 280 -33.39 0.89 -20.72
CA GLY C 280 -34.32 1.04 -19.62
C GLY C 280 -33.76 0.52 -18.32
N LYS C 281 -32.97 -0.55 -18.40
CA LYS C 281 -32.36 -1.16 -17.24
C LYS C 281 -31.32 -0.23 -16.66
N GLU C 282 -31.17 -0.22 -15.34
CA GLU C 282 -30.19 0.64 -14.68
C GLU C 282 -29.04 -0.16 -14.08
N GLN C 283 -27.97 0.56 -13.72
CA GLN C 283 -26.75 -0.08 -13.23
C GLN C 283 -26.98 -0.89 -11.95
N VAL C 284 -26.56 -2.15 -11.99
CA VAL C 284 -26.64 -3.02 -10.84
C VAL C 284 -25.28 -3.14 -10.18
N SER C 285 -25.25 -3.01 -8.86
CA SER C 285 -24.01 -3.13 -8.10
C SER C 285 -23.41 -4.53 -8.25
N LEU C 286 -22.28 -4.61 -8.94
CA LEU C 286 -21.60 -5.88 -9.18
C LEU C 286 -21.07 -6.44 -7.87
N ALA C 287 -20.83 -5.56 -6.91
CA ALA C 287 -20.33 -5.97 -5.61
C ALA C 287 -21.35 -6.84 -4.86
N GLU C 288 -22.56 -6.32 -4.69
CA GLU C 288 -23.61 -7.06 -4.01
C GLU C 288 -24.05 -8.26 -4.85
N LEU C 289 -23.94 -8.12 -6.16
CA LEU C 289 -24.27 -9.21 -7.07
C LEU C 289 -23.27 -10.35 -6.89
N MET C 290 -22.06 -10.00 -6.46
CA MET C 290 -21.01 -10.98 -6.23
C MET C 290 -20.68 -11.14 -4.75
N LYS C 291 -21.55 -10.62 -3.88
CA LYS C 291 -21.32 -10.76 -2.45
C LYS C 291 -21.71 -12.17 -2.01
N ASP C 292 -21.08 -12.65 -0.95
CA ASP C 292 -21.29 -14.01 -0.46
C ASP C 292 -21.04 -15.03 -1.56
N LYS C 293 -19.96 -14.81 -2.31
CA LYS C 293 -19.63 -15.66 -3.45
C LYS C 293 -18.23 -16.23 -3.28
N ASP C 294 -17.65 -16.03 -2.11
CA ASP C 294 -16.28 -16.47 -1.83
C ASP C 294 -16.17 -17.99 -1.81
N GLN C 295 -17.19 -18.65 -1.27
CA GLN C 295 -17.20 -20.11 -1.23
C GLN C 295 -17.16 -20.67 -2.65
N VAL C 296 -17.82 -19.98 -3.56
CA VAL C 296 -17.85 -20.41 -4.95
C VAL C 296 -16.48 -20.21 -5.58
N TRP C 297 -15.79 -19.13 -5.21
CA TRP C 297 -14.46 -18.87 -5.73
C TRP C 297 -13.46 -19.89 -5.18
N ASP C 298 -13.57 -20.19 -3.88
CA ASP C 298 -12.75 -21.21 -3.26
C ASP C 298 -12.97 -22.56 -3.93
N GLU C 299 -14.21 -22.79 -4.38
CA GLU C 299 -14.55 -23.98 -5.14
C GLU C 299 -13.85 -24.00 -6.49
N ILE C 300 -13.85 -22.85 -7.16
CA ILE C 300 -13.24 -22.74 -8.48
C ILE C 300 -11.72 -22.89 -8.41
N VAL C 301 -11.10 -22.18 -7.47
CA VAL C 301 -9.65 -22.23 -7.27
C VAL C 301 -9.16 -23.66 -7.04
N LYS C 302 -9.93 -24.41 -6.27
CA LYS C 302 -9.57 -25.79 -5.95
C LYS C 302 -9.86 -26.76 -7.11
N LYS C 303 -11.02 -26.59 -7.74
CA LYS C 303 -11.41 -27.48 -8.83
C LYS C 303 -10.53 -27.33 -10.07
N ASN C 304 -10.02 -26.12 -10.31
CA ASN C 304 -9.18 -25.85 -11.47
C ASN C 304 -7.69 -25.78 -11.13
N ASN C 305 -7.37 -26.09 -9.88
CA ASN C 305 -6.01 -25.98 -9.37
C ASN C 305 -5.38 -24.62 -9.68
N LEU C 306 -5.98 -23.57 -9.13
CA LEU C 306 -5.48 -22.22 -9.32
C LEU C 306 -4.65 -21.80 -8.13
N VAL C 307 -3.84 -20.78 -8.32
CA VAL C 307 -3.06 -20.21 -7.22
C VAL C 307 -4.04 -19.63 -6.21
N PRO C 308 -4.03 -20.19 -4.98
CA PRO C 308 -4.99 -19.85 -3.93
C PRO C 308 -5.03 -18.35 -3.62
N THR C 309 -6.07 -17.69 -4.13
CA THR C 309 -6.33 -16.29 -3.80
C THR C 309 -7.74 -16.18 -3.26
N LYS C 310 -7.96 -15.23 -2.36
CA LYS C 310 -9.30 -15.00 -1.83
C LYS C 310 -10.01 -13.96 -2.70
N LEU C 311 -11.33 -14.09 -2.81
CA LEU C 311 -12.14 -13.25 -3.68
C LEU C 311 -12.02 -11.76 -3.37
N LYS C 312 -11.73 -11.45 -2.10
CA LYS C 312 -11.58 -10.05 -1.68
C LYS C 312 -10.21 -9.53 -2.06
N GLU C 313 -9.32 -10.44 -2.43
CA GLU C 313 -7.92 -10.12 -2.61
C GLU C 313 -7.55 -9.95 -4.07
N ILE C 314 -8.32 -10.57 -4.95
CA ILE C 314 -8.01 -10.56 -6.38
C ILE C 314 -9.02 -9.77 -7.19
N ALA C 315 -10.21 -9.58 -6.63
CA ALA C 315 -11.27 -8.89 -7.33
C ALA C 315 -11.79 -7.68 -6.55
N ALA C 316 -12.09 -6.61 -7.28
CA ALA C 316 -12.63 -5.41 -6.69
C ALA C 316 -13.87 -4.97 -7.46
N PHE C 317 -15.01 -5.60 -7.15
CA PHE C 317 -16.24 -5.32 -7.88
C PHE C 317 -16.74 -3.91 -7.64
N TRP C 318 -16.35 -3.33 -6.52
CA TRP C 318 -16.70 -1.95 -6.22
C TRP C 318 -16.00 -1.03 -7.21
N PHE C 319 -14.80 -1.42 -7.61
CA PHE C 319 -13.98 -0.66 -8.52
C PHE C 319 -14.54 -0.76 -9.93
N ALA C 320 -15.13 -1.92 -10.24
CA ALA C 320 -15.82 -2.13 -11.51
C ALA C 320 -17.07 -1.27 -11.58
N ASP C 321 -17.80 -1.21 -10.46
CA ASP C 321 -19.01 -0.40 -10.37
C ASP C 321 -18.72 1.05 -10.64
N ILE C 322 -17.56 1.51 -10.18
CA ILE C 322 -17.14 2.89 -10.39
C ILE C 322 -16.81 3.13 -11.86
N ALA C 323 -16.08 2.21 -12.46
CA ALA C 323 -15.72 2.33 -13.86
C ALA C 323 -16.96 2.26 -14.75
N PHE C 324 -18.02 1.64 -14.23
CA PHE C 324 -19.26 1.46 -14.97
C PHE C 324 -20.28 2.55 -14.65
N CYS C 325 -19.87 3.53 -13.87
CA CYS C 325 -20.70 4.70 -13.64
C CYS C 325 -19.94 5.95 -14.06
N SER C 326 -18.89 5.75 -14.85
CA SER C 326 -18.01 6.84 -15.24
C SER C 326 -18.03 7.07 -16.74
N GLU C 327 -17.69 8.30 -17.14
CA GLU C 327 -17.50 8.64 -18.54
C GLU C 327 -16.73 9.96 -18.60
N ASN C 328 -16.29 10.33 -19.80
CA ASN C 328 -15.60 11.59 -20.02
C ASN C 328 -14.35 11.72 -19.15
N LEU C 329 -13.53 10.68 -19.10
CA LEU C 329 -12.34 10.67 -18.27
C LEU C 329 -11.07 10.37 -19.05
N ILE C 330 -11.03 10.80 -20.30
CA ILE C 330 -9.89 10.52 -21.18
C ILE C 330 -8.74 11.49 -20.96
N SER C 331 -7.53 10.95 -20.84
CA SER C 331 -6.33 11.76 -20.67
C SER C 331 -5.56 11.89 -21.98
N SER C 332 -4.63 12.83 -22.02
CA SER C 332 -3.84 13.08 -23.22
C SER C 332 -2.42 12.55 -23.09
N MET C 333 -1.89 12.00 -24.17
CA MET C 333 -0.52 11.50 -24.18
C MET C 333 0.37 12.34 -25.08
N ASN C 334 -0.16 13.49 -25.51
CA ASN C 334 0.59 14.36 -26.40
C ASN C 334 1.90 14.85 -25.81
N LYS C 335 1.91 15.11 -24.51
CA LYS C 335 3.12 15.61 -23.86
C LYS C 335 4.25 14.59 -23.95
N SER C 336 3.99 13.37 -23.51
CA SER C 336 4.99 12.31 -23.54
C SER C 336 5.48 12.03 -24.97
N LYS C 337 4.55 12.10 -25.92
CA LYS C 337 4.89 11.92 -27.32
C LYS C 337 5.89 12.98 -27.77
N GLU C 338 5.55 14.24 -27.51
CA GLU C 338 6.39 15.37 -27.92
C GLU C 338 7.75 15.33 -27.24
N LEU C 339 7.84 14.63 -26.11
CA LEU C 339 9.09 14.51 -25.38
C LEU C 339 9.91 13.33 -25.89
N GLY C 340 9.30 12.51 -26.74
CA GLY C 340 10.02 11.42 -27.38
C GLY C 340 9.53 10.02 -27.07
N PHE C 341 8.63 9.91 -26.10
CA PHE C 341 8.11 8.60 -25.71
C PHE C 341 7.12 8.08 -26.73
N LEU C 342 7.48 6.99 -27.42
CA LEU C 342 6.65 6.46 -28.49
C LEU C 342 5.97 5.15 -28.11
N GLY C 343 5.93 4.87 -26.81
CA GLY C 343 5.28 3.66 -26.32
C GLY C 343 3.77 3.74 -26.44
N PHE C 344 3.16 2.64 -26.86
CA PHE C 344 1.72 2.59 -27.04
C PHE C 344 1.27 1.13 -26.93
N ARG C 345 -0.04 0.93 -26.80
CA ARG C 345 -0.62 -0.39 -26.83
C ARG C 345 -1.99 -0.33 -27.49
N ASN C 346 -2.35 -1.41 -28.18
CA ASN C 346 -3.73 -1.62 -28.57
C ASN C 346 -4.48 -2.08 -27.32
N SER C 347 -5.34 -1.22 -26.77
CA SER C 347 -6.03 -1.50 -25.52
C SER C 347 -6.87 -2.78 -25.59
N MET C 348 -7.45 -3.04 -26.75
CA MET C 348 -8.22 -4.26 -26.96
C MET C 348 -7.29 -5.48 -26.89
N LYS C 349 -6.14 -5.40 -27.55
CA LYS C 349 -5.15 -6.47 -27.48
C LYS C 349 -4.57 -6.55 -26.07
N SER C 350 -4.35 -5.40 -25.46
CA SER C 350 -3.80 -5.34 -24.11
C SER C 350 -4.68 -6.06 -23.10
N PHE C 351 -5.99 -5.92 -23.29
CA PHE C 351 -6.97 -6.55 -22.41
C PHE C 351 -6.89 -8.06 -22.53
N VAL C 352 -6.92 -8.56 -23.76
CA VAL C 352 -6.80 -9.98 -24.02
C VAL C 352 -5.44 -10.49 -23.54
N SER C 353 -4.42 -9.67 -23.72
CA SER C 353 -3.07 -10.01 -23.28
C SER C 353 -3.01 -10.20 -21.77
N CYS C 354 -3.79 -9.40 -21.04
CA CYS C 354 -3.82 -9.50 -19.59
C CYS C 354 -4.57 -10.73 -19.13
N ILE C 355 -5.65 -11.07 -19.84
CA ILE C 355 -6.41 -12.28 -19.57
C ILE C 355 -5.52 -13.49 -19.76
N ASP C 356 -4.78 -13.50 -20.87
CA ASP C 356 -3.91 -14.62 -21.19
C ASP C 356 -2.78 -14.77 -20.17
N LYS C 357 -2.27 -13.65 -19.67
CA LYS C 357 -1.14 -13.69 -18.74
C LYS C 357 -1.54 -14.28 -17.40
N MET C 358 -2.70 -13.86 -16.88
CA MET C 358 -3.22 -14.42 -15.64
C MET C 358 -3.65 -15.87 -15.85
N ARG C 359 -3.82 -16.25 -17.11
CA ARG C 359 -4.07 -17.65 -17.43
C ARG C 359 -2.77 -18.44 -17.47
N ASP C 360 -1.66 -17.72 -17.58
CA ASP C 360 -0.35 -18.36 -17.56
C ASP C 360 0.14 -18.54 -16.14
N TYR C 361 -0.17 -17.57 -15.28
CA TYR C 361 0.33 -17.58 -13.92
C TYR C 361 -0.63 -18.34 -13.00
N ARG C 362 -1.60 -19.01 -13.62
CA ARG C 362 -2.55 -19.88 -12.90
C ARG C 362 -3.44 -19.15 -11.90
N PHE C 363 -3.65 -17.85 -12.11
CA PHE C 363 -4.63 -17.11 -11.33
C PHE C 363 -6.00 -17.42 -11.90
N ILE C 364 -6.01 -17.80 -13.18
CA ILE C 364 -7.15 -18.32 -13.90
C ILE C 364 -6.47 -19.40 -14.75
N PRO C 365 -7.17 -20.53 -15.05
CA PRO C 365 -6.57 -21.67 -15.77
C PRO C 365 -5.49 -21.34 -16.79
N MET D 1 16.16 7.47 -62.39
CA MET D 1 14.86 7.60 -63.02
C MET D 1 14.80 8.82 -63.93
N ALA D 2 14.45 9.96 -63.36
CA ALA D 2 14.34 11.20 -64.13
C ALA D 2 15.39 12.20 -63.66
N LYS D 3 16.03 12.89 -64.61
CA LYS D 3 17.10 13.83 -64.32
C LYS D 3 18.14 13.21 -63.39
N SER D 4 17.86 13.26 -62.09
CA SER D 4 18.68 12.60 -61.09
C SER D 4 17.80 12.32 -59.87
N TYR D 5 16.50 12.23 -60.09
CA TYR D 5 15.55 11.94 -59.03
C TYR D 5 15.50 10.45 -58.71
N LYS D 6 15.13 10.12 -57.47
CA LYS D 6 14.98 8.74 -57.06
C LYS D 6 13.54 8.29 -57.31
N SER D 7 12.61 9.20 -57.06
CA SER D 7 11.19 8.90 -57.22
C SER D 7 10.46 10.06 -57.89
N VAL D 8 9.45 9.73 -58.68
CA VAL D 8 8.65 10.73 -59.36
C VAL D 8 7.17 10.56 -59.01
N ALA D 9 6.60 11.60 -58.39
CA ALA D 9 5.23 11.51 -57.91
C ALA D 9 4.22 12.15 -58.86
N LEU D 10 3.00 11.63 -58.81
CA LEU D 10 1.89 12.21 -59.56
C LEU D 10 0.75 12.51 -58.60
N VAL D 11 0.69 13.76 -58.13
CA VAL D 11 -0.33 14.17 -57.18
C VAL D 11 -1.59 14.62 -57.88
N VAL D 12 -2.61 13.77 -57.85
CA VAL D 12 -3.88 14.09 -58.47
C VAL D 12 -4.79 14.80 -57.48
N GLY D 13 -4.84 16.12 -57.59
CA GLY D 13 -5.56 16.95 -56.63
C GLY D 13 -4.57 17.81 -55.88
N VAL D 14 -3.66 18.43 -56.64
CA VAL D 14 -2.55 19.17 -56.05
C VAL D 14 -3.00 20.46 -55.38
N THR D 15 -4.18 20.96 -55.75
CA THR D 15 -4.71 22.16 -55.12
C THR D 15 -5.56 21.79 -53.90
N GLY D 16 -5.68 20.49 -53.67
CA GLY D 16 -6.51 19.97 -52.60
C GLY D 16 -5.95 20.20 -51.21
N ILE D 17 -6.75 19.90 -50.21
CA ILE D 17 -6.37 20.13 -48.82
C ILE D 17 -5.22 19.21 -48.39
N VAL D 18 -5.06 18.09 -49.09
CA VAL D 18 -3.98 17.16 -48.81
C VAL D 18 -2.90 17.24 -49.90
N GLY D 19 -3.34 17.37 -51.15
CA GLY D 19 -2.43 17.52 -52.27
C GLY D 19 -1.48 18.68 -52.11
N SER D 20 -1.93 19.74 -51.42
CA SER D 20 -1.09 20.89 -51.16
C SER D 20 0.02 20.57 -50.17
N SER D 21 -0.26 19.67 -49.21
CA SER D 21 0.76 19.21 -48.28
C SER D 21 1.80 18.37 -49.01
N LEU D 22 1.31 17.48 -49.86
CA LEU D 22 2.18 16.65 -50.69
C LEU D 22 3.06 17.51 -51.59
N ALA D 23 2.54 18.66 -51.99
CA ALA D 23 3.28 19.58 -52.85
C ALA D 23 4.44 20.22 -52.10
N GLU D 24 4.44 20.06 -50.78
CA GLU D 24 5.47 20.63 -49.94
C GLU D 24 6.33 19.54 -49.32
N VAL D 25 5.68 18.54 -48.73
CA VAL D 25 6.38 17.46 -48.03
C VAL D 25 7.28 16.65 -48.97
N LEU D 26 6.81 16.39 -50.19
CA LEU D 26 7.56 15.59 -51.15
C LEU D 26 8.88 16.25 -51.57
N LYS D 27 8.89 17.58 -51.64
CA LYS D 27 10.07 18.29 -52.14
C LYS D 27 11.12 18.51 -51.07
N LEU D 28 10.83 18.07 -49.84
CA LEU D 28 11.78 18.17 -48.74
C LEU D 28 12.88 17.14 -48.90
N PRO D 29 14.12 17.51 -48.52
CA PRO D 29 15.25 16.59 -48.66
C PRO D 29 15.20 15.48 -47.62
N ASP D 30 14.46 15.70 -46.53
CA ASP D 30 14.36 14.72 -45.45
C ASP D 30 13.25 13.70 -45.70
N THR D 31 12.59 13.82 -46.85
CA THR D 31 11.45 12.96 -47.17
C THR D 31 11.90 11.64 -47.80
N PRO D 32 11.45 10.51 -47.23
CA PRO D 32 11.77 9.16 -47.69
C PRO D 32 11.44 8.96 -49.17
N GLY D 33 12.37 8.36 -49.90
CA GLY D 33 12.18 8.14 -51.33
C GLY D 33 12.69 9.33 -52.13
N GLY D 34 13.22 10.32 -51.43
CA GLY D 34 13.75 11.51 -52.07
C GLY D 34 15.05 11.23 -52.81
N PRO D 35 15.45 12.14 -53.71
CA PRO D 35 14.74 13.39 -54.05
C PRO D 35 13.55 13.15 -54.97
N TRP D 36 12.44 13.81 -54.68
CA TRP D 36 11.19 13.59 -55.40
C TRP D 36 10.97 14.60 -56.52
N LYS D 37 10.50 14.09 -57.67
CA LYS D 37 9.98 14.93 -58.72
C LYS D 37 8.47 14.86 -58.62
N VAL D 38 7.81 16.00 -58.72
CA VAL D 38 6.37 16.06 -58.49
C VAL D 38 5.57 16.62 -59.66
N TYR D 39 4.64 15.81 -60.18
CA TYR D 39 3.66 16.28 -61.14
C TYR D 39 2.37 16.58 -60.42
N GLY D 40 1.96 17.85 -60.43
CA GLY D 40 0.72 18.24 -59.77
C GLY D 40 -0.43 18.35 -60.77
N VAL D 41 -1.57 17.75 -60.42
CA VAL D 41 -2.71 17.75 -61.32
C VAL D 41 -3.97 18.34 -60.69
N ALA D 42 -4.55 19.32 -61.38
CA ALA D 42 -5.81 19.93 -60.96
C ALA D 42 -6.56 20.45 -62.18
N ARG D 43 -7.79 20.91 -61.98
CA ARG D 43 -8.64 21.36 -63.09
C ARG D 43 -8.48 22.85 -63.36
N ARG D 44 -8.42 23.64 -62.30
CA ARG D 44 -8.26 25.09 -62.44
C ARG D 44 -6.87 25.38 -62.97
N PRO D 45 -6.69 26.56 -63.57
CA PRO D 45 -5.32 26.98 -63.92
C PRO D 45 -4.50 27.18 -62.65
N CYS D 46 -3.19 26.98 -62.75
CA CYS D 46 -2.30 27.05 -61.60
C CYS D 46 -2.41 28.38 -60.85
N PRO D 47 -2.77 28.32 -59.56
CA PRO D 47 -2.88 29.49 -58.70
C PRO D 47 -1.53 30.16 -58.50
N VAL D 48 -1.53 31.38 -57.98
CA VAL D 48 -0.31 32.15 -57.78
C VAL D 48 0.62 31.45 -56.79
N TRP D 49 0.06 31.00 -55.67
CA TRP D 49 0.84 30.37 -54.62
C TRP D 49 1.47 29.05 -55.07
N LEU D 50 0.72 28.25 -55.82
CA LEU D 50 1.22 26.96 -56.29
C LEU D 50 2.30 27.14 -57.35
N ALA D 51 2.29 28.30 -58.00
CA ALA D 51 3.27 28.61 -59.03
C ALA D 51 4.64 28.87 -58.43
N LYS D 52 4.67 29.10 -57.12
CA LYS D 52 5.91 29.33 -56.41
C LYS D 52 6.49 28.01 -55.90
N LYS D 53 5.80 26.91 -56.19
CA LYS D 53 6.25 25.58 -55.79
C LYS D 53 7.03 24.90 -56.90
N PRO D 54 8.12 24.21 -56.55
CA PRO D 54 8.87 23.39 -57.51
C PRO D 54 8.08 22.14 -57.90
N VAL D 55 6.92 22.34 -58.52
CA VAL D 55 6.03 21.26 -58.92
C VAL D 55 5.58 21.49 -60.35
N GLU D 56 5.79 20.50 -61.21
CA GLU D 56 5.28 20.58 -62.57
C GLU D 56 3.77 20.52 -62.55
N TYR D 57 3.13 21.68 -62.72
CA TYR D 57 1.67 21.74 -62.70
C TYR D 57 1.08 21.27 -64.02
N ILE D 58 -0.03 20.54 -63.93
CA ILE D 58 -0.72 20.06 -65.12
C ILE D 58 -2.20 20.34 -65.01
N GLN D 59 -2.68 21.32 -65.79
CA GLN D 59 -4.09 21.67 -65.79
C GLN D 59 -4.86 20.65 -66.62
N CYS D 60 -5.53 19.72 -65.95
CA CYS D 60 -6.22 18.65 -66.66
C CYS D 60 -7.59 18.37 -66.05
N ASP D 61 -8.56 18.13 -66.92
CA ASP D 61 -9.88 17.67 -66.47
C ASP D 61 -9.90 16.15 -66.49
N VAL D 62 -9.75 15.55 -65.32
CA VAL D 62 -9.61 14.10 -65.21
C VAL D 62 -10.91 13.36 -65.55
N SER D 63 -12.03 14.07 -65.49
CA SER D 63 -13.30 13.48 -65.90
C SER D 63 -13.30 13.26 -67.41
N ASP D 64 -12.44 14.01 -68.10
CA ASP D 64 -12.25 13.87 -69.54
C ASP D 64 -11.10 12.90 -69.78
N ASN D 65 -11.40 11.79 -70.44
CA ASN D 65 -10.40 10.75 -70.66
C ASN D 65 -9.35 11.12 -71.70
N GLN D 66 -9.81 11.56 -72.88
CA GLN D 66 -8.90 11.94 -73.96
C GLN D 66 -7.93 13.03 -73.53
N GLU D 67 -8.38 13.91 -72.64
CA GLU D 67 -7.52 14.97 -72.13
C GLU D 67 -6.52 14.39 -71.15
N THR D 68 -6.97 13.40 -70.38
CA THR D 68 -6.11 12.75 -69.40
C THR D 68 -5.01 11.97 -70.12
N ILE D 69 -5.39 11.24 -71.16
CA ILE D 69 -4.44 10.49 -71.97
C ILE D 69 -3.46 11.45 -72.64
N SER D 70 -3.96 12.58 -73.11
CA SER D 70 -3.13 13.54 -73.84
C SER D 70 -2.06 14.19 -72.97
N LYS D 71 -2.30 14.25 -71.67
CA LYS D 71 -1.42 14.99 -70.78
C LYS D 71 -0.58 14.10 -69.86
N LEU D 72 -1.04 12.88 -69.62
CA LEU D 72 -0.35 12.01 -68.66
C LEU D 72 0.48 10.91 -69.32
N SER D 73 0.12 10.54 -70.55
CA SER D 73 0.88 9.56 -71.31
C SER D 73 2.34 9.95 -71.61
N PRO D 74 2.62 11.25 -71.82
CA PRO D 74 4.05 11.57 -72.00
C PRO D 74 4.88 11.45 -70.73
N LEU D 75 4.24 11.21 -69.59
CA LEU D 75 4.95 11.11 -68.31
C LEU D 75 5.42 9.69 -68.06
N LYS D 76 6.57 9.35 -68.63
CA LYS D 76 7.08 7.98 -68.58
C LYS D 76 7.83 7.69 -67.28
N ASP D 77 8.13 8.74 -66.53
CA ASP D 77 9.02 8.61 -65.37
C ASP D 77 8.30 8.43 -64.04
N ILE D 78 6.96 8.47 -64.06
CA ILE D 78 6.18 8.37 -62.83
C ILE D 78 6.43 7.07 -62.07
N THR D 79 6.66 7.20 -60.76
CA THR D 79 6.90 6.03 -59.93
C THR D 79 5.75 5.77 -58.96
N HIS D 80 5.20 6.83 -58.38
CA HIS D 80 4.11 6.70 -57.44
C HIS D 80 2.94 7.62 -57.79
N ILE D 81 1.73 7.08 -57.66
CA ILE D 81 0.52 7.87 -57.90
C ILE D 81 -0.19 8.18 -56.60
N PHE D 82 -0.35 9.46 -56.30
CA PHE D 82 -1.05 9.89 -55.11
C PHE D 82 -2.41 10.49 -55.44
N TYR D 83 -3.39 9.63 -55.72
CA TYR D 83 -4.74 10.10 -56.03
C TYR D 83 -5.39 10.64 -54.77
N VAL D 84 -5.50 11.96 -54.69
CA VAL D 84 -6.06 12.61 -53.51
C VAL D 84 -7.16 13.58 -53.94
N SER D 85 -8.08 13.09 -54.77
CA SER D 85 -9.09 13.96 -55.35
C SER D 85 -10.48 13.32 -55.37
N TRP D 86 -11.49 14.15 -55.62
CA TRP D 86 -12.85 13.70 -55.86
C TRP D 86 -13.61 14.79 -56.62
N ILE D 87 -14.66 14.39 -57.32
CA ILE D 87 -15.37 15.29 -58.24
C ILE D 87 -16.06 16.47 -57.53
N GLY D 88 -16.39 16.31 -56.25
CA GLY D 88 -17.07 17.36 -55.52
C GLY D 88 -18.51 16.97 -55.21
N SER D 89 -18.93 15.86 -55.79
CA SER D 89 -20.22 15.26 -55.45
C SER D 89 -19.99 13.79 -55.14
N GLU D 90 -21.01 13.14 -54.60
CA GLU D 90 -20.88 11.74 -54.21
C GLU D 90 -21.35 10.79 -55.31
N ASP D 91 -21.23 11.26 -56.55
CA ASP D 91 -21.54 10.46 -57.72
C ASP D 91 -20.47 9.39 -57.87
N CYS D 92 -20.87 8.13 -57.72
CA CYS D 92 -19.93 7.01 -57.78
C CYS D 92 -19.20 6.90 -59.12
N GLN D 93 -19.96 6.80 -60.20
CA GLN D 93 -19.37 6.60 -61.52
C GLN D 93 -18.56 7.80 -62.01
N THR D 94 -19.02 9.00 -61.66
CA THR D 94 -18.31 10.21 -62.03
C THR D 94 -16.98 10.30 -61.27
N ASN D 95 -16.98 9.87 -60.02
CA ASN D 95 -15.75 9.79 -59.25
C ASN D 95 -14.86 8.67 -59.75
N ALA D 96 -15.47 7.61 -60.24
CA ALA D 96 -14.74 6.42 -60.68
C ALA D 96 -14.03 6.63 -62.01
N THR D 97 -14.68 7.33 -62.92
CA THR D 97 -14.11 7.61 -64.23
C THR D 97 -12.81 8.40 -64.10
N MET D 98 -12.76 9.30 -63.11
CA MET D 98 -11.56 10.07 -62.82
C MET D 98 -10.39 9.15 -62.49
N PHE D 99 -10.62 8.29 -61.49
CA PHE D 99 -9.61 7.36 -61.03
C PHE D 99 -9.22 6.37 -62.13
N LYS D 100 -10.20 5.93 -62.91
CA LYS D 100 -9.94 5.05 -64.04
C LYS D 100 -9.00 5.70 -65.04
N ASN D 101 -9.32 6.94 -65.42
CA ASN D 101 -8.57 7.66 -66.44
C ASN D 101 -7.10 7.84 -66.10
N ILE D 102 -6.81 8.05 -64.82
CA ILE D 102 -5.44 8.15 -64.36
C ILE D 102 -4.69 6.85 -64.63
N LEU D 103 -5.26 5.74 -64.17
CA LEU D 103 -4.62 4.44 -64.34
C LEU D 103 -4.56 4.05 -65.80
N ASN D 104 -5.59 4.41 -66.56
CA ASN D 104 -5.65 4.09 -67.98
C ASN D 104 -4.61 4.87 -68.78
N SER D 105 -4.14 5.97 -68.22
CA SER D 105 -3.20 6.85 -68.91
C SER D 105 -1.76 6.58 -68.53
N VAL D 106 -1.53 6.27 -67.26
CA VAL D 106 -0.17 6.17 -66.73
C VAL D 106 0.45 4.77 -66.85
N ILE D 107 -0.26 3.77 -66.33
CA ILE D 107 0.25 2.40 -66.28
C ILE D 107 0.84 1.86 -67.59
N PRO D 108 0.15 2.08 -68.73
CA PRO D 108 0.78 1.61 -69.97
C PRO D 108 2.07 2.35 -70.31
N ASN D 109 2.16 3.61 -69.93
CA ASN D 109 3.31 4.43 -70.30
C ASN D 109 4.44 4.40 -69.28
N ALA D 110 4.09 4.52 -68.01
CA ALA D 110 5.09 4.50 -66.95
C ALA D 110 5.56 3.08 -66.65
N SER D 111 6.82 2.79 -67.00
CA SER D 111 7.37 1.45 -66.85
C SER D 111 7.95 1.19 -65.46
N ASN D 112 8.34 2.25 -64.77
CA ASN D 112 8.87 2.10 -63.42
C ASN D 112 7.84 2.40 -62.34
N LEU D 113 6.57 2.27 -62.70
CA LEU D 113 5.48 2.49 -61.76
C LEU D 113 5.49 1.41 -60.69
N GLN D 114 5.35 1.81 -59.43
CA GLN D 114 5.47 0.87 -58.32
C GLN D 114 4.23 0.81 -57.46
N HIS D 115 3.77 1.98 -57.03
CA HIS D 115 2.73 2.06 -56.01
C HIS D 115 1.63 3.07 -56.36
N VAL D 116 0.42 2.79 -55.90
CA VAL D 116 -0.70 3.71 -56.06
C VAL D 116 -1.40 3.96 -54.72
N CYS D 117 -1.30 5.19 -54.22
CA CYS D 117 -1.97 5.58 -52.98
C CYS D 117 -3.35 6.12 -53.27
N LEU D 118 -4.36 5.45 -52.73
CA LEU D 118 -5.73 5.93 -52.86
C LEU D 118 -6.18 6.53 -51.53
N GLN D 119 -6.66 7.76 -51.58
CA GLN D 119 -7.17 8.42 -50.39
C GLN D 119 -8.68 8.49 -50.39
N THR D 120 -9.29 7.80 -49.44
CA THR D 120 -10.73 7.89 -49.21
C THR D 120 -10.97 8.61 -47.89
N GLY D 121 -11.67 7.96 -46.97
CA GLY D 121 -11.91 8.58 -45.68
C GLY D 121 -12.72 7.74 -44.72
N ILE D 122 -13.10 8.34 -43.60
CA ILE D 122 -13.82 7.64 -42.54
C ILE D 122 -15.30 7.43 -42.87
N LYS D 123 -15.80 8.08 -43.91
CA LYS D 123 -17.19 7.91 -44.33
C LYS D 123 -17.39 6.56 -45.02
N HIS D 124 -16.32 5.78 -45.10
CA HIS D 124 -16.41 4.41 -45.55
C HIS D 124 -17.04 3.57 -44.44
N TYR D 125 -17.12 4.14 -43.24
CA TYR D 125 -17.57 3.42 -42.06
C TYR D 125 -19.01 3.71 -41.64
N PHE D 126 -19.62 4.78 -42.14
CA PHE D 126 -20.94 5.17 -41.62
C PHE D 126 -21.86 5.90 -42.60
N GLY D 127 -21.52 5.91 -43.89
CA GLY D 127 -22.27 6.69 -44.87
C GLY D 127 -23.63 6.12 -45.27
N ILE D 128 -24.67 6.92 -45.09
CA ILE D 128 -26.03 6.53 -45.47
C ILE D 128 -26.69 7.61 -46.31
N PHE D 129 -27.49 7.20 -47.30
CA PHE D 129 -28.15 8.14 -48.20
C PHE D 129 -29.62 8.38 -47.86
N GLU D 130 -30.46 7.41 -48.23
CA GLU D 130 -31.91 7.54 -48.09
C GLU D 130 -32.36 7.72 -46.64
N GLU D 131 -31.61 7.11 -45.72
CA GLU D 131 -31.91 7.18 -44.28
C GLU D 131 -33.32 6.71 -43.96
N GLY D 132 -33.82 7.09 -42.79
CA GLY D 132 -35.11 6.62 -42.32
C GLY D 132 -35.09 5.11 -42.16
N SER D 133 -33.96 4.61 -41.67
CA SER D 133 -33.63 3.19 -41.44
C SER D 133 -32.85 2.53 -42.57
N LYS D 134 -33.25 1.31 -42.91
CA LYS D 134 -32.54 0.44 -43.85
C LYS D 134 -31.20 -0.09 -43.31
N VAL D 135 -30.16 0.73 -43.37
CA VAL D 135 -28.82 0.30 -42.99
C VAL D 135 -28.28 1.01 -41.74
N VAL D 136 -27.77 0.22 -40.81
CA VAL D 136 -27.20 0.76 -39.58
C VAL D 136 -25.68 0.93 -39.70
N PRO D 137 -25.18 2.17 -39.56
CA PRO D 137 -23.75 2.46 -39.62
C PRO D 137 -22.96 1.75 -38.52
N HIS D 138 -21.67 1.57 -38.74
CA HIS D 138 -20.81 0.89 -37.77
C HIS D 138 -20.67 1.70 -36.48
N ASP D 139 -20.04 1.10 -35.49
CA ASP D 139 -19.80 1.78 -34.22
C ASP D 139 -18.30 2.02 -34.03
N SER D 140 -17.99 3.18 -33.45
CA SER D 140 -16.60 3.58 -33.21
C SER D 140 -16.04 2.85 -31.99
N PRO D 141 -14.70 2.79 -31.86
CA PRO D 141 -13.64 3.30 -32.75
C PRO D 141 -13.55 2.51 -34.05
N PHE D 142 -13.50 3.22 -35.16
CA PHE D 142 -13.48 2.61 -36.48
C PHE D 142 -12.15 1.92 -36.76
N THR D 143 -12.25 0.68 -37.26
CA THR D 143 -11.06 -0.09 -37.63
C THR D 143 -11.16 -0.53 -39.08
N GLU D 144 -10.00 -0.70 -39.71
CA GLU D 144 -9.93 -1.00 -41.14
C GLU D 144 -10.52 -2.35 -41.51
N ASP D 145 -10.68 -3.24 -40.54
CA ASP D 145 -11.18 -4.59 -40.82
C ASP D 145 -12.70 -4.64 -40.96
N LEU D 146 -13.37 -3.52 -40.70
CA LEU D 146 -14.82 -3.44 -40.79
C LEU D 146 -15.28 -3.58 -42.23
N PRO D 147 -16.31 -4.40 -42.47
CA PRO D 147 -16.83 -4.64 -43.82
C PRO D 147 -17.59 -3.43 -44.36
N ARG D 148 -17.72 -3.37 -45.67
CA ARG D 148 -18.44 -2.28 -46.33
C ARG D 148 -19.92 -2.32 -45.96
N LEU D 149 -20.52 -1.14 -45.82
CA LEU D 149 -21.95 -1.03 -45.62
C LEU D 149 -22.66 -1.32 -46.92
N ASN D 150 -23.93 -1.73 -46.84
CA ASN D 150 -24.71 -1.98 -48.03
C ASN D 150 -25.28 -0.68 -48.59
N VAL D 151 -24.38 0.26 -48.87
CA VAL D 151 -24.73 1.59 -49.33
C VAL D 151 -23.81 1.98 -50.47
N PRO D 152 -24.37 2.55 -51.55
CA PRO D 152 -23.57 3.03 -52.69
C PRO D 152 -22.60 4.14 -52.30
N ASN D 153 -21.37 3.75 -51.98
CA ASN D 153 -20.32 4.70 -51.64
C ASN D 153 -19.24 4.63 -52.71
N PHE D 154 -18.82 5.78 -53.24
CA PHE D 154 -17.84 5.79 -54.31
C PHE D 154 -16.46 5.34 -53.84
N TYR D 155 -16.24 5.33 -52.53
CA TYR D 155 -15.02 4.78 -51.95
C TYR D 155 -14.85 3.31 -52.37
N HIS D 156 -15.97 2.61 -52.51
CA HIS D 156 -15.92 1.20 -52.87
C HIS D 156 -15.46 1.04 -54.31
N ASP D 157 -16.04 1.84 -55.20
CA ASP D 157 -15.67 1.83 -56.61
C ASP D 157 -14.19 2.10 -56.78
N LEU D 158 -13.68 3.09 -56.05
CA LEU D 158 -12.28 3.48 -56.13
C LEU D 158 -11.38 2.33 -55.66
N GLU D 159 -11.75 1.70 -54.56
CA GLU D 159 -11.00 0.57 -54.03
C GLU D 159 -10.97 -0.57 -55.04
N ASP D 160 -12.13 -0.88 -55.62
CA ASP D 160 -12.25 -1.98 -56.55
C ASP D 160 -11.39 -1.78 -57.80
N ILE D 161 -11.46 -0.57 -58.36
CA ILE D 161 -10.62 -0.21 -59.49
C ILE D 161 -9.16 -0.29 -59.08
N LEU D 162 -8.88 0.12 -57.84
CA LEU D 162 -7.52 0.07 -57.32
C LEU D 162 -7.01 -1.36 -57.19
N TYR D 163 -7.82 -2.22 -56.57
CA TYR D 163 -7.42 -3.60 -56.32
C TYR D 163 -7.18 -4.36 -57.62
N GLU D 164 -7.99 -4.08 -58.64
CA GLU D 164 -7.88 -4.78 -59.91
C GLU D 164 -6.71 -4.30 -60.76
N GLU D 165 -6.63 -2.99 -60.98
CA GLU D 165 -5.60 -2.41 -61.84
C GLU D 165 -4.19 -2.62 -61.28
N THR D 166 -4.08 -2.72 -59.96
CA THR D 166 -2.80 -3.02 -59.35
C THR D 166 -2.52 -4.51 -59.44
N GLY D 167 -3.58 -5.30 -59.59
CA GLY D 167 -3.48 -6.74 -59.68
C GLY D 167 -3.14 -7.23 -61.08
N LYS D 168 -3.79 -6.64 -62.08
CA LYS D 168 -3.51 -6.98 -63.48
C LYS D 168 -2.04 -6.73 -63.79
N ASN D 169 -1.49 -5.70 -63.16
CA ASN D 169 -0.07 -5.42 -63.26
C ASN D 169 0.62 -5.90 -61.99
N ASN D 170 1.88 -5.50 -61.80
CA ASN D 170 2.58 -5.83 -60.57
C ASN D 170 2.82 -4.61 -59.71
N LEU D 171 1.73 -3.92 -59.36
CA LEU D 171 1.80 -2.69 -58.60
C LEU D 171 1.28 -2.89 -57.18
N THR D 172 1.87 -2.17 -56.22
CA THR D 172 1.39 -2.20 -54.86
C THR D 172 0.33 -1.11 -54.68
N TRP D 173 -0.56 -1.31 -53.72
CA TRP D 173 -1.62 -0.36 -53.46
C TRP D 173 -1.68 0.01 -51.98
N SER D 174 -2.39 1.09 -51.68
CA SER D 174 -2.64 1.47 -50.30
C SER D 174 -3.86 2.38 -50.20
N VAL D 175 -4.81 1.98 -49.37
CA VAL D 175 -6.01 2.77 -49.15
C VAL D 175 -5.87 3.57 -47.87
N HIS D 176 -5.98 4.89 -47.98
CA HIS D 176 -5.86 5.75 -46.81
C HIS D 176 -7.21 6.38 -46.47
N ARG D 177 -7.60 6.27 -45.21
CA ARG D 177 -8.88 6.81 -44.75
C ARG D 177 -8.65 7.86 -43.67
N PRO D 178 -8.33 9.09 -44.08
CA PRO D 178 -8.09 10.18 -43.13
C PRO D 178 -9.36 10.57 -42.42
N ALA D 179 -9.23 11.10 -41.22
CA ALA D 179 -10.37 11.67 -40.51
C ALA D 179 -10.55 13.11 -41.00
N LEU D 180 -11.29 13.90 -40.24
CA LEU D 180 -11.46 15.32 -40.54
C LEU D 180 -10.10 15.98 -40.71
N VAL D 181 -9.91 16.63 -41.86
CA VAL D 181 -8.60 17.17 -42.19
C VAL D 181 -8.42 18.62 -41.78
N PHE D 182 -7.45 18.85 -40.91
CA PHE D 182 -7.00 20.19 -40.58
C PHE D 182 -5.95 20.60 -41.60
N GLY D 183 -6.31 21.52 -42.49
CA GLY D 183 -5.42 21.89 -43.58
C GLY D 183 -5.35 23.38 -43.81
N PHE D 184 -4.80 23.77 -44.97
CA PHE D 184 -4.57 25.18 -45.26
C PHE D 184 -5.00 25.60 -46.67
N SER D 185 -5.41 24.64 -47.49
CA SER D 185 -5.78 24.93 -48.87
C SER D 185 -7.05 25.78 -48.97
N PRO D 186 -7.00 26.86 -49.76
CA PRO D 186 -8.13 27.78 -49.93
C PRO D 186 -9.04 27.38 -51.08
N CYS D 187 -8.71 26.31 -51.79
CA CYS D 187 -9.55 25.85 -52.89
C CYS D 187 -10.07 24.43 -52.66
N SER D 188 -10.09 24.01 -51.40
CA SER D 188 -10.67 22.72 -51.03
C SER D 188 -12.18 22.87 -50.90
N MET D 189 -12.91 21.81 -51.16
CA MET D 189 -14.36 21.85 -51.02
C MET D 189 -14.75 21.56 -49.58
N MET D 190 -13.80 21.00 -48.83
CA MET D 190 -14.04 20.67 -47.42
C MET D 190 -12.81 20.99 -46.56
N ASN D 191 -12.64 22.27 -46.25
CA ASN D 191 -11.56 22.71 -45.39
C ASN D 191 -12.14 23.35 -44.14
N ILE D 192 -12.28 22.55 -43.08
CA ILE D 192 -12.97 23.00 -41.87
C ILE D 192 -12.25 24.14 -41.15
N VAL D 193 -10.91 24.11 -41.16
CA VAL D 193 -10.15 25.14 -40.47
C VAL D 193 -10.25 26.48 -41.18
N SER D 194 -10.19 26.46 -42.52
CA SER D 194 -10.36 27.67 -43.29
C SER D 194 -11.78 28.19 -43.13
N THR D 195 -12.73 27.27 -43.06
CA THR D 195 -14.14 27.62 -42.92
C THR D 195 -14.40 28.39 -41.62
N LEU D 196 -13.98 27.82 -40.50
CA LEU D 196 -14.23 28.43 -39.19
C LEU D 196 -13.42 29.72 -39.02
N CYS D 197 -12.28 29.81 -39.69
CA CYS D 197 -11.45 31.01 -39.63
C CYS D 197 -12.11 32.17 -40.35
N VAL D 198 -12.70 31.89 -41.51
CA VAL D 198 -13.40 32.91 -42.28
C VAL D 198 -14.59 33.46 -41.48
N TYR D 199 -15.34 32.55 -40.86
CA TYR D 199 -16.46 32.92 -40.01
C TYR D 199 -15.99 33.82 -38.88
N ALA D 200 -14.86 33.47 -38.29
CA ALA D 200 -14.29 34.25 -37.21
C ALA D 200 -13.83 35.61 -37.71
N THR D 201 -13.21 35.62 -38.89
CA THR D 201 -12.74 36.85 -39.50
C THR D 201 -13.89 37.84 -39.73
N ILE D 202 -15.05 37.30 -40.10
CA ILE D 202 -16.22 38.13 -40.36
C ILE D 202 -16.84 38.66 -39.08
N CYS D 203 -16.97 37.79 -38.08
CA CYS D 203 -17.51 38.18 -36.78
C CYS D 203 -16.69 39.31 -36.17
N LYS D 204 -15.37 39.20 -36.29
CA LYS D 204 -14.48 40.23 -35.80
C LYS D 204 -14.68 41.52 -36.59
N HIS D 205 -14.81 41.37 -37.91
CA HIS D 205 -14.97 42.50 -38.81
C HIS D 205 -16.23 43.30 -38.49
N GLU D 206 -17.25 42.63 -37.99
CA GLU D 206 -18.50 43.27 -37.67
C GLU D 206 -18.63 43.53 -36.18
N ASN D 207 -17.54 43.27 -35.46
CA ASN D 207 -17.51 43.37 -34.00
C ASN D 207 -18.57 42.56 -33.28
N LYS D 208 -18.96 41.43 -33.88
CA LYS D 208 -19.86 40.50 -33.22
C LYS D 208 -19.05 39.38 -32.58
N ALA D 209 -19.61 38.76 -31.55
CA ALA D 209 -18.93 37.67 -30.86
C ALA D 209 -18.91 36.40 -31.70
N LEU D 210 -17.90 35.58 -31.48
CA LEU D 210 -17.80 34.28 -32.15
C LEU D 210 -18.83 33.32 -31.56
N VAL D 211 -19.96 33.18 -32.24
CA VAL D 211 -21.07 32.41 -31.72
C VAL D 211 -21.10 30.99 -32.29
N TYR D 212 -21.14 29.99 -31.40
CA TYR D 212 -21.19 28.59 -31.79
C TYR D 212 -22.58 28.20 -32.26
N PRO D 213 -22.71 27.84 -33.54
CA PRO D 213 -24.00 27.52 -34.17
C PRO D 213 -24.34 26.03 -34.13
N GLY D 214 -23.44 25.22 -33.59
CA GLY D 214 -23.63 23.77 -33.61
C GLY D 214 -24.53 23.24 -32.52
N SER D 215 -24.49 21.92 -32.33
CA SER D 215 -25.33 21.23 -31.36
C SER D 215 -24.64 21.05 -30.02
N LYS D 216 -25.38 20.54 -29.04
CA LYS D 216 -24.82 20.27 -27.72
C LYS D 216 -23.87 19.09 -27.77
N ASN D 217 -24.26 18.06 -28.51
CA ASN D 217 -23.46 16.86 -28.61
C ASN D 217 -22.07 17.13 -29.16
N SER D 218 -22.00 17.75 -30.33
CA SER D 218 -20.73 18.07 -30.97
C SER D 218 -19.88 19.03 -30.14
N TRP D 219 -20.52 19.71 -29.20
CA TRP D 219 -19.83 20.66 -28.33
C TRP D 219 -19.03 19.93 -27.24
N ASN D 220 -19.58 18.82 -26.75
CA ASN D 220 -18.96 18.12 -25.63
C ASN D 220 -18.39 16.75 -25.98
N CYS D 221 -18.76 16.22 -27.14
CA CYS D 221 -18.29 14.91 -27.55
C CYS D 221 -16.80 14.95 -27.89
N TYR D 222 -16.15 13.78 -27.79
CA TYR D 222 -14.79 13.65 -28.27
C TYR D 222 -14.81 13.56 -29.79
N ALA D 223 -13.89 14.30 -30.41
CA ALA D 223 -13.77 14.27 -31.86
C ALA D 223 -12.31 14.04 -32.23
N ASP D 224 -12.08 13.56 -33.44
CA ASP D 224 -10.72 13.36 -33.92
C ASP D 224 -10.51 14.03 -35.28
N ALA D 225 -9.25 14.30 -35.59
CA ALA D 225 -8.90 14.94 -36.85
C ALA D 225 -7.51 14.49 -37.29
N VAL D 226 -7.06 15.00 -38.43
CA VAL D 226 -5.73 14.68 -38.91
C VAL D 226 -5.11 15.85 -39.64
N ASP D 227 -3.85 16.14 -39.31
CA ASP D 227 -3.12 17.20 -39.97
C ASP D 227 -2.84 16.77 -41.40
N ALA D 228 -3.00 17.70 -42.34
CA ALA D 228 -2.77 17.42 -43.76
C ALA D 228 -1.35 16.91 -43.98
N ASP D 229 -0.38 17.59 -43.37
CA ASP D 229 1.01 17.20 -43.46
C ASP D 229 1.20 15.74 -43.00
N LEU D 230 0.45 15.35 -41.97
CA LEU D 230 0.51 13.99 -41.46
C LEU D 230 -0.03 12.98 -42.47
N VAL D 231 -1.14 13.34 -43.12
CA VAL D 231 -1.70 12.51 -44.19
C VAL D 231 -0.67 12.35 -45.30
N ALA D 232 0.05 13.42 -45.59
CA ALA D 232 1.12 13.37 -46.57
C ALA D 232 2.20 12.40 -46.10
N GLU D 233 2.61 12.51 -44.85
CA GLU D 233 3.60 11.61 -44.26
C GLU D 233 3.12 10.17 -44.32
N HIS D 234 1.84 9.98 -43.99
CA HIS D 234 1.25 8.66 -43.92
C HIS D 234 1.16 8.00 -45.28
N GLU D 235 0.85 8.79 -46.29
CA GLU D 235 0.74 8.25 -47.65
C GLU D 235 2.12 8.03 -48.27
N ILE D 236 3.06 8.91 -47.94
CA ILE D 236 4.44 8.74 -48.36
C ILE D 236 5.04 7.50 -47.70
N TRP D 237 4.71 7.30 -46.43
CA TRP D 237 5.15 6.13 -45.69
C TRP D 237 4.72 4.85 -46.39
N ALA D 238 3.43 4.76 -46.74
CA ALA D 238 2.88 3.57 -47.37
C ALA D 238 3.40 3.37 -48.79
N ALA D 239 4.00 4.42 -49.35
CA ALA D 239 4.49 4.39 -50.72
C ALA D 239 5.91 3.86 -50.83
N VAL D 240 6.67 3.95 -49.74
CA VAL D 240 8.07 3.53 -49.78
C VAL D 240 8.39 2.37 -48.83
N ASP D 241 7.49 2.10 -47.88
CA ASP D 241 7.74 1.09 -46.87
C ASP D 241 6.99 -0.20 -47.18
N PRO D 242 7.72 -1.33 -47.19
CA PRO D 242 7.18 -2.66 -47.53
C PRO D 242 6.10 -3.12 -46.55
N LYS D 243 6.20 -2.70 -45.29
CA LYS D 243 5.26 -3.11 -44.26
C LYS D 243 3.86 -2.55 -44.49
N ALA D 244 3.79 -1.41 -45.16
CA ALA D 244 2.52 -0.73 -45.37
C ALA D 244 1.92 -0.99 -46.75
N LYS D 245 2.67 -1.71 -47.59
CA LYS D 245 2.20 -2.03 -48.93
C LYS D 245 0.99 -2.94 -48.87
N ASN D 246 0.06 -2.75 -49.80
CA ASN D 246 -1.15 -3.56 -49.90
C ASN D 246 -1.93 -3.63 -48.59
N GLN D 247 -2.15 -2.47 -47.99
CA GLN D 247 -2.87 -2.36 -46.73
C GLN D 247 -3.89 -1.23 -46.75
N VAL D 248 -4.95 -1.40 -45.99
CA VAL D 248 -5.92 -0.34 -45.76
C VAL D 248 -5.59 0.30 -44.42
N LEU D 249 -5.45 1.62 -44.41
CA LEU D 249 -4.98 2.32 -43.23
C LEU D 249 -5.79 3.57 -42.90
N ASN D 250 -6.25 3.67 -41.66
CA ASN D 250 -6.85 4.90 -41.17
C ASN D 250 -5.78 5.96 -40.97
N CYS D 251 -6.19 7.21 -40.81
CA CYS D 251 -5.22 8.28 -40.61
C CYS D 251 -5.75 9.44 -39.79
N ASN D 252 -5.33 9.50 -38.53
CA ASN D 252 -5.66 10.64 -37.68
C ASN D 252 -4.43 11.06 -36.88
N ASN D 253 -4.57 12.13 -36.10
CA ASN D 253 -3.46 12.69 -35.34
C ASN D 253 -3.00 11.79 -34.20
N GLY D 254 -3.84 10.87 -33.77
CA GLY D 254 -3.50 9.95 -32.70
C GLY D 254 -4.15 10.29 -31.38
N ASP D 255 -4.70 11.50 -31.29
CA ASP D 255 -5.36 11.93 -30.07
C ASP D 255 -6.81 12.34 -30.36
N VAL D 256 -7.50 12.82 -29.33
CA VAL D 256 -8.87 13.29 -29.49
C VAL D 256 -8.98 14.72 -28.98
N PHE D 257 -10.01 15.43 -29.42
CA PHE D 257 -10.25 16.78 -28.93
C PHE D 257 -11.74 17.02 -28.74
N LYS D 258 -12.07 18.21 -28.26
CA LYS D 258 -13.45 18.64 -28.16
C LYS D 258 -13.59 19.99 -28.84
N TRP D 259 -14.72 20.22 -29.50
CA TRP D 259 -14.94 21.47 -30.21
C TRP D 259 -15.03 22.66 -29.26
N LYS D 260 -15.46 22.42 -28.03
CA LYS D 260 -15.54 23.49 -27.04
C LYS D 260 -14.15 24.03 -26.70
N HIS D 261 -13.13 23.17 -26.80
CA HIS D 261 -11.76 23.59 -26.56
C HIS D 261 -11.18 24.25 -27.80
N ILE D 262 -11.64 23.79 -28.95
CA ILE D 262 -11.23 24.36 -30.23
C ILE D 262 -11.88 25.73 -30.43
N TRP D 263 -13.15 25.83 -30.06
CA TRP D 263 -13.92 27.06 -30.25
C TRP D 263 -13.35 28.19 -29.41
N LYS D 264 -12.70 27.85 -28.30
CA LYS D 264 -12.12 28.86 -27.44
C LYS D 264 -10.77 29.37 -27.97
N LYS D 265 -9.96 28.45 -28.48
CA LYS D 265 -8.68 28.82 -29.08
C LYS D 265 -8.89 29.67 -30.32
N LEU D 266 -9.99 29.42 -31.02
CA LEU D 266 -10.31 30.16 -32.23
C LEU D 266 -10.55 31.63 -31.92
N ALA D 267 -11.29 31.89 -30.84
CA ALA D 267 -11.54 33.26 -30.40
C ALA D 267 -10.29 33.88 -29.81
N GLU D 268 -9.42 33.05 -29.26
CA GLU D 268 -8.16 33.54 -28.68
C GLU D 268 -7.20 33.99 -29.78
N GLU D 269 -7.21 33.26 -30.90
CA GLU D 269 -6.35 33.59 -32.02
C GLU D 269 -6.87 34.79 -32.80
N PHE D 270 -8.12 35.16 -32.56
CA PHE D 270 -8.73 36.30 -33.24
C PHE D 270 -9.03 37.45 -32.28
N GLY D 271 -8.80 37.21 -30.99
CA GLY D 271 -8.94 38.24 -29.98
C GLY D 271 -10.33 38.82 -29.85
N ILE D 272 -11.34 37.96 -29.85
CA ILE D 272 -12.71 38.40 -29.71
C ILE D 272 -13.45 37.57 -28.68
N GLU D 273 -14.56 38.10 -28.16
CA GLU D 273 -15.42 37.34 -27.27
C GLU D 273 -16.07 36.19 -28.03
N MET D 274 -16.32 35.08 -27.34
CA MET D 274 -17.01 33.97 -27.97
C MET D 274 -18.19 33.48 -27.15
N VAL D 275 -19.28 33.14 -27.83
CA VAL D 275 -20.44 32.57 -27.18
C VAL D 275 -20.49 31.07 -27.43
N GLY D 276 -20.21 30.29 -26.38
CA GLY D 276 -20.22 28.84 -26.47
C GLY D 276 -21.64 28.30 -26.60
N TYR D 277 -21.78 27.00 -26.40
CA TYR D 277 -23.11 26.41 -26.48
C TYR D 277 -23.97 26.88 -25.32
N VAL D 278 -25.22 27.23 -25.63
CA VAL D 278 -26.17 27.63 -24.60
C VAL D 278 -27.17 26.50 -24.37
N GLU D 279 -27.37 26.15 -23.11
CA GLU D 279 -28.24 25.05 -22.74
C GLU D 279 -29.66 25.26 -23.26
N GLY D 280 -30.20 24.26 -23.94
CA GLY D 280 -31.55 24.33 -24.48
C GLY D 280 -31.59 24.80 -25.91
N LYS D 281 -30.66 25.68 -26.27
CA LYS D 281 -30.55 26.21 -27.62
C LYS D 281 -30.21 25.08 -28.58
N GLU D 282 -30.79 25.12 -29.78
CA GLU D 282 -30.50 24.07 -30.76
C GLU D 282 -29.63 24.58 -31.91
N GLN D 283 -29.13 23.64 -32.71
CA GLN D 283 -28.18 23.95 -33.77
C GLN D 283 -28.72 24.95 -34.78
N VAL D 284 -27.88 25.90 -35.17
CA VAL D 284 -28.23 26.89 -36.17
C VAL D 284 -27.33 26.72 -37.39
N SER D 285 -27.93 26.75 -38.58
CA SER D 285 -27.18 26.62 -39.83
C SER D 285 -26.16 27.73 -39.99
N LEU D 286 -24.88 27.35 -40.07
CA LEU D 286 -23.82 28.33 -40.26
C LEU D 286 -23.85 28.86 -41.69
N ALA D 287 -24.35 28.03 -42.60
CA ALA D 287 -24.43 28.40 -44.00
C ALA D 287 -25.49 29.47 -44.26
N GLU D 288 -26.62 29.36 -43.58
CA GLU D 288 -27.68 30.36 -43.69
C GLU D 288 -27.22 31.69 -43.12
N LEU D 289 -26.49 31.63 -42.00
CA LEU D 289 -25.97 32.83 -41.36
C LEU D 289 -24.91 33.51 -42.22
N MET D 290 -24.25 32.72 -43.06
CA MET D 290 -23.19 33.24 -43.91
C MET D 290 -23.63 33.35 -45.37
N LYS D 291 -24.93 33.19 -45.63
CA LYS D 291 -25.44 33.40 -46.97
C LYS D 291 -25.66 34.89 -47.19
N ASP D 292 -25.49 35.33 -48.43
CA ASP D 292 -25.53 36.76 -48.75
C ASP D 292 -24.49 37.51 -47.94
N LYS D 293 -23.30 36.91 -47.83
CA LYS D 293 -22.23 37.48 -47.02
C LYS D 293 -20.95 37.57 -47.83
N ASP D 294 -21.08 37.41 -49.14
CA ASP D 294 -19.93 37.43 -50.04
C ASP D 294 -19.35 38.84 -50.19
N GLN D 295 -20.23 39.84 -50.18
CA GLN D 295 -19.81 41.22 -50.30
C GLN D 295 -18.85 41.60 -49.19
N VAL D 296 -19.17 41.17 -47.97
CA VAL D 296 -18.35 41.46 -46.81
C VAL D 296 -16.98 40.81 -46.95
N TRP D 297 -16.96 39.56 -47.39
CA TRP D 297 -15.69 38.86 -47.59
C TRP D 297 -14.87 39.51 -48.69
N ASP D 298 -15.54 39.91 -49.78
CA ASP D 298 -14.87 40.62 -50.86
C ASP D 298 -14.24 41.91 -50.35
N GLU D 299 -14.89 42.52 -49.37
CA GLU D 299 -14.37 43.73 -48.74
C GLU D 299 -13.16 43.42 -47.88
N ILE D 300 -13.26 42.35 -47.09
CA ILE D 300 -12.18 41.97 -46.18
C ILE D 300 -10.91 41.62 -46.93
N VAL D 301 -11.06 40.83 -48.00
CA VAL D 301 -9.94 40.43 -48.84
C VAL D 301 -9.19 41.65 -49.39
N LYS D 302 -9.94 42.67 -49.76
CA LYS D 302 -9.34 43.90 -50.28
C LYS D 302 -8.73 44.75 -49.16
N LYS D 303 -9.49 44.95 -48.08
CA LYS D 303 -9.02 45.77 -46.97
C LYS D 303 -7.80 45.19 -46.26
N ASN D 304 -7.75 43.86 -46.17
CA ASN D 304 -6.63 43.17 -45.53
C ASN D 304 -5.55 42.78 -46.53
N ASN D 305 -5.78 43.11 -47.79
CA ASN D 305 -4.91 42.67 -48.89
C ASN D 305 -4.66 41.16 -48.85
N LEU D 306 -5.75 40.40 -48.81
CA LEU D 306 -5.66 38.96 -48.84
C LEU D 306 -5.59 38.48 -50.28
N VAL D 307 -5.05 37.29 -50.46
CA VAL D 307 -5.09 36.63 -51.75
C VAL D 307 -6.55 36.41 -52.12
N PRO D 308 -6.99 36.94 -53.26
CA PRO D 308 -8.38 36.90 -53.69
C PRO D 308 -8.99 35.49 -53.70
N THR D 309 -9.90 35.25 -52.77
CA THR D 309 -10.69 34.03 -52.75
C THR D 309 -12.16 34.40 -52.64
N LYS D 310 -13.02 33.71 -53.38
CA LYS D 310 -14.44 33.93 -53.22
C LYS D 310 -14.94 33.09 -52.05
N LEU D 311 -15.94 33.62 -51.33
CA LEU D 311 -16.44 32.97 -50.13
C LEU D 311 -16.92 31.55 -50.38
N LYS D 312 -17.38 31.28 -51.59
CA LYS D 312 -17.86 29.95 -51.98
C LYS D 312 -16.69 29.01 -52.15
N GLU D 313 -15.51 29.58 -52.36
CA GLU D 313 -14.35 28.80 -52.78
C GLU D 313 -13.47 28.39 -51.61
N ILE D 314 -13.45 29.20 -50.57
CA ILE D 314 -12.53 28.98 -49.46
C ILE D 314 -13.25 28.44 -48.22
N ALA D 315 -14.56 28.60 -48.18
CA ALA D 315 -15.32 28.20 -47.00
C ALA D 315 -16.46 27.25 -47.32
N ALA D 316 -16.70 26.31 -46.42
CA ALA D 316 -17.79 25.36 -46.56
C ALA D 316 -18.57 25.28 -45.25
N PHE D 317 -19.50 26.21 -45.08
CA PHE D 317 -20.26 26.29 -43.84
C PHE D 317 -21.24 25.12 -43.70
N TRP D 318 -21.60 24.53 -44.83
CA TRP D 318 -22.44 23.35 -44.83
C TRP D 318 -21.67 22.19 -44.22
N PHE D 319 -20.35 22.20 -44.44
CA PHE D 319 -19.47 21.17 -43.95
C PHE D 319 -19.26 21.33 -42.45
N ALA D 320 -19.24 22.58 -42.00
CA ALA D 320 -19.16 22.88 -40.58
C ALA D 320 -20.43 22.42 -39.89
N ASP D 321 -21.57 22.68 -40.54
CA ASP D 321 -22.86 22.24 -40.03
C ASP D 321 -22.88 20.75 -39.77
N ILE D 322 -22.44 19.98 -40.76
CA ILE D 322 -22.36 18.53 -40.65
C ILE D 322 -21.43 18.13 -39.52
N ALA D 323 -20.28 18.79 -39.43
CA ALA D 323 -19.31 18.51 -38.38
C ALA D 323 -19.86 18.85 -37.01
N PHE D 324 -20.74 19.84 -36.96
CA PHE D 324 -21.32 20.30 -35.70
C PHE D 324 -22.64 19.62 -35.36
N CYS D 325 -23.01 18.60 -36.15
CA CYS D 325 -24.15 17.77 -35.81
C CYS D 325 -23.70 16.32 -35.72
N SER D 326 -22.39 16.12 -35.57
CA SER D 326 -21.82 14.78 -35.55
C SER D 326 -21.23 14.43 -34.20
N GLU D 327 -21.17 13.14 -33.92
CA GLU D 327 -20.50 12.62 -32.74
C GLU D 327 -20.24 11.13 -32.96
N ASN D 328 -19.45 10.54 -32.07
CA ASN D 328 -19.17 9.11 -32.12
C ASN D 328 -18.54 8.67 -33.44
N LEU D 329 -17.56 9.44 -33.93
CA LEU D 329 -16.93 9.16 -35.21
C LEU D 329 -15.42 9.00 -35.12
N ILE D 330 -14.94 8.42 -34.03
CA ILE D 330 -13.51 8.24 -33.82
C ILE D 330 -12.98 7.00 -34.55
N SER D 331 -11.81 7.13 -35.19
CA SER D 331 -11.16 6.02 -35.84
C SER D 331 -9.88 5.62 -35.11
N SER D 332 -9.39 4.43 -35.42
CA SER D 332 -8.21 3.89 -34.72
C SER D 332 -6.95 3.97 -35.57
N MET D 333 -5.83 4.28 -34.92
CA MET D 333 -4.54 4.33 -35.59
C MET D 333 -3.65 3.18 -35.16
N ASN D 334 -4.22 2.24 -34.43
CA ASN D 334 -3.46 1.09 -33.95
C ASN D 334 -2.80 0.29 -35.08
N LYS D 335 -3.49 0.15 -36.19
CA LYS D 335 -2.95 -0.63 -37.31
C LYS D 335 -1.67 0.00 -37.85
N SER D 336 -1.73 1.30 -38.16
CA SER D 336 -0.57 2.01 -38.66
C SER D 336 0.55 1.98 -37.63
N LYS D 337 0.19 2.14 -36.36
CA LYS D 337 1.14 2.10 -35.27
C LYS D 337 1.87 0.76 -35.23
N GLU D 338 1.09 -0.32 -35.26
CA GLU D 338 1.64 -1.67 -35.18
C GLU D 338 2.49 -2.03 -36.38
N LEU D 339 2.36 -1.25 -37.46
CA LEU D 339 3.12 -1.49 -38.67
C LEU D 339 4.41 -0.66 -38.70
N GLY D 340 4.55 0.27 -37.76
CA GLY D 340 5.77 1.03 -37.64
C GLY D 340 5.61 2.53 -37.79
N PHE D 341 4.45 2.97 -38.26
CA PHE D 341 4.21 4.39 -38.46
C PHE D 341 4.01 5.08 -37.11
N LEU D 342 4.84 6.08 -36.82
CA LEU D 342 4.82 6.75 -35.53
C LEU D 342 4.40 8.21 -35.64
N GLY D 343 3.91 8.60 -36.80
CA GLY D 343 3.49 9.96 -37.04
C GLY D 343 2.28 10.37 -36.22
N PHE D 344 2.32 11.57 -35.66
CA PHE D 344 1.25 12.05 -34.82
C PHE D 344 1.24 13.57 -34.81
N ARG D 345 0.15 14.15 -34.31
CA ARG D 345 0.07 15.58 -34.09
C ARG D 345 -0.79 15.86 -32.86
N ASN D 346 -0.45 16.93 -32.14
CA ASN D 346 -1.36 17.50 -31.16
C ASN D 346 -2.41 18.26 -31.95
N SER D 347 -3.62 17.72 -32.03
CA SER D 347 -4.70 18.32 -32.83
C SER D 347 -4.98 19.77 -32.45
N MET D 348 -4.84 20.07 -31.17
CA MET D 348 -5.01 21.43 -30.69
C MET D 348 -3.92 22.32 -31.28
N LYS D 349 -2.69 21.83 -31.25
CA LYS D 349 -1.57 22.56 -31.85
C LYS D 349 -1.70 22.57 -33.38
N SER D 350 -2.18 21.46 -33.94
CA SER D 350 -2.37 21.35 -35.38
C SER D 350 -3.37 22.38 -35.90
N PHE D 351 -4.37 22.69 -35.09
CA PHE D 351 -5.39 23.65 -35.45
C PHE D 351 -4.79 25.05 -35.53
N VAL D 352 -4.08 25.44 -34.47
CA VAL D 352 -3.40 26.74 -34.44
C VAL D 352 -2.34 26.82 -35.54
N SER D 353 -1.68 25.70 -35.79
CA SER D 353 -0.66 25.63 -36.83
C SER D 353 -1.26 25.90 -38.21
N CYS D 354 -2.50 25.46 -38.40
CA CYS D 354 -3.19 25.66 -39.68
C CYS D 354 -3.68 27.10 -39.82
N ILE D 355 -4.12 27.69 -38.72
CA ILE D 355 -4.50 29.09 -38.71
C ILE D 355 -3.31 29.95 -39.08
N ASP D 356 -2.18 29.68 -38.42
CA ASP D 356 -0.96 30.43 -38.64
C ASP D 356 -0.48 30.31 -40.08
N LYS D 357 -0.60 29.12 -40.65
CA LYS D 357 -0.14 28.88 -42.01
C LYS D 357 -0.99 29.63 -43.04
N MET D 358 -2.29 29.70 -42.79
CA MET D 358 -3.18 30.46 -43.66
C MET D 358 -3.04 31.96 -43.40
N ARG D 359 -2.44 32.29 -42.26
CA ARG D 359 -2.07 33.68 -42.00
C ARG D 359 -0.75 33.98 -42.69
N ASP D 360 -0.01 32.93 -43.01
CA ASP D 360 1.27 33.08 -43.70
C ASP D 360 1.07 33.30 -45.19
N TYR D 361 0.17 32.52 -45.78
CA TYR D 361 0.00 32.51 -47.22
C TYR D 361 -0.99 33.59 -47.67
N ARG D 362 -1.34 34.47 -46.74
CA ARG D 362 -2.21 35.61 -47.02
C ARG D 362 -3.62 35.21 -47.45
N PHE D 363 -4.07 34.05 -47.00
CA PHE D 363 -5.42 33.61 -47.26
C PHE D 363 -6.38 34.15 -46.21
N ILE D 364 -5.82 34.49 -45.04
CA ILE D 364 -6.65 34.85 -43.89
C ILE D 364 -6.18 35.99 -42.95
N PRO D 365 -4.89 36.40 -42.97
CA PRO D 365 -4.54 37.34 -41.89
C PRO D 365 -5.12 38.74 -42.09
PA NAP E . 19.73 -27.81 36.30
O1A NAP E . 18.27 -27.73 35.97
O2A NAP E . 20.20 -27.71 37.72
O5B NAP E . 20.34 -29.14 35.63
C5B NAP E . 21.72 -29.19 35.28
C4B NAP E . 21.96 -30.41 34.41
O4B NAP E . 23.35 -30.51 34.09
C3B NAP E . 21.59 -31.68 35.16
O3B NAP E . 20.85 -32.53 34.27
C2B NAP E . 22.93 -32.34 35.45
O2B NAP E . 22.78 -33.74 35.45
C1B NAP E . 23.82 -31.83 34.34
N9A NAP E . 25.24 -31.81 34.76
C8A NAP E . 25.77 -31.03 35.72
N7A NAP E . 27.10 -31.25 35.86
C5A NAP E . 27.44 -32.20 34.96
C6A NAP E . 28.69 -32.91 34.57
N6A NAP E . 29.86 -32.64 35.18
N1A NAP E . 28.59 -33.83 33.59
C2A NAP E . 27.42 -34.12 32.97
N3A NAP E . 26.27 -33.51 33.27
C4A NAP E . 26.21 -32.57 34.24
O3 NAP E . 20.52 -26.68 35.44
PN NAP E . 19.76 -25.46 34.73
O1N NAP E . 19.06 -24.67 35.80
O2N NAP E . 19.00 -25.97 33.55
O5D NAP E . 21.02 -24.60 34.20
C5D NAP E . 21.13 -24.26 32.82
C4D NAP E . 21.63 -22.83 32.70
O4D NAP E . 20.50 -21.95 32.74
C3D NAP E . 22.54 -22.45 33.87
O3D NAP E . 23.65 -21.69 33.37
C2D NAP E . 21.70 -21.52 34.73
O2D NAP E . 22.51 -20.47 35.28
C1D NAP E . 20.71 -20.96 33.74
N1N NAP E . 19.45 -20.56 34.38
C2N NAP E . 18.89 -21.33 35.32
C3N NAP E . 17.70 -20.92 35.91
C7N NAP E . 17.04 -21.74 36.98
O7N NAP E . 15.94 -21.26 37.56
N7N NAP E . 17.53 -22.82 37.30
C4N NAP E . 17.11 -19.74 35.52
C5N NAP E . 17.70 -18.97 34.53
C6N NAP E . 18.89 -19.42 33.98
P2B NAP E . 23.00 -34.49 36.84
O1X NAP E . 23.89 -33.54 37.61
O2X NAP E . 21.60 -34.58 37.39
O3X NAP E . 23.67 -35.79 36.47
O2 XOG F . 22.11 -17.17 35.45
C8 XOG F . 20.70 -16.95 35.37
C7 XOG F . 20.14 -16.53 36.71
C6 XOG F . 19.83 -17.45 37.63
C10 XOG F . 20.10 -18.91 37.36
C5 XOG F . 19.26 -17.04 38.96
C4 XOG F . 18.33 -15.86 38.74
C3 XOG F . 17.60 -15.52 40.01
C2 XOG F . 18.00 -14.48 40.75
C9 XOG F . 19.20 -13.68 40.35
C1 XOG F . 17.28 -14.12 42.02
O1 XOG F . 18.03 -13.07 42.65
O1 PG4 G . 28.07 -13.96 38.95
C1 PG4 G . 28.47 -14.10 37.58
C2 PG4 G . 28.55 -15.56 37.20
O2 PG4 G . 27.26 -16.16 37.30
C3 PG4 G . 27.11 -17.24 36.39
C4 PG4 G . 25.72 -17.85 36.50
O3 PG4 G . 25.51 -18.33 37.82
C5 PG4 G . 24.40 -19.23 37.88
C6 PG4 G . 24.01 -19.46 39.34
O4 PG4 G . 23.35 -18.29 39.84
C7 PG4 G . 23.04 -18.42 41.22
C8 PG4 G . 21.97 -17.41 41.61
O5 PG4 G . 22.53 -16.08 41.66
PA NAP H . -9.28 12.29 24.29
O1A NAP H . -8.19 11.64 23.48
O2A NAP H . -8.96 13.43 25.22
O5B NAP H . -10.44 12.76 23.29
C5B NAP H . -11.78 12.88 23.77
C4B NAP H . -12.72 12.94 22.57
O4B NAP H . -14.06 13.12 23.02
C3B NAP H . -12.37 14.12 21.69
O3B NAP H . -12.35 13.69 20.33
C2B NAP H . -13.52 15.09 21.89
O2B NAP H . -13.76 15.79 20.68
C1B NAP H . -14.67 14.18 22.27
N9A NAP H . -15.68 14.89 23.09
C8A NAP H . -15.48 15.40 24.32
N7A NAP H . -16.61 15.98 24.79
C5A NAP H . -17.57 15.84 23.85
C6A NAP H . -18.99 16.22 23.70
N6A NAP H . -19.65 16.89 24.68
N1A NAP H . -19.61 15.87 22.54
C2A NAP H . -18.98 15.21 21.56
N3A NAP H . -17.68 14.83 21.63
C4A NAP H . -16.94 15.12 22.73
O3 NAP H . -10.05 11.17 25.14
PN NAP H . -9.48 9.68 25.31
O1N NAP H . -8.09 9.77 25.91
O2N NAP H . -9.70 8.92 24.04
O5D NAP H . -10.48 9.11 26.43
C5D NAP H . -11.20 7.90 26.23
C4D NAP H . -11.23 7.13 27.54
O4D NAP H . -10.01 6.40 27.68
C3D NAP H . -11.32 8.06 28.74
O3D NAP H . -12.26 7.51 29.67
C2D NAP H . -9.95 8.03 29.37
O2D NAP H . -10.04 8.11 30.80
C1D NAP H . -9.42 6.67 28.95
N1N NAP H . -7.97 6.62 28.88
C2N NAP H . -7.25 7.63 28.38
C3N NAP H . -5.86 7.55 28.33
C7N NAP H . -5.02 8.66 27.79
O7N NAP H . -3.69 8.54 27.87
N7N NAP H . -5.56 9.62 27.29
C4N NAP H . -5.23 6.39 28.80
C5N NAP H . -5.99 5.36 29.30
C6N NAP H . -7.37 5.50 29.32
P2B NAP H . -13.65 17.40 20.77
O1X NAP H . -13.98 17.69 22.21
O2X NAP H . -12.23 17.67 20.40
O3X NAP H . -14.69 17.89 19.78
O2 XOG I . -8.65 6.07 33.45
C8 XOG I . -7.53 5.64 32.67
C7 XOG I . -6.24 6.22 33.19
C6 XOG I . -5.79 7.38 32.68
C10 XOG I . -6.59 8.11 31.65
C5 XOG I . -4.50 7.97 33.18
C4 XOG I . -3.58 6.86 33.66
C3 XOG I . -2.27 7.44 34.12
C2 XOG I . -2.06 7.67 35.43
C9 XOG I . -3.15 7.38 36.43
C1 XOG I . -0.76 8.25 35.92
O1 XOG I . -0.87 8.40 37.33
O1 PG4 J . -10.96 9.15 40.07
C1 PG4 J . -12.02 8.18 40.01
C2 PG4 J . -12.82 8.38 38.72
O2 PG4 J . -11.93 8.31 37.62
C3 PG4 J . -12.65 8.21 36.39
C4 PG4 J . -11.67 8.17 35.21
O3 PG4 J . -11.00 9.43 35.12
C5 PG4 J . -10.38 9.58 33.84
C6 PG4 J . -9.49 10.82 33.87
O4 PG4 J . -8.30 10.51 34.59
C7 PG4 J . -7.45 11.65 34.70
C8 PG4 J . -6.12 11.22 35.33
O5 PG4 J . -6.35 10.65 36.62
PA NAP K . -1.89 -1.85 -6.23
O1A NAP K . -1.68 -2.38 -7.63
O2A NAP K . -3.12 -2.25 -5.47
O5B NAP K . -0.59 -2.21 -5.36
C5B NAP K . -0.25 -1.46 -4.21
C4B NAP K . 1.08 -1.97 -3.69
O4B NAP K . 1.44 -1.24 -2.50
C3B NAP K . 0.98 -3.43 -3.29
O3B NAP K . 2.12 -4.12 -3.79
C2B NAP K . 1.04 -3.41 -1.78
O2B NAP K . 1.66 -4.60 -1.30
C1B NAP K . 1.85 -2.17 -1.50
N9A NAP K . 1.59 -1.64 -0.14
C8A NAP K . 0.42 -1.13 0.31
N7A NAP K . 0.52 -0.74 1.60
C5A NAP K . 1.79 -0.98 2.00
C6A NAP K . 2.58 -0.80 3.24
N6A NAP K . 2.02 -0.26 4.35
N1A NAP K . 3.88 -1.19 3.22
C2A NAP K . 4.45 -1.72 2.12
N3A NAP K . 3.79 -1.92 0.96
C4A NAP K . 2.48 -1.57 0.85
O3 NAP K . -1.82 -0.25 -6.27
PN NAP K . -1.63 0.57 -7.63
O1N NAP K . -2.87 0.39 -8.47
O2N NAP K . -0.27 0.28 -8.20
O5D NAP K . -1.61 2.07 -7.08
C5D NAP K . -0.50 2.93 -7.34
C4D NAP K . -1.03 4.33 -7.58
O4D NAP K . -1.46 4.41 -8.94
C3D NAP K . -2.24 4.62 -6.72
O3D NAP K . -2.11 5.94 -6.18
C2D NAP K . -3.43 4.60 -7.65
O2D NAP K . -4.38 5.61 -7.30
C1D NAP K . -2.80 4.90 -8.99
N1N NAP K . -3.54 4.30 -10.10
C2N NAP K . -4.08 3.08 -10.01
C3N NAP K . -4.77 2.56 -11.09
C7N NAP K . -5.40 1.19 -11.04
O7N NAP K . -6.14 0.80 -12.06
N7N NAP K . -5.21 0.48 -10.07
C4N NAP K . -4.89 3.29 -12.26
C5N NAP K . -4.32 4.55 -12.33
C6N NAP K . -3.63 5.02 -11.23
P2B NAP K . 0.87 -5.45 -0.19
O1X NAP K . 0.10 -4.40 0.56
O2X NAP K . 0.01 -6.37 -1.02
O3X NAP K . 1.96 -6.12 0.60
O2 XOG L . -6.15 7.97 -9.41
C8 XOG L . -6.07 7.17 -10.58
C7 XOG L . -7.41 6.62 -10.99
C6 XOG L . -7.84 5.45 -10.51
C10 XOG L . -6.99 4.69 -9.53
C5 XOG L . -9.18 4.90 -10.92
C4 XOG L . -9.64 5.65 -12.15
C3 XOG L . -10.91 5.04 -12.68
C2 XOG L . -12.08 5.64 -12.41
C9 XOG L . -12.11 6.87 -11.56
C1 XOG L . -13.38 5.10 -12.92
O1 XOG L . -14.39 6.05 -12.60
O1 PG4 M . -11.62 10.73 -4.27
C1 PG4 M . -10.83 11.92 -4.40
C2 PG4 M . -9.46 11.69 -3.78
O2 PG4 M . -8.77 10.68 -4.51
C3 PG4 M . -7.42 10.52 -4.09
C4 PG4 M . -6.74 9.51 -5.00
O3 PG4 M . -7.43 8.26 -4.90
C5 PG4 M . -6.66 7.19 -5.45
C6 PG4 M . -7.42 5.88 -5.24
O4 PG4 M . -8.59 5.87 -6.06
C7 PG4 M . -9.50 4.85 -5.67
C8 PG4 M . -10.62 4.74 -6.69
O5 PG4 M . -11.28 6.01 -6.82
PA NAP N . -10.20 18.89 -51.84
O1A NAP N . -9.16 19.20 -50.78
O2A NAP N . -11.46 19.69 -51.90
O5B NAP N . -9.47 18.94 -53.26
C5B NAP N . -9.79 17.96 -54.26
C4B NAP N . -8.82 18.12 -55.42
O4B NAP N . -9.30 17.40 -56.55
C3B NAP N . -8.73 19.59 -55.82
O3B NAP N . -7.36 19.96 -55.94
C2B NAP N . -9.37 19.65 -57.19
O2B NAP N . -8.70 20.61 -57.99
C1B NAP N . -9.18 18.24 -57.71
N9A NAP N . -10.22 17.90 -58.72
C8A NAP N . -11.53 17.71 -58.48
N7A NAP N . -12.18 17.42 -59.63
C5A NAP N . -11.29 17.42 -60.62
C6A NAP N . -11.32 17.19 -62.09
N6A NAP N . -12.47 16.89 -62.73
N1A NAP N . -10.14 17.29 -62.75
C2A NAP N . -8.98 17.59 -62.13
N3A NAP N . -8.89 17.80 -60.81
C4A NAP N . -9.99 17.74 -60.01
O3 NAP N . -10.59 17.33 -51.74
PN NAP N . -10.00 16.37 -50.60
O1N NAP N . -10.62 16.77 -49.29
O2N NAP N . -8.51 16.30 -50.75
O5D NAP N . -10.62 14.96 -51.05
C5D NAP N . -9.80 13.81 -51.13
C4D NAP N . -10.56 12.63 -50.53
O4D NAP N . -10.34 12.63 -49.12
C3D NAP N . -12.06 12.80 -50.75
O3D NAP N . -12.60 11.57 -51.22
C2D NAP N . -12.63 13.09 -49.38
O2D NAP N . -13.88 12.42 -49.21
C1D NAP N . -11.60 12.52 -48.44
N1N NAP N . -11.56 13.19 -47.14
C2N NAP N . -11.61 14.53 -47.05
C3N NAP N . -11.57 15.12 -45.79
C7N NAP N . -11.63 16.62 -45.62
O7N NAP N . -11.70 17.10 -44.39
N7N NAP N . -11.61 17.34 -46.60
C4N NAP N . -11.47 14.33 -44.66
C5N NAP N . -11.41 12.96 -44.79
C6N NAP N . -11.44 12.42 -46.07
P2B NAP N . -9.58 21.84 -58.53
O1X NAP N . -10.98 21.29 -58.54
O2X NAP N . -9.35 22.90 -57.48
O3X NAP N . -9.01 22.14 -59.89
O2 XOG O . -15.24 10.56 -46.34
C8 XOG O . -14.42 11.05 -45.28
C7 XOG O . -15.19 11.95 -44.35
C6 XOG O . -15.33 13.26 -44.64
C10 XOG O . -14.76 13.80 -45.91
C5 XOG O . -16.08 14.18 -43.71
C4 XOG O . -15.98 13.65 -42.29
C3 XOG O . -16.61 14.63 -41.33
C2 XOG O . -17.83 14.39 -40.86
C9 XOG O . -18.59 13.17 -41.30
C1 XOG O . -18.49 15.35 -39.90
O1 XOG O . -19.81 14.85 -39.63
O1 PG4 P . -22.77 9.75 -47.78
C1 PG4 P . -22.30 8.40 -47.92
C2 PG4 P . -21.40 8.29 -49.13
O2 PG4 P . -20.26 9.12 -48.96
C3 PG4 P . -19.32 8.95 -50.02
C4 PG4 P . -18.05 9.74 -49.68
O3 PG4 P . -18.35 11.13 -49.67
C5 PG4 P . -17.20 11.94 -49.49
C6 PG4 P . -17.63 13.40 -49.42
O4 PG4 P . -18.21 13.65 -48.15
C7 PG4 P . -18.94 14.88 -48.13
C8 PG4 P . -19.27 15.24 -46.68
O5 PG4 P . -20.15 14.26 -46.12
#